data_9NNY
# 
_entry.id   9NNY 
# 
_audit_conform.dict_name       mmcif_pdbx.dic 
_audit_conform.dict_version    5.406 
_audit_conform.dict_location   http://mmcif.pdb.org/dictionaries/ascii/mmcif_pdbx.dic 
# 
loop_
_database_2.database_id 
_database_2.database_code 
_database_2.pdbx_database_accession 
_database_2.pdbx_DOI 
PDB   9NNY         pdb_00009nny 10.2210/pdb9nny/pdb 
WWPDB D_1000293687 ?            ?                   
# 
_pdbx_audit_revision_history.ordinal             1 
_pdbx_audit_revision_history.data_content_type   'Structure model' 
_pdbx_audit_revision_history.major_revision      1 
_pdbx_audit_revision_history.minor_revision      0 
_pdbx_audit_revision_history.revision_date       2025-09-10 
_pdbx_audit_revision_history.part_number         ? 
# 
_pdbx_audit_revision_details.ordinal             1 
_pdbx_audit_revision_details.revision_ordinal    1 
_pdbx_audit_revision_details.data_content_type   'Structure model' 
_pdbx_audit_revision_details.provider            repository 
_pdbx_audit_revision_details.type                'Initial release' 
_pdbx_audit_revision_details.description         ? 
_pdbx_audit_revision_details.details             ? 
# 
_pdbx_database_status.status_code                     REL 
_pdbx_database_status.status_code_sf                  REL 
_pdbx_database_status.status_code_mr                  ? 
_pdbx_database_status.entry_id                        9NNY 
_pdbx_database_status.recvd_initial_deposition_date   2025-03-06 
_pdbx_database_status.SG_entry                        N 
_pdbx_database_status.deposit_site                    RCSB 
_pdbx_database_status.process_site                    RCSB 
_pdbx_database_status.status_code_cs                  ? 
_pdbx_database_status.status_code_nmr_data            ? 
_pdbx_database_status.methods_development_category    ? 
_pdbx_database_status.pdb_format_compatible           Y 
# 
_pdbx_contact_author.id                 2 
_pdbx_contact_author.email              rs17@nyu.edu 
_pdbx_contact_author.name_first         Ruojie 
_pdbx_contact_author.name_last          Sha 
_pdbx_contact_author.name_mi            ? 
_pdbx_contact_author.role               'principal investigator/group leader' 
_pdbx_contact_author.identifier_ORCID   0000-0002-0807-734X 
# 
loop_
_audit_author.name 
_audit_author.pdbx_ordinal 
_audit_author.identifier_ORCID 
'Abi Rizk, J.'  1 0009-0000-0766-7631 
'Horvath, A.'   2 0009-0008-5770-8014 
'Vecchioni, S.' 3 0000-0001-8243-650X 
'Woloszyn, K.'  4 0000-0003-1200-583X 
'Ohayon, Y.P.'  5 0000-0001-7500-4282 
'Sha, R.'       6 0000-0002-0807-734X 
# 
_citation.abstract                  ? 
_citation.abstract_id_CAS           ? 
_citation.book_id_ISBN              ? 
_citation.book_publisher            ? 
_citation.book_publisher_city       ? 
_citation.book_title                ? 
_citation.coordinate_linkage        ? 
_citation.country                   ? 
_citation.database_id_Medline       ? 
_citation.details                   ? 
_citation.id                        primary 
_citation.journal_abbrev            'To Be Published' 
_citation.journal_id_ASTM           ? 
_citation.journal_id_CSD            0353 
_citation.journal_id_ISSN           ? 
_citation.journal_full              ? 
_citation.journal_issue             ? 
_citation.journal_volume            ? 
_citation.language                  ? 
_citation.page_first                ? 
_citation.page_last                 ? 
_citation.title                     'Shifted tensegrity triangles' 
_citation.year                      ? 
_citation.database_id_CSD           ? 
_citation.pdbx_database_id_DOI      ? 
_citation.pdbx_database_id_PubMed   ? 
_citation.pdbx_database_id_patent   ? 
_citation.unpublished_flag          ? 
# 
loop_
_citation_author.citation_id 
_citation_author.name 
_citation_author.ordinal 
_citation_author.identifier_ORCID 
primary 'Abi Rizk, J.'  1 0009-0000-0766-7631 
primary 'Horvath, A.'   2 0009-0008-5770-8014 
primary 'Vecchioni, S.' 3 0000-0001-8243-650X 
primary 'Woloszyn, K.'  4 0000-0003-1200-583X 
primary 'Ohayon, Y.P.'  5 0000-0001-7500-4282 
primary 'Sha, R.'       6 0000-0002-0807-734X 
# 
loop_
_entity.id 
_entity.type 
_entity.src_method 
_entity.pdbx_description 
_entity.formula_weight 
_entity.pdbx_number_of_molecules 
_entity.pdbx_ec 
_entity.pdbx_mutation 
_entity.pdbx_fragment 
_entity.details 
1 polymer syn 
;DNA (5'-D(*GP*AP*CP*AP*CP*CP*TP*GP*TP*A)-3')
;
3029.006 1 ? ? ? ? 
2 polymer syn 
;DNA (5'-D(P*AP*CP*AP*CP*CP*GP*T)-3')
;
2082.400 1 ? ? ? ? 
3 polymer syn 
;DNA (5'-D(*TP*CP*TP*GP*CP*AP*CP*TP*GP*TP*GP*GP*TP*G)-3')
;
4302.788 1 ? ? ? ? 
4 polymer syn 
;DNA (5'-D(P*CP*GP*GP*AP*CP*AP*GP*TP*GP*CP*A)-3')
;
3383.224 1 ? ? ? ? 
# 
loop_
_entity_poly.entity_id 
_entity_poly.type 
_entity_poly.nstd_linkage 
_entity_poly.nstd_monomer 
_entity_poly.pdbx_seq_one_letter_code 
_entity_poly.pdbx_seq_one_letter_code_can 
_entity_poly.pdbx_strand_id 
_entity_poly.pdbx_target_identifier 
1 polydeoxyribonucleotide no no '(DG)(DA)(DC)(DA)(DC)(DC)(DT)(DG)(DT)(DA)'                 GACACCTGTA     A ? 
2 polydeoxyribonucleotide no no '(DA)(DC)(DA)(DC)(DC)(DG)(DT)'                             ACACCGT        B ? 
3 polydeoxyribonucleotide no no '(DT)(DC)(DT)(DG)(DC)(DA)(DC)(DT)(DG)(DT)(DG)(DG)(DT)(DG)' TCTGCACTGTGGTG C ? 
4 polydeoxyribonucleotide no no '(DC)(DG)(DG)(DA)(DC)(DA)(DG)(DT)(DG)(DC)(DA)'             CGGACAGTGCA    D ? 
# 
loop_
_entity_poly_seq.entity_id 
_entity_poly_seq.num 
_entity_poly_seq.mon_id 
_entity_poly_seq.hetero 
1 1  DG n 
1 2  DA n 
1 3  DC n 
1 4  DA n 
1 5  DC n 
1 6  DC n 
1 7  DT n 
1 8  DG n 
1 9  DT n 
1 10 DA n 
2 1  DA n 
2 2  DC n 
2 3  DA n 
2 4  DC n 
2 5  DC n 
2 6  DG n 
2 7  DT n 
3 1  DT n 
3 2  DC n 
3 3  DT n 
3 4  DG n 
3 5  DC n 
3 6  DA n 
3 7  DC n 
3 8  DT n 
3 9  DG n 
3 10 DT n 
3 11 DG n 
3 12 DG n 
3 13 DT n 
3 14 DG n 
4 1  DC n 
4 2  DG n 
4 3  DG n 
4 4  DA n 
4 5  DC n 
4 6  DA n 
4 7  DG n 
4 8  DT n 
4 9  DG n 
4 10 DC n 
4 11 DA n 
# 
loop_
_pdbx_entity_src_syn.entity_id 
_pdbx_entity_src_syn.pdbx_src_id 
_pdbx_entity_src_syn.pdbx_alt_source_flag 
_pdbx_entity_src_syn.pdbx_beg_seq_num 
_pdbx_entity_src_syn.pdbx_end_seq_num 
_pdbx_entity_src_syn.organism_scientific 
_pdbx_entity_src_syn.organism_common_name 
_pdbx_entity_src_syn.ncbi_taxonomy_id 
_pdbx_entity_src_syn.details 
1 1 sample 1 10 'synthetic construct' ? 32630 ? 
2 1 sample 1 7  'synthetic construct' ? 32630 ? 
3 1 sample 1 14 'synthetic construct' ? 32630 ? 
4 1 sample 1 11 'synthetic construct' ? 32630 ? 
# 
loop_
_chem_comp.id 
_chem_comp.type 
_chem_comp.mon_nstd_flag 
_chem_comp.name 
_chem_comp.pdbx_synonyms 
_chem_comp.formula 
_chem_comp.formula_weight 
DA 'DNA linking' y "2'-DEOXYADENOSINE-5'-MONOPHOSPHATE" ? 'C10 H14 N5 O6 P' 331.222 
DC 'DNA linking' y "2'-DEOXYCYTIDINE-5'-MONOPHOSPHATE"  ? 'C9 H14 N3 O7 P'  307.197 
DG 'DNA linking' y "2'-DEOXYGUANOSINE-5'-MONOPHOSPHATE" ? 'C10 H14 N5 O7 P' 347.221 
DT 'DNA linking' y "THYMIDINE-5'-MONOPHOSPHATE"         ? 'C10 H15 N2 O8 P' 322.208 
# 
loop_
_pdbx_poly_seq_scheme.asym_id 
_pdbx_poly_seq_scheme.entity_id 
_pdbx_poly_seq_scheme.seq_id 
_pdbx_poly_seq_scheme.mon_id 
_pdbx_poly_seq_scheme.ndb_seq_num 
_pdbx_poly_seq_scheme.pdb_seq_num 
_pdbx_poly_seq_scheme.auth_seq_num 
_pdbx_poly_seq_scheme.pdb_mon_id 
_pdbx_poly_seq_scheme.auth_mon_id 
_pdbx_poly_seq_scheme.pdb_strand_id 
_pdbx_poly_seq_scheme.pdb_ins_code 
_pdbx_poly_seq_scheme.hetero 
A 1 1  DG 1  103 103 DG DG A . n 
A 1 2  DA 2  104 104 DA DA A . n 
A 1 3  DC 3  105 105 DC DC A . n 
A 1 4  DA 4  106 106 DA DA A . n 
A 1 5  DC 5  107 107 DC DC A . n 
A 1 6  DC 6  108 108 DC DC A . n 
A 1 7  DT 7  109 109 DT DT A . n 
A 1 8  DG 8  110 110 DG DG A . n 
A 1 9  DT 9  111 111 DT DT A . n 
A 1 10 DA 10 112 112 DA DA A . n 
B 2 1  DA 1  105 105 DA DA B . n 
B 2 2  DC 2  106 106 DC DC B . n 
B 2 3  DA 3  107 107 DA DA B . n 
B 2 4  DC 4  111 111 DC DC B . n 
B 2 5  DC 5  112 112 DC DC B . n 
B 2 6  DG 6  113 113 DG DG B . n 
B 2 7  DT 7  114 114 DT DT B . n 
C 3 1  DT 1  99  99  DT DT C . n 
C 3 2  DC 2  100 100 DC DC C . n 
C 3 3  DT 3  101 101 DT DT C . n 
C 3 4  DG 4  102 102 DG DG C . n 
C 3 5  DC 5  103 103 DC DC C . n 
C 3 6  DA 6  104 104 DA DA C . n 
C 3 7  DC 7  105 105 DC DC C . n 
C 3 8  DT 8  106 106 DT DT C . n 
C 3 9  DG 9  107 107 DG DG C . n 
C 3 10 DT 10 108 108 DT DT C . n 
C 3 11 DG 11 109 109 DG DG C . n 
C 3 12 DG 12 110 110 DG DG C . n 
C 3 13 DT 13 111 111 DT DT C . n 
C 3 14 DG 14 112 112 DG DG C . n 
D 4 1  DC 1  113 113 DC DC D . n 
D 4 2  DG 2  114 114 DG DG D . n 
D 4 3  DG 3  115 115 DG DG D . n 
D 4 4  DA 4  116 116 DA DA D . n 
D 4 5  DC 5  117 117 DC DC D . n 
D 4 6  DA 6  118 118 DA DA D . n 
D 4 7  DG 7  119 119 DG DG D . n 
D 4 8  DT 8  120 120 DT DT D . n 
D 4 9  DG 9  121 121 DG DG D . n 
D 4 10 DC 10 122 122 DC DC D . n 
D 4 11 DA 11 123 123 DA DA D . n 
# 
loop_
_software.citation_id 
_software.classification 
_software.compiler_name 
_software.compiler_version 
_software.contact_author 
_software.contact_author_email 
_software.date 
_software.description 
_software.dependencies 
_software.hardware 
_software.language 
_software.location 
_software.mods 
_software.name 
_software.os 
_software.os_version 
_software.type 
_software.version 
_software.pdbx_ordinal 
? refinement       ? ? ? ? ? ? ? ? ? ? ? PHENIX    ? ? ? 1.21.2_5419 1 
? 'data reduction' ? ? ? ? ? ? ? ? ? ? ? autoPROC  ? ? ? .           2 
? 'data scaling'   ? ? ? ? ? ? ? ? ? ? ? STARANISO ? ? ? .           3 
? phasing          ? ? ? ? ? ? ? ? ? ? ? PHASER    ? ? ? .           4 
# 
_cell.angle_alpha                  90.000 
_cell.angle_alpha_esd              ? 
_cell.angle_beta                   90.000 
_cell.angle_beta_esd               ? 
_cell.angle_gamma                  120.000 
_cell.angle_gamma_esd              ? 
_cell.entry_id                     9NNY 
_cell.details                      ? 
_cell.formula_units_Z              ? 
_cell.length_a                     126.120 
_cell.length_a_esd                 ? 
_cell.length_b                     126.120 
_cell.length_b_esd                 ? 
_cell.length_c                     64.570 
_cell.length_c_esd                 ? 
_cell.volume                       889465.981 
_cell.volume_esd                   ? 
_cell.Z_PDB                        6 
_cell.reciprocal_angle_alpha       ? 
_cell.reciprocal_angle_beta        ? 
_cell.reciprocal_angle_gamma       ? 
_cell.reciprocal_angle_alpha_esd   ? 
_cell.reciprocal_angle_beta_esd    ? 
_cell.reciprocal_angle_gamma_esd   ? 
_cell.reciprocal_length_a          ? 
_cell.reciprocal_length_b          ? 
_cell.reciprocal_length_c          ? 
_cell.reciprocal_length_a_esd      ? 
_cell.reciprocal_length_b_esd      ? 
_cell.reciprocal_length_c_esd      ? 
_cell.pdbx_unique_axis             ? 
_cell.pdbx_esd_method              ? 
# 
_symmetry.entry_id                         9NNY 
_symmetry.cell_setting                     ? 
_symmetry.Int_Tables_number                173 
_symmetry.space_group_name_Hall            'P 6c' 
_symmetry.space_group_name_H-M             'P 63' 
_symmetry.pdbx_full_space_group_name_H-M   ? 
# 
_exptl.absorpt_coefficient_mu     ? 
_exptl.absorpt_correction_T_max   ? 
_exptl.absorpt_correction_T_min   ? 
_exptl.absorpt_correction_type    ? 
_exptl.absorpt_process_details    ? 
_exptl.entry_id                   9NNY 
_exptl.crystals_number            1 
_exptl.details                    ? 
_exptl.method                     'X-RAY DIFFRACTION' 
_exptl.method_details             ? 
# 
_exptl_crystal.colour                       ? 
_exptl_crystal.density_diffrn               ? 
_exptl_crystal.density_Matthews             ? 
_exptl_crystal.density_method               ? 
_exptl_crystal.density_percent_sol          ? 
_exptl_crystal.description                  ? 
_exptl_crystal.F_000                        ? 
_exptl_crystal.id                           1 
_exptl_crystal.preparation                  ? 
_exptl_crystal.size_max                     ? 
_exptl_crystal.size_mid                     ? 
_exptl_crystal.size_min                     ? 
_exptl_crystal.size_rad                     ? 
_exptl_crystal.colour_lustre                ? 
_exptl_crystal.colour_modifier              ? 
_exptl_crystal.colour_primary               ? 
_exptl_crystal.density_meas                 ? 
_exptl_crystal.density_meas_esd             ? 
_exptl_crystal.density_meas_gt              ? 
_exptl_crystal.density_meas_lt              ? 
_exptl_crystal.density_meas_temp            ? 
_exptl_crystal.density_meas_temp_esd        ? 
_exptl_crystal.density_meas_temp_gt         ? 
_exptl_crystal.density_meas_temp_lt         ? 
_exptl_crystal.pdbx_crystal_image_url       ? 
_exptl_crystal.pdbx_crystal_image_format    ? 
_exptl_crystal.pdbx_mosaicity               ? 
_exptl_crystal.pdbx_mosaicity_esd           ? 
_exptl_crystal.pdbx_mosaic_method           ? 
_exptl_crystal.pdbx_mosaic_block_size       ? 
_exptl_crystal.pdbx_mosaic_block_size_esd   ? 
# 
_exptl_crystal_grow.apparatus       ? 
_exptl_crystal_grow.atmosphere      ? 
_exptl_crystal_grow.crystal_id      1 
_exptl_crystal_grow.details         ? 
_exptl_crystal_grow.method          'VAPOR DIFFUSION, HANGING DROP' 
_exptl_crystal_grow.method_ref      ? 
_exptl_crystal_grow.pH              ? 
_exptl_crystal_grow.pressure        ? 
_exptl_crystal_grow.pressure_esd    ? 
_exptl_crystal_grow.seeding         ? 
_exptl_crystal_grow.seeding_ref     ? 
_exptl_crystal_grow.temp_details    '338-293 at 0.4/hr' 
_exptl_crystal_grow.temp_esd        ? 
_exptl_crystal_grow.time            ? 
_exptl_crystal_grow.pdbx_details    '100 mM MOPS, 1.25 M magnesium sulfate' 
_exptl_crystal_grow.pdbx_pH_range   ? 
_exptl_crystal_grow.temp            293 
# 
_diffrn.ambient_environment              ? 
_diffrn.ambient_temp                     100 
_diffrn.ambient_temp_details             ? 
_diffrn.ambient_temp_esd                 ? 
_diffrn.crystal_id                       1 
_diffrn.crystal_support                  ? 
_diffrn.crystal_treatment                ? 
_diffrn.details                          ? 
_diffrn.id                               1 
_diffrn.ambient_pressure                 ? 
_diffrn.ambient_pressure_esd             ? 
_diffrn.ambient_pressure_gt              ? 
_diffrn.ambient_pressure_lt              ? 
_diffrn.ambient_temp_gt                  ? 
_diffrn.ambient_temp_lt                  ? 
_diffrn.pdbx_serial_crystal_experiment   N 
# 
_diffrn_detector.details                      ? 
_diffrn_detector.detector                     PIXEL 
_diffrn_detector.diffrn_id                    1 
_diffrn_detector.type                         'DECTRIS EIGER X 9M' 
_diffrn_detector.area_resol_mean              ? 
_diffrn_detector.dtime                        ? 
_diffrn_detector.pdbx_frames_total            ? 
_diffrn_detector.pdbx_collection_time_total   ? 
_diffrn_detector.pdbx_collection_date         2022-10-16 
_diffrn_detector.pdbx_frequency               ? 
_diffrn_detector.id                           ? 
_diffrn_detector.number_of_axes               ? 
# 
_diffrn_radiation.collimation                      ? 
_diffrn_radiation.diffrn_id                        1 
_diffrn_radiation.filter_edge                      ? 
_diffrn_radiation.inhomogeneity                    ? 
_diffrn_radiation.monochromator                    ? 
_diffrn_radiation.polarisn_norm                    ? 
_diffrn_radiation.polarisn_ratio                   ? 
_diffrn_radiation.probe                            ? 
_diffrn_radiation.type                             ? 
_diffrn_radiation.xray_symbol                      ? 
_diffrn_radiation.wavelength_id                    1 
_diffrn_radiation.pdbx_monochromatic_or_laue_m_l   M 
_diffrn_radiation.pdbx_wavelength_list             ? 
_diffrn_radiation.pdbx_wavelength                  ? 
_diffrn_radiation.pdbx_diffrn_protocol             'SINGLE WAVELENGTH' 
_diffrn_radiation.pdbx_analyzer                    ? 
_diffrn_radiation.pdbx_scattering_type             x-ray 
# 
_diffrn_radiation_wavelength.id           1 
_diffrn_radiation_wavelength.wavelength   1.00001 
_diffrn_radiation_wavelength.wt           1.0 
# 
_diffrn_source.current                     ? 
_diffrn_source.details                     ? 
_diffrn_source.diffrn_id                   1 
_diffrn_source.power                       ? 
_diffrn_source.size                        ? 
_diffrn_source.source                      SYNCHROTRON 
_diffrn_source.target                      ? 
_diffrn_source.type                        'APS BEAMLINE 17-ID' 
_diffrn_source.voltage                     ? 
_diffrn_source.take-off_angle              ? 
_diffrn_source.pdbx_wavelength_list        1.00001 
_diffrn_source.pdbx_wavelength             ? 
_diffrn_source.pdbx_synchrotron_beamline   17-ID 
_diffrn_source.pdbx_synchrotron_site       APS 
# 
_reflns.B_iso_Wilson_estimate                          268.47 
_reflns.entry_id                                       9NNY 
_reflns.data_reduction_details                         ? 
_reflns.data_reduction_method                          ? 
_reflns.d_resolution_high                              4.44 
_reflns.d_resolution_low                               63.06 
_reflns.details                                        ? 
_reflns.limit_h_max                                    ? 
_reflns.limit_h_min                                    ? 
_reflns.limit_k_max                                    ? 
_reflns.limit_k_min                                    ? 
_reflns.limit_l_max                                    ? 
_reflns.limit_l_min                                    ? 
_reflns.number_all                                     ? 
_reflns.number_obs                                     2831 
_reflns.observed_criterion                             ? 
_reflns.observed_criterion_F_max                       ? 
_reflns.observed_criterion_F_min                       ? 
_reflns.observed_criterion_I_max                       ? 
_reflns.observed_criterion_I_min                       ? 
_reflns.observed_criterion_sigma_F                     ? 
_reflns.observed_criterion_sigma_I                     ? 
_reflns.percent_possible_obs                           89.5 
_reflns.R_free_details                                 ? 
_reflns.Rmerge_F_all                                   ? 
_reflns.Rmerge_F_obs                                   ? 
_reflns.Friedel_coverage                               ? 
_reflns.number_gt                                      ? 
_reflns.threshold_expression                           ? 
_reflns.pdbx_redundancy                                17.3 
_reflns.pdbx_netI_over_av_sigmaI                       ? 
_reflns.pdbx_netI_over_sigmaI                          8.5 
_reflns.pdbx_res_netI_over_av_sigmaI_2                 ? 
_reflns.pdbx_res_netI_over_sigmaI_2                    ? 
_reflns.pdbx_chi_squared                               ? 
_reflns.pdbx_scaling_rejects                           ? 
_reflns.pdbx_d_res_high_opt                            ? 
_reflns.pdbx_d_res_low_opt                             ? 
_reflns.pdbx_d_res_opt_method                          ? 
_reflns.phase_calculation_details                      ? 
_reflns.pdbx_Rrim_I_all                                ? 
_reflns.pdbx_Rpim_I_all                                ? 
_reflns.pdbx_d_opt                                     ? 
_reflns.pdbx_number_measured_all                       ? 
_reflns.pdbx_diffrn_id                                 1 
_reflns.pdbx_ordinal                                   1 
_reflns.pdbx_CC_half                                   .999 
_reflns.pdbx_CC_star                                   ? 
_reflns.pdbx_R_split                                   ? 
_reflns.pdbx_Rmerge_I_obs                              ? 
_reflns.pdbx_Rmerge_I_all                              ? 
_reflns.pdbx_Rsym_value                                ? 
_reflns.pdbx_CC_split_method                           ? 
_reflns.pdbx_aniso_diffraction_limit_axis_1_ortho[1]   ? 
_reflns.pdbx_aniso_diffraction_limit_axis_1_ortho[2]   ? 
_reflns.pdbx_aniso_diffraction_limit_axis_1_ortho[3]   ? 
_reflns.pdbx_aniso_diffraction_limit_axis_2_ortho[1]   ? 
_reflns.pdbx_aniso_diffraction_limit_axis_2_ortho[2]   ? 
_reflns.pdbx_aniso_diffraction_limit_axis_2_ortho[3]   ? 
_reflns.pdbx_aniso_diffraction_limit_axis_3_ortho[1]   ? 
_reflns.pdbx_aniso_diffraction_limit_axis_3_ortho[2]   ? 
_reflns.pdbx_aniso_diffraction_limit_axis_3_ortho[3]   ? 
_reflns.pdbx_aniso_diffraction_limit_1                 ? 
_reflns.pdbx_aniso_diffraction_limit_2                 ? 
_reflns.pdbx_aniso_diffraction_limit_3                 ? 
_reflns.pdbx_aniso_B_tensor_eigenvector_1_ortho[1]     ? 
_reflns.pdbx_aniso_B_tensor_eigenvector_1_ortho[2]     ? 
_reflns.pdbx_aniso_B_tensor_eigenvector_1_ortho[3]     ? 
_reflns.pdbx_aniso_B_tensor_eigenvector_2_ortho[1]     ? 
_reflns.pdbx_aniso_B_tensor_eigenvector_2_ortho[2]     ? 
_reflns.pdbx_aniso_B_tensor_eigenvector_2_ortho[3]     ? 
_reflns.pdbx_aniso_B_tensor_eigenvector_3_ortho[1]     ? 
_reflns.pdbx_aniso_B_tensor_eigenvector_3_ortho[2]     ? 
_reflns.pdbx_aniso_B_tensor_eigenvector_3_ortho[3]     ? 
_reflns.pdbx_aniso_B_tensor_eigenvalue_1               ? 
_reflns.pdbx_aniso_B_tensor_eigenvalue_2               ? 
_reflns.pdbx_aniso_B_tensor_eigenvalue_3               ? 
_reflns.pdbx_orthogonalization_convention              ? 
_reflns.pdbx_percent_possible_ellipsoidal              ? 
_reflns.pdbx_percent_possible_spherical                ? 
_reflns.pdbx_percent_possible_ellipsoidal_anomalous    ? 
_reflns.pdbx_percent_possible_spherical_anomalous      ? 
_reflns.pdbx_redundancy_anomalous                      ? 
_reflns.pdbx_CC_half_anomalous                         ? 
_reflns.pdbx_absDiff_over_sigma_anomalous              ? 
_reflns.pdbx_percent_possible_anomalous                ? 
_reflns.pdbx_observed_signal_threshold                 ? 
_reflns.pdbx_signal_type                               ? 
_reflns.pdbx_signal_details                            ? 
_reflns.pdbx_signal_software_id                        ? 
# 
loop_
_reflns_shell.d_res_high 
_reflns_shell.d_res_low 
_reflns_shell.meanI_over_sigI_all 
_reflns_shell.meanI_over_sigI_obs 
_reflns_shell.number_measured_all 
_reflns_shell.number_measured_obs 
_reflns_shell.number_possible 
_reflns_shell.number_unique_all 
_reflns_shell.number_unique_obs 
_reflns_shell.percent_possible_obs 
_reflns_shell.Rmerge_F_all 
_reflns_shell.Rmerge_F_obs 
_reflns_shell.meanI_over_sigI_gt 
_reflns_shell.meanI_over_uI_all 
_reflns_shell.meanI_over_uI_gt 
_reflns_shell.number_measured_gt 
_reflns_shell.number_unique_gt 
_reflns_shell.percent_possible_gt 
_reflns_shell.Rmerge_F_gt 
_reflns_shell.Rmerge_I_gt 
_reflns_shell.pdbx_redundancy 
_reflns_shell.pdbx_chi_squared 
_reflns_shell.pdbx_netI_over_sigmaI_all 
_reflns_shell.pdbx_netI_over_sigmaI_obs 
_reflns_shell.pdbx_Rrim_I_all 
_reflns_shell.pdbx_Rpim_I_all 
_reflns_shell.pdbx_rejects 
_reflns_shell.pdbx_ordinal 
_reflns_shell.pdbx_diffrn_id 
_reflns_shell.pdbx_CC_half 
_reflns_shell.pdbx_CC_star 
_reflns_shell.pdbx_R_split 
_reflns_shell.percent_possible_all 
_reflns_shell.Rmerge_I_all 
_reflns_shell.Rmerge_I_obs 
_reflns_shell.pdbx_Rsym_value 
_reflns_shell.pdbx_percent_possible_ellipsoidal 
_reflns_shell.pdbx_percent_possible_spherical 
_reflns_shell.pdbx_percent_possible_ellipsoidal_anomalous 
_reflns_shell.pdbx_percent_possible_spherical_anomalous 
_reflns_shell.pdbx_redundancy_anomalous 
_reflns_shell.pdbx_CC_half_anomalous 
_reflns_shell.pdbx_absDiff_over_sigma_anomalous 
_reflns_shell.pdbx_percent_possible_anomalous 
4.44   4.838 ? ? ? ? ? ? 203 ? ? ? ? ? ? ? ? ? ? ? ? ? ? ? ? ? ? 1 1 .472 ? ? ? ? ? ? ? ? ? ? ? ? ? ? 
12.007 63.06 ? ? ? ? ? ? 203 ? ? ? ? ? ? ? ? ? ? ? ? ? ? ? ? ? ? 2 1 .999 ? ? ? ? ? ? ? ? ? ? ? ? ? ? 
# 
_refine.aniso_B[1][1]                            ? 
_refine.aniso_B[1][2]                            ? 
_refine.aniso_B[1][3]                            ? 
_refine.aniso_B[2][2]                            ? 
_refine.aniso_B[2][3]                            ? 
_refine.aniso_B[3][3]                            ? 
_refine.B_iso_max                                ? 
_refine.B_iso_mean                               294.03 
_refine.B_iso_min                                ? 
_refine.correlation_coeff_Fo_to_Fc               ? 
_refine.correlation_coeff_Fo_to_Fc_free          ? 
_refine.details                                  ? 
_refine.diff_density_max                         ? 
_refine.diff_density_max_esd                     ? 
_refine.diff_density_min                         ? 
_refine.diff_density_min_esd                     ? 
_refine.diff_density_rms                         ? 
_refine.diff_density_rms_esd                     ? 
_refine.entry_id                                 9NNY 
_refine.pdbx_refine_id                           'X-RAY DIFFRACTION' 
_refine.ls_abs_structure_details                 ? 
_refine.ls_abs_structure_Flack                   ? 
_refine.ls_abs_structure_Flack_esd               ? 
_refine.ls_abs_structure_Rogers                  ? 
_refine.ls_abs_structure_Rogers_esd              ? 
_refine.ls_d_res_high                            4.44 
_refine.ls_d_res_low                             36.41 
_refine.ls_extinction_coef                       ? 
_refine.ls_extinction_coef_esd                   ? 
_refine.ls_extinction_expression                 ? 
_refine.ls_extinction_method                     ? 
_refine.ls_goodness_of_fit_all                   ? 
_refine.ls_goodness_of_fit_all_esd               ? 
_refine.ls_goodness_of_fit_obs                   ? 
_refine.ls_goodness_of_fit_obs_esd               ? 
_refine.ls_hydrogen_treatment                    ? 
_refine.ls_matrix_type                           ? 
_refine.ls_number_constraints                    ? 
_refine.ls_number_parameters                     ? 
_refine.ls_number_reflns_all                     ? 
_refine.ls_number_reflns_obs                     2816 
_refine.ls_number_reflns_R_free                  142 
_refine.ls_number_reflns_R_work                  2674 
_refine.ls_number_restraints                     ? 
_refine.ls_percent_reflns_obs                    75.64 
_refine.ls_percent_reflns_R_free                 5.04 
_refine.ls_R_factor_all                          ? 
_refine.ls_R_factor_obs                          0.1974 
_refine.ls_R_factor_R_free                       0.2277 
_refine.ls_R_factor_R_free_error                 ? 
_refine.ls_R_factor_R_free_error_details         ? 
_refine.ls_R_factor_R_work                       0.1959 
_refine.ls_R_Fsqd_factor_obs                     ? 
_refine.ls_R_I_factor_obs                        ? 
_refine.ls_redundancy_reflns_all                 ? 
_refine.ls_redundancy_reflns_obs                 ? 
_refine.ls_restrained_S_all                      ? 
_refine.ls_restrained_S_obs                      ? 
_refine.ls_shift_over_esd_max                    ? 
_refine.ls_shift_over_esd_mean                   ? 
_refine.ls_structure_factor_coef                 ? 
_refine.ls_weighting_details                     ? 
_refine.ls_weighting_scheme                      ? 
_refine.ls_wR_factor_all                         ? 
_refine.ls_wR_factor_obs                         ? 
_refine.ls_wR_factor_R_free                      ? 
_refine.ls_wR_factor_R_work                      ? 
_refine.occupancy_max                            ? 
_refine.occupancy_min                            ? 
_refine.solvent_model_details                    'FLAT BULK SOLVENT MODEL' 
_refine.solvent_model_param_bsol                 ? 
_refine.solvent_model_param_ksol                 ? 
_refine.correlation_coeff_I_to_Fcsqd_work        ? 
_refine.correlation_coeff_I_to_Fcsqd_free        ? 
_refine.pdbx_R_complete                          ? 
_refine.ls_R_factor_gt                           ? 
_refine.ls_goodness_of_fit_gt                    ? 
_refine.ls_goodness_of_fit_ref                   ? 
_refine.ls_shift_over_su_max                     ? 
_refine.ls_shift_over_su_max_lt                  ? 
_refine.ls_shift_over_su_mean                    ? 
_refine.ls_shift_over_su_mean_lt                 ? 
_refine.pdbx_ls_sigma_I                          ? 
_refine.pdbx_ls_sigma_F                          1.33 
_refine.pdbx_ls_sigma_Fsqd                       ? 
_refine.pdbx_data_cutoff_high_absF               ? 
_refine.pdbx_data_cutoff_high_rms_absF           ? 
_refine.pdbx_data_cutoff_low_absF                ? 
_refine.pdbx_isotropic_thermal_model             ? 
_refine.pdbx_ls_cross_valid_method               'FREE R-VALUE' 
_refine.pdbx_method_to_determine_struct          'MOLECULAR REPLACEMENT' 
_refine.pdbx_starting_model                      ? 
_refine.pdbx_stereochemistry_target_values       'GeoStd + Monomer Library + CDL v1.2' 
_refine.pdbx_R_Free_selection_details            ? 
_refine.pdbx_stereochem_target_val_spec_case     ? 
_refine.pdbx_overall_ESU_R                       ? 
_refine.pdbx_overall_ESU_R_Free                  ? 
_refine.pdbx_solvent_vdw_probe_radii             1.1000 
_refine.pdbx_solvent_ion_probe_radii             ? 
_refine.pdbx_solvent_shrinkage_radii             0.9000 
_refine.pdbx_real_space_R                        ? 
_refine.pdbx_density_correlation                 ? 
_refine.pdbx_pd_number_of_powder_patterns        ? 
_refine.pdbx_pd_number_of_points                 ? 
_refine.pdbx_pd_meas_number_of_points            ? 
_refine.pdbx_pd_proc_ls_prof_R_factor            ? 
_refine.pdbx_pd_proc_ls_prof_wR_factor           ? 
_refine.pdbx_pd_Marquardt_correlation_coeff      ? 
_refine.pdbx_pd_Fsqrd_R_factor                   ? 
_refine.pdbx_pd_ls_matrix_band_width             ? 
_refine.pdbx_overall_phase_error                 33.2104 
_refine.pdbx_overall_SU_R_free_Cruickshank_DPI   ? 
_refine.pdbx_overall_SU_R_free_Blow_DPI          ? 
_refine.pdbx_overall_SU_R_Blow_DPI               ? 
_refine.pdbx_TLS_residual_ADP_flag               ? 
_refine.pdbx_diffrn_id                           1 
_refine.overall_SU_B                             ? 
_refine.overall_SU_ML                            0.3808 
_refine.overall_SU_R_Cruickshank_DPI             ? 
_refine.overall_SU_R_free                        ? 
_refine.overall_FOM_free_R_set                   ? 
_refine.overall_FOM_work_R_set                   ? 
_refine.pdbx_average_fsc_overall                 ? 
_refine.pdbx_average_fsc_work                    ? 
_refine.pdbx_average_fsc_free                    ? 
# 
_refine_hist.pdbx_refine_id                   'X-RAY DIFFRACTION' 
_refine_hist.cycle_id                         LAST 
_refine_hist.details                          ? 
_refine_hist.d_res_high                       4.44 
_refine_hist.d_res_low                        36.41 
_refine_hist.number_atoms_solvent             0 
_refine_hist.number_atoms_total               855 
_refine_hist.number_reflns_all                ? 
_refine_hist.number_reflns_obs                ? 
_refine_hist.number_reflns_R_free             ? 
_refine_hist.number_reflns_R_work             ? 
_refine_hist.R_factor_all                     ? 
_refine_hist.R_factor_obs                     ? 
_refine_hist.R_factor_R_free                  ? 
_refine_hist.R_factor_R_work                  ? 
_refine_hist.pdbx_number_residues_total       ? 
_refine_hist.pdbx_B_iso_mean_ligand           ? 
_refine_hist.pdbx_B_iso_mean_solvent          ? 
_refine_hist.pdbx_number_atoms_protein        0 
_refine_hist.pdbx_number_atoms_nucleic_acid   855 
_refine_hist.pdbx_number_atoms_ligand         0 
_refine_hist.pdbx_number_atoms_lipid          ? 
_refine_hist.pdbx_number_atoms_carb           ? 
_refine_hist.pdbx_pseudo_atom_details         ? 
# 
loop_
_refine_ls_restr.pdbx_refine_id 
_refine_ls_restr.criterion 
_refine_ls_restr.dev_ideal 
_refine_ls_restr.dev_ideal_target 
_refine_ls_restr.number 
_refine_ls_restr.rejects 
_refine_ls_restr.type 
_refine_ls_restr.weight 
_refine_ls_restr.pdbx_restraint_function 
'X-RAY DIFFRACTION' ? 0.0070  ? 956  ? f_bond_d           ? ? 
'X-RAY DIFFRACTION' ? 0.8739  ? 1467 ? f_angle_d          ? ? 
'X-RAY DIFFRACTION' ? 0.0479  ? 166  ? f_chiral_restr     ? ? 
'X-RAY DIFFRACTION' ? 0.0049  ? 42   ? f_plane_restr      ? ? 
'X-RAY DIFFRACTION' ? 37.8184 ? 442  ? f_dihedral_angle_d ? ? 
# 
_refine_ls_shell.pdbx_refine_id                      'X-RAY DIFFRACTION' 
_refine_ls_shell.d_res_high                          4.44 
_refine_ls_shell.d_res_low                           36.41 
_refine_ls_shell.number_reflns_all                   ? 
_refine_ls_shell.number_reflns_obs                   ? 
_refine_ls_shell.number_reflns_R_free                142 
_refine_ls_shell.number_reflns_R_work                2674 
_refine_ls_shell.percent_reflns_obs                  75.64 
_refine_ls_shell.percent_reflns_R_free               ? 
_refine_ls_shell.R_factor_all                        ? 
_refine_ls_shell.R_factor_obs                        ? 
_refine_ls_shell.R_factor_R_free_error               ? 
_refine_ls_shell.R_factor_R_work                     0.1959 
_refine_ls_shell.redundancy_reflns_all               ? 
_refine_ls_shell.redundancy_reflns_obs               ? 
_refine_ls_shell.wR_factor_all                       ? 
_refine_ls_shell.wR_factor_obs                       ? 
_refine_ls_shell.wR_factor_R_free                    ? 
_refine_ls_shell.wR_factor_R_work                    ? 
_refine_ls_shell.pdbx_R_complete                     ? 
_refine_ls_shell.correlation_coeff_Fo_to_Fc          ? 
_refine_ls_shell.correlation_coeff_Fo_to_Fc_free     ? 
_refine_ls_shell.correlation_coeff_I_to_Fcsqd_work   ? 
_refine_ls_shell.correlation_coeff_I_to_Fcsqd_free   ? 
_refine_ls_shell.pdbx_total_number_of_bins_used      ? 
_refine_ls_shell.pdbx_phase_error                    ? 
_refine_ls_shell.pdbx_fsc_work                       ? 
_refine_ls_shell.pdbx_fsc_free                       ? 
_refine_ls_shell.R_factor_R_free                     0.2277 
# 
_struct.entry_id                     9NNY 
_struct.title                        
;[4,7,8-2] Shifted tensegrity triangle with an (arm,center,arm) distribution of (4,7,8) base pairs and 2 nt sticky ends, with hexagonal symmetry
;
_struct.pdbx_model_details           ? 
_struct.pdbx_formula_weight          ? 
_struct.pdbx_formula_weight_method   ? 
_struct.pdbx_model_type_details      ? 
_struct.pdbx_CASP_flag               N 
# 
_struct_keywords.entry_id        9NNY 
_struct_keywords.text            'Tensegrity Triangle, DNA' 
_struct_keywords.pdbx_keywords   DNA 
# 
loop_
_struct_asym.id 
_struct_asym.pdbx_blank_PDB_chainid_flag 
_struct_asym.pdbx_modified 
_struct_asym.entity_id 
_struct_asym.details 
A N N 1 ? 
B N N 2 ? 
C N N 3 ? 
D N N 4 ? 
# 
loop_
_struct_ref.id 
_struct_ref.db_name 
_struct_ref.db_code 
_struct_ref.pdbx_db_accession 
_struct_ref.pdbx_db_isoform 
_struct_ref.entity_id 
_struct_ref.pdbx_seq_one_letter_code 
_struct_ref.pdbx_align_begin 
1 PDB 9NNY 9NNY ? 1 ? 1 
2 PDB 9NNY 9NNY ? 2 ? 1 
3 PDB 9NNY 9NNY ? 3 ? 1 
4 PDB 9NNY 9NNY ? 4 ? 1 
# 
loop_
_struct_ref_seq.align_id 
_struct_ref_seq.ref_id 
_struct_ref_seq.pdbx_PDB_id_code 
_struct_ref_seq.pdbx_strand_id 
_struct_ref_seq.seq_align_beg 
_struct_ref_seq.pdbx_seq_align_beg_ins_code 
_struct_ref_seq.seq_align_end 
_struct_ref_seq.pdbx_seq_align_end_ins_code 
_struct_ref_seq.pdbx_db_accession 
_struct_ref_seq.db_align_beg 
_struct_ref_seq.pdbx_db_align_beg_ins_code 
_struct_ref_seq.db_align_end 
_struct_ref_seq.pdbx_db_align_end_ins_code 
_struct_ref_seq.pdbx_auth_seq_align_beg 
_struct_ref_seq.pdbx_auth_seq_align_end 
1 1 9NNY A 1 ? 10 ? 9NNY 103 ? 112 ? 103 112 
2 2 9NNY B 1 ? 7  ? 9NNY 105 ? 114 ? 105 114 
3 3 9NNY C 1 ? 14 ? 9NNY 99  ? 112 ? 99  112 
4 4 9NNY D 1 ? 11 ? 9NNY 113 ? 123 ? 113 123 
# 
_pdbx_struct_assembly.id                   1 
_pdbx_struct_assembly.details              author_defined_assembly 
_pdbx_struct_assembly.method_details       ? 
_pdbx_struct_assembly.oligomeric_details   dodecameric 
_pdbx_struct_assembly.oligomeric_count     12 
# 
loop_
_pdbx_struct_assembly_gen.assembly_id 
_pdbx_struct_assembly_gen.oper_expression 
_pdbx_struct_assembly_gen.asym_id_list 
1 1 A,B,C,D 
1 2 A,B,C,D 
1 3 A,B,C,D 
# 
_pdbx_struct_assembly_auth_evidence.id                     1 
_pdbx_struct_assembly_auth_evidence.assembly_id            1 
_pdbx_struct_assembly_auth_evidence.experimental_support   'native gel electrophoresis' 
_pdbx_struct_assembly_auth_evidence.details                ? 
# 
loop_
_pdbx_struct_oper_list.id 
_pdbx_struct_oper_list.type 
_pdbx_struct_oper_list.name 
_pdbx_struct_oper_list.symmetry_operation 
_pdbx_struct_oper_list.matrix[1][1] 
_pdbx_struct_oper_list.matrix[1][2] 
_pdbx_struct_oper_list.matrix[1][3] 
_pdbx_struct_oper_list.vector[1] 
_pdbx_struct_oper_list.matrix[2][1] 
_pdbx_struct_oper_list.matrix[2][2] 
_pdbx_struct_oper_list.matrix[2][3] 
_pdbx_struct_oper_list.vector[2] 
_pdbx_struct_oper_list.matrix[3][1] 
_pdbx_struct_oper_list.matrix[3][2] 
_pdbx_struct_oper_list.matrix[3][3] 
_pdbx_struct_oper_list.vector[3] 
1 'identity operation'         1_555 x,y,z       1.0000000000 0.0000000000  0.0000000000 0.0000000000   0.0000000000  1.0000000000  0.0000000000  0.0000000000  0.0000000000 0.0000000000  1.0000000000 0.0000000000  
2 'crystal symmetry operation' 2_545 -y,x-y-1,z  0.1411954845 0.6705361284  0.7283166452 -26.8695519442 -0.6397578582 -0.4996306501 0.5840197740  11.1506088177 0.7554956771 -0.5484072520 0.3584351656 22.9908282822 
3 'crystal symmetry operation' 3_655 -x+y+1,-x,z 0.1411954845 -0.6397578582 0.7554956771 -6.4419223600  0.6705361284  -0.4996306501 -0.5484072520 36.1965282249 0.7283166452 0.5840197740  0.3584351656 4.8166445468 
# 
loop_
_struct_conn.id 
_struct_conn.conn_type_id 
_struct_conn.pdbx_leaving_atom_flag 
_struct_conn.pdbx_PDB_id 
_struct_conn.ptnr1_label_asym_id 
_struct_conn.ptnr1_label_comp_id 
_struct_conn.ptnr1_label_seq_id 
_struct_conn.ptnr1_label_atom_id 
_struct_conn.pdbx_ptnr1_label_alt_id 
_struct_conn.pdbx_ptnr1_PDB_ins_code 
_struct_conn.pdbx_ptnr1_standard_comp_id 
_struct_conn.ptnr1_symmetry 
_struct_conn.ptnr2_label_asym_id 
_struct_conn.ptnr2_label_comp_id 
_struct_conn.ptnr2_label_seq_id 
_struct_conn.ptnr2_label_atom_id 
_struct_conn.pdbx_ptnr2_label_alt_id 
_struct_conn.pdbx_ptnr2_PDB_ins_code 
_struct_conn.ptnr1_auth_asym_id 
_struct_conn.ptnr1_auth_comp_id 
_struct_conn.ptnr1_auth_seq_id 
_struct_conn.ptnr2_auth_asym_id 
_struct_conn.ptnr2_auth_comp_id 
_struct_conn.ptnr2_auth_seq_id 
_struct_conn.ptnr2_symmetry 
_struct_conn.pdbx_ptnr3_label_atom_id 
_struct_conn.pdbx_ptnr3_label_seq_id 
_struct_conn.pdbx_ptnr3_label_comp_id 
_struct_conn.pdbx_ptnr3_label_asym_id 
_struct_conn.pdbx_ptnr3_label_alt_id 
_struct_conn.pdbx_ptnr3_PDB_ins_code 
_struct_conn.details 
_struct_conn.pdbx_dist_value 
_struct_conn.pdbx_value_order 
_struct_conn.pdbx_role 
hydrog1  hydrog ? ? A DA 2  N1 ? ? ? 1_555 C DG 14 N2 ? ? A DA 104 C DG 112 1_555 ? ? ? ? ? ? 'DA-DG MISPAIR' ? ? ? 
hydrog2  hydrog ? ? A DC 3  N3 ? ? ? 1_555 C DG 14 N1 ? ? A DC 105 C DG 112 1_555 ? ? ? ? ? ? WATSON-CRICK    ? ? ? 
hydrog3  hydrog ? ? A DC 3  N4 ? ? ? 1_555 C DG 14 O6 ? ? A DC 105 C DG 112 1_555 ? ? ? ? ? ? WATSON-CRICK    ? ? ? 
hydrog4  hydrog ? ? A DC 3  O2 ? ? ? 1_555 C DG 14 N2 ? ? A DC 105 C DG 112 1_555 ? ? ? ? ? ? WATSON-CRICK    ? ? ? 
hydrog5  hydrog ? ? A DA 4  N1 ? ? ? 1_555 C DT 13 N3 ? ? A DA 106 C DT 111 1_555 ? ? ? ? ? ? WATSON-CRICK    ? ? ? 
hydrog6  hydrog ? ? A DA 4  N6 ? ? ? 1_555 C DT 13 O4 ? ? A DA 106 C DT 111 1_555 ? ? ? ? ? ? WATSON-CRICK    ? ? ? 
hydrog7  hydrog ? ? A DC 5  N3 ? ? ? 1_555 C DG 12 N1 ? ? A DC 107 C DG 110 1_555 ? ? ? ? ? ? WATSON-CRICK    ? ? ? 
hydrog8  hydrog ? ? A DC 5  N4 ? ? ? 1_555 C DG 12 O6 ? ? A DC 107 C DG 110 1_555 ? ? ? ? ? ? WATSON-CRICK    ? ? ? 
hydrog9  hydrog ? ? A DC 5  O2 ? ? ? 1_555 C DG 12 N2 ? ? A DC 107 C DG 110 1_555 ? ? ? ? ? ? WATSON-CRICK    ? ? ? 
hydrog10 hydrog ? ? A DC 6  N3 ? ? ? 1_555 C DG 11 N1 ? ? A DC 108 C DG 109 1_555 ? ? ? ? ? ? WATSON-CRICK    ? ? ? 
hydrog11 hydrog ? ? A DC 6  N4 ? ? ? 1_555 C DG 11 O6 ? ? A DC 108 C DG 109 1_555 ? ? ? ? ? ? WATSON-CRICK    ? ? ? 
hydrog12 hydrog ? ? A DC 6  O2 ? ? ? 1_555 C DG 11 N2 ? ? A DC 108 C DG 109 1_555 ? ? ? ? ? ? WATSON-CRICK    ? ? ? 
hydrog13 hydrog ? ? A DT 7  N3 ? ? ? 1_555 B DA 3  N1 ? ? A DT 109 B DA 107 1_555 ? ? ? ? ? ? WATSON-CRICK    ? ? ? 
hydrog14 hydrog ? ? A DT 7  O4 ? ? ? 1_555 B DA 3  N6 ? ? A DT 109 B DA 107 1_555 ? ? ? ? ? ? WATSON-CRICK    ? ? ? 
hydrog15 hydrog ? ? A DG 8  N1 ? ? ? 1_555 B DC 2  N3 ? ? A DG 110 B DC 106 1_555 ? ? ? ? ? ? WATSON-CRICK    ? ? ? 
hydrog16 hydrog ? ? A DG 8  N2 ? ? ? 1_555 B DC 2  O2 ? ? A DG 110 B DC 106 1_555 ? ? ? ? ? ? WATSON-CRICK    ? ? ? 
hydrog17 hydrog ? ? A DG 8  O6 ? ? ? 1_555 B DC 2  N4 ? ? A DG 110 B DC 106 1_555 ? ? ? ? ? ? WATSON-CRICK    ? ? ? 
hydrog18 hydrog ? ? A DT 9  N3 ? ? ? 1_555 B DA 1  N1 ? ? A DT 111 B DA 105 1_555 ? ? ? ? ? ? WATSON-CRICK    ? ? ? 
hydrog19 hydrog ? ? A DT 9  O4 ? ? ? 1_555 B DA 1  N6 ? ? A DT 111 B DA 105 1_555 ? ? ? ? ? ? WATSON-CRICK    ? ? ? 
hydrog20 hydrog ? ? B DC 4  N3 ? ? ? 1_555 D DG 3  N1 ? ? B DC 111 D DG 115 1_555 ? ? ? ? ? ? WATSON-CRICK    ? ? ? 
hydrog21 hydrog ? ? B DC 4  N4 ? ? ? 1_555 D DG 3  O6 ? ? B DC 111 D DG 115 1_555 ? ? ? ? ? ? WATSON-CRICK    ? ? ? 
hydrog22 hydrog ? ? B DC 4  O2 ? ? ? 1_555 D DG 3  N2 ? ? B DC 111 D DG 115 1_555 ? ? ? ? ? ? WATSON-CRICK    ? ? ? 
hydrog23 hydrog ? ? B DC 5  N3 ? ? ? 1_555 D DG 2  N1 ? ? B DC 112 D DG 114 1_555 ? ? ? ? ? ? WATSON-CRICK    ? ? ? 
hydrog24 hydrog ? ? B DC 5  N4 ? ? ? 1_555 D DG 2  O6 ? ? B DC 112 D DG 114 1_555 ? ? ? ? ? ? WATSON-CRICK    ? ? ? 
hydrog25 hydrog ? ? B DC 5  O2 ? ? ? 1_555 D DG 2  N2 ? ? B DC 112 D DG 114 1_555 ? ? ? ? ? ? WATSON-CRICK    ? ? ? 
hydrog26 hydrog ? ? B DG 6  N1 ? ? ? 1_555 D DC 1  N3 ? ? B DG 113 D DC 113 1_555 ? ? ? ? ? ? WATSON-CRICK    ? ? ? 
hydrog27 hydrog ? ? B DG 6  N2 ? ? ? 1_555 D DC 1  O2 ? ? B DG 113 D DC 113 1_555 ? ? ? ? ? ? WATSON-CRICK    ? ? ? 
hydrog28 hydrog ? ? B DG 6  O6 ? ? ? 1_555 D DC 1  N4 ? ? B DG 113 D DC 113 1_555 ? ? ? ? ? ? WATSON-CRICK    ? ? ? 
hydrog29 hydrog ? ? C DT 3  N3 ? ? ? 1_555 D DA 11 N1 ? ? C DT 101 D DA 123 1_555 ? ? ? ? ? ? WATSON-CRICK    ? ? ? 
hydrog30 hydrog ? ? C DT 3  O4 ? ? ? 1_555 D DA 11 N6 ? ? C DT 101 D DA 123 1_555 ? ? ? ? ? ? WATSON-CRICK    ? ? ? 
hydrog31 hydrog ? ? C DG 4  N1 ? ? ? 1_555 D DC 10 N3 ? ? C DG 102 D DC 122 1_555 ? ? ? ? ? ? WATSON-CRICK    ? ? ? 
hydrog32 hydrog ? ? C DG 4  N2 ? ? ? 1_555 D DC 10 O2 ? ? C DG 102 D DC 122 1_555 ? ? ? ? ? ? WATSON-CRICK    ? ? ? 
hydrog33 hydrog ? ? C DG 4  O6 ? ? ? 1_555 D DC 10 N4 ? ? C DG 102 D DC 122 1_555 ? ? ? ? ? ? WATSON-CRICK    ? ? ? 
hydrog34 hydrog ? ? C DC 5  N3 ? ? ? 1_555 D DG 9  N1 ? ? C DC 103 D DG 121 1_555 ? ? ? ? ? ? WATSON-CRICK    ? ? ? 
hydrog35 hydrog ? ? C DC 5  N4 ? ? ? 1_555 D DG 9  O6 ? ? C DC 103 D DG 121 1_555 ? ? ? ? ? ? WATSON-CRICK    ? ? ? 
hydrog36 hydrog ? ? C DC 5  O2 ? ? ? 1_555 D DG 9  N2 ? ? C DC 103 D DG 121 1_555 ? ? ? ? ? ? WATSON-CRICK    ? ? ? 
hydrog37 hydrog ? ? C DA 6  N1 ? ? ? 1_555 D DT 8  N3 ? ? C DA 104 D DT 120 1_555 ? ? ? ? ? ? WATSON-CRICK    ? ? ? 
hydrog38 hydrog ? ? C DA 6  N6 ? ? ? 1_555 D DT 8  O4 ? ? C DA 104 D DT 120 1_555 ? ? ? ? ? ? WATSON-CRICK    ? ? ? 
hydrog39 hydrog ? ? C DC 7  N3 ? ? ? 1_555 D DG 7  N1 ? ? C DC 105 D DG 119 1_555 ? ? ? ? ? ? WATSON-CRICK    ? ? ? 
hydrog40 hydrog ? ? C DC 7  N4 ? ? ? 1_555 D DG 7  O6 ? ? C DC 105 D DG 119 1_555 ? ? ? ? ? ? WATSON-CRICK    ? ? ? 
hydrog41 hydrog ? ? C DC 7  O2 ? ? ? 1_555 D DG 7  N2 ? ? C DC 105 D DG 119 1_555 ? ? ? ? ? ? WATSON-CRICK    ? ? ? 
hydrog42 hydrog ? ? C DT 8  N3 ? ? ? 1_555 D DA 6  N1 ? ? C DT 106 D DA 118 1_555 ? ? ? ? ? ? WATSON-CRICK    ? ? ? 
hydrog43 hydrog ? ? C DT 8  O4 ? ? ? 1_555 D DA 6  N6 ? ? C DT 106 D DA 118 1_555 ? ? ? ? ? ? WATSON-CRICK    ? ? ? 
hydrog44 hydrog ? ? C DG 9  N1 ? ? ? 1_555 D DC 5  N3 ? ? C DG 107 D DC 117 1_555 ? ? ? ? ? ? WATSON-CRICK    ? ? ? 
hydrog45 hydrog ? ? C DG 9  N2 ? ? ? 1_555 D DC 5  O2 ? ? C DG 107 D DC 117 1_555 ? ? ? ? ? ? WATSON-CRICK    ? ? ? 
hydrog46 hydrog ? ? C DG 9  O6 ? ? ? 1_555 D DC 5  N4 ? ? C DG 107 D DC 117 1_555 ? ? ? ? ? ? WATSON-CRICK    ? ? ? 
hydrog47 hydrog ? ? C DT 10 N3 ? ? ? 1_555 D DA 4  N1 ? ? C DT 108 D DA 116 1_555 ? ? ? ? ? ? WATSON-CRICK    ? ? ? 
hydrog48 hydrog ? ? C DT 10 O4 ? ? ? 1_555 D DA 4  N6 ? ? C DT 108 D DA 116 1_555 ? ? ? ? ? ? WATSON-CRICK    ? ? ? 
# 
_struct_conn_type.id          hydrog 
_struct_conn_type.criteria    ? 
_struct_conn_type.reference   ? 
# 
_pdbx_entry_details.entry_id                   9NNY 
_pdbx_entry_details.compound_details           ? 
_pdbx_entry_details.source_details             ? 
_pdbx_entry_details.nonpolymer_details         ? 
_pdbx_entry_details.sequence_details           ? 
_pdbx_entry_details.has_ligand_of_interest     ? 
_pdbx_entry_details.has_protein_modification   N 
# 
loop_
_pdbx_validate_rmsd_angle.id 
_pdbx_validate_rmsd_angle.PDB_model_num 
_pdbx_validate_rmsd_angle.auth_atom_id_1 
_pdbx_validate_rmsd_angle.auth_asym_id_1 
_pdbx_validate_rmsd_angle.auth_comp_id_1 
_pdbx_validate_rmsd_angle.auth_seq_id_1 
_pdbx_validate_rmsd_angle.PDB_ins_code_1 
_pdbx_validate_rmsd_angle.label_alt_id_1 
_pdbx_validate_rmsd_angle.auth_atom_id_2 
_pdbx_validate_rmsd_angle.auth_asym_id_2 
_pdbx_validate_rmsd_angle.auth_comp_id_2 
_pdbx_validate_rmsd_angle.auth_seq_id_2 
_pdbx_validate_rmsd_angle.PDB_ins_code_2 
_pdbx_validate_rmsd_angle.label_alt_id_2 
_pdbx_validate_rmsd_angle.auth_atom_id_3 
_pdbx_validate_rmsd_angle.auth_asym_id_3 
_pdbx_validate_rmsd_angle.auth_comp_id_3 
_pdbx_validate_rmsd_angle.auth_seq_id_3 
_pdbx_validate_rmsd_angle.PDB_ins_code_3 
_pdbx_validate_rmsd_angle.label_alt_id_3 
_pdbx_validate_rmsd_angle.angle_value 
_pdbx_validate_rmsd_angle.angle_target_value 
_pdbx_validate_rmsd_angle.angle_deviation 
_pdbx_validate_rmsd_angle.angle_standard_deviation 
_pdbx_validate_rmsd_angle.linker_flag 
1 1 "O4'" A DT 111 ? ? "C1'" A DT 111 ? ? N1 A DT 111 ? ? 110.68 108.30 2.38 0.30 N 
2 1 "O4'" C DT 106 ? ? "C1'" C DT 106 ? ? N1 C DT 106 ? ? 110.16 108.30 1.86 0.30 N 
# 
loop_
_space_group_symop.id 
_space_group_symop.operation_xyz 
1 x,y,z        
2 x-y,x,z+1/2  
3 y,-x+y,z+1/2 
4 -y,x-y,z     
5 -x+y,-x,z    
6 -x,-y,z+1/2  
# 
loop_
_pdbx_refine_tls.id 
_pdbx_refine_tls.pdbx_refine_id 
_pdbx_refine_tls.details 
_pdbx_refine_tls.method 
_pdbx_refine_tls.origin_x 
_pdbx_refine_tls.origin_y 
_pdbx_refine_tls.origin_z 
_pdbx_refine_tls.T[1][1] 
_pdbx_refine_tls.T[1][1]_esd 
_pdbx_refine_tls.T[1][2] 
_pdbx_refine_tls.T[1][2]_esd 
_pdbx_refine_tls.T[1][3] 
_pdbx_refine_tls.T[1][3]_esd 
_pdbx_refine_tls.T[2][2] 
_pdbx_refine_tls.T[2][2]_esd 
_pdbx_refine_tls.T[2][3] 
_pdbx_refine_tls.T[2][3]_esd 
_pdbx_refine_tls.T[3][3] 
_pdbx_refine_tls.T[3][3]_esd 
_pdbx_refine_tls.L[1][1] 
_pdbx_refine_tls.L[1][1]_esd 
_pdbx_refine_tls.L[1][2] 
_pdbx_refine_tls.L[1][2]_esd 
_pdbx_refine_tls.L[1][3] 
_pdbx_refine_tls.L[1][3]_esd 
_pdbx_refine_tls.L[2][2] 
_pdbx_refine_tls.L[2][2]_esd 
_pdbx_refine_tls.L[2][3] 
_pdbx_refine_tls.L[2][3]_esd 
_pdbx_refine_tls.L[3][3] 
_pdbx_refine_tls.L[3][3]_esd 
_pdbx_refine_tls.S[1][1] 
_pdbx_refine_tls.S[1][1]_esd 
_pdbx_refine_tls.S[1][2] 
_pdbx_refine_tls.S[1][2]_esd 
_pdbx_refine_tls.S[1][3] 
_pdbx_refine_tls.S[1][3]_esd 
_pdbx_refine_tls.S[2][1] 
_pdbx_refine_tls.S[2][1]_esd 
_pdbx_refine_tls.S[2][2] 
_pdbx_refine_tls.S[2][2]_esd 
_pdbx_refine_tls.S[2][3] 
_pdbx_refine_tls.S[2][3]_esd 
_pdbx_refine_tls.S[3][1] 
_pdbx_refine_tls.S[3][1]_esd 
_pdbx_refine_tls.S[3][2] 
_pdbx_refine_tls.S[3][2]_esd 
_pdbx_refine_tls.S[3][3] 
_pdbx_refine_tls.S[3][3]_esd 
1 'X-RAY DIFFRACTION' ? refined -3.2864429916 7.3008062173   -11.24303419777 3.80694476400 ? 0.220102806934  ? 0.442212003875 ? 2.39141192572 ? -0.068711802258 ? 2.56349072542 ? 6.35306006053 ? 2.42117223227   ? 1.24880445808  ? 0.84008582887 ? 3.82855180610  ? 4.41939443346 ? -8.24956185105  ? 5.9314451559    ? -3.75206658321  ? 1.6919485888   ? 5.00461948999   ? 0.6436228181    ? 3.29185308624  ? 0.68072559783  ? 4.35770488273   ? 
2 'X-RAY DIFFRACTION' ? refined -8.2843028752 4.2268527494   3.4203013979    2.00790847533 ? -0.034575526395 ? 0.063415934094 ? 2.27404899524 ? -0.083831981077 ? 2.5201329806  ? 5.54239023832 ? 2.504670775567  ? 0.541429093382 ? 5.86587348018 ? -0.08293498968 ? 10.5971054953 ? 3.705215343511  ? -1.93521415901  ? -0.797909170342 ? 1.730698967324 ? -2.376599460793 ? -2.35351475135  ? -0.712740054   ? 2.9481920486   ? 0.20695088554   ? 
3 'X-RAY DIFFRACTION' ? refined 4.3450759983  -4.57743482537 0.9545940937    2.62752684351 ? 0.345055382214  ? 1.108803530504 ? 2.31445039280 ? -0.79744345515  ? 3.45893156922 ? 9.31326591487 ? -2.68060742128  ? -0.21397689109 ? 4.77157035296 ? 1.6185770917   ? 2.91618073219 ? -2.590161848229 ? -2.199759599855 ? 1.33051969205   ? -0.05226827512 ? 1.50077219944   ? -1.982816212341 ? 0.17678605068  ? 0.801058104088 ? 0.950053533460  ? 
4 'X-RAY DIFFRACTION' ? refined 2.4822842633  -3.2935330795  6.6666742108    3.34187950673 ? -0.048183313275 ? 0.313018723526 ? 2.7240324127  ? -0.245338917636 ? 3.01832095658 ? 5.94228738747 ? -7.023672426324 ? 0.33482452432  ? 3.69185774543 ? -4.28539887620 ? 1.92673469445 ? 1.080313742346  ? -3.43649461245  ? -0.639975329115 ? 0.25834904292  ? 0.72495107223   ? -1.49428053988  ? 0.637493128639 ? 0.64631983122  ? -1.952367236292 ? 
# 
loop_
_pdbx_refine_tls_group.id 
_pdbx_refine_tls_group.pdbx_refine_id 
_pdbx_refine_tls_group.refine_tls_id 
_pdbx_refine_tls_group.beg_label_asym_id 
_pdbx_refine_tls_group.beg_label_seq_id 
_pdbx_refine_tls_group.beg_auth_asym_id 
_pdbx_refine_tls_group.beg_auth_seq_id 
_pdbx_refine_tls_group.beg_PDB_ins_code 
_pdbx_refine_tls_group.end_label_asym_id 
_pdbx_refine_tls_group.end_label_seq_id 
_pdbx_refine_tls_group.end_auth_asym_id 
_pdbx_refine_tls_group.end_auth_seq_id 
_pdbx_refine_tls_group.end_PDB_ins_code 
_pdbx_refine_tls_group.selection 
_pdbx_refine_tls_group.selection_details 
1 'X-RAY DIFFRACTION' 1 A ? A 103 ? A ? A 112 ? ? 
;chain 'A' and (resid 103 through 112 )
;
2 'X-RAY DIFFRACTION' 2 B ? B 105 ? B ? B 114 ? ? 
;chain 'B' and (resid 105 through 114 )
;
3 'X-RAY DIFFRACTION' 3 C ? C 99  ? C ? C 112 ? ? 
;chain 'C' and (resid 99 through 112 )
;
4 'X-RAY DIFFRACTION' 4 D ? D 113 ? D ? D 123 ? ? 
;chain 'D' and (resid 113 through 123 )
;
# 
loop_
_chem_comp_atom.comp_id 
_chem_comp_atom.atom_id 
_chem_comp_atom.type_symbol 
_chem_comp_atom.pdbx_aromatic_flag 
_chem_comp_atom.pdbx_stereo_config 
_chem_comp_atom.pdbx_ordinal 
DA OP3    O N N 1   
DA P      P N N 2   
DA OP1    O N N 3   
DA OP2    O N N 4   
DA "O5'"  O N N 5   
DA "C5'"  C N N 6   
DA "C4'"  C N R 7   
DA "O4'"  O N N 8   
DA "C3'"  C N S 9   
DA "O3'"  O N N 10  
DA "C2'"  C N N 11  
DA "C1'"  C N R 12  
DA N9     N Y N 13  
DA C8     C Y N 14  
DA N7     N Y N 15  
DA C5     C Y N 16  
DA C6     C Y N 17  
DA N6     N N N 18  
DA N1     N Y N 19  
DA C2     C Y N 20  
DA N3     N Y N 21  
DA C4     C Y N 22  
DA HOP3   H N N 23  
DA HOP2   H N N 24  
DA "H5'"  H N N 25  
DA "H5''" H N N 26  
DA "H4'"  H N N 27  
DA "H3'"  H N N 28  
DA "HO3'" H N N 29  
DA "H2'"  H N N 30  
DA "H2''" H N N 31  
DA "H1'"  H N N 32  
DA H8     H N N 33  
DA H61    H N N 34  
DA H62    H N N 35  
DA H2     H N N 36  
DC OP3    O N N 37  
DC P      P N N 38  
DC OP1    O N N 39  
DC OP2    O N N 40  
DC "O5'"  O N N 41  
DC "C5'"  C N N 42  
DC "C4'"  C N R 43  
DC "O4'"  O N N 44  
DC "C3'"  C N S 45  
DC "O3'"  O N N 46  
DC "C2'"  C N N 47  
DC "C1'"  C N R 48  
DC N1     N N N 49  
DC C2     C N N 50  
DC O2     O N N 51  
DC N3     N N N 52  
DC C4     C N N 53  
DC N4     N N N 54  
DC C5     C N N 55  
DC C6     C N N 56  
DC HOP3   H N N 57  
DC HOP2   H N N 58  
DC "H5'"  H N N 59  
DC "H5''" H N N 60  
DC "H4'"  H N N 61  
DC "H3'"  H N N 62  
DC "HO3'" H N N 63  
DC "H2'"  H N N 64  
DC "H2''" H N N 65  
DC "H1'"  H N N 66  
DC H41    H N N 67  
DC H42    H N N 68  
DC H5     H N N 69  
DC H6     H N N 70  
DG OP3    O N N 71  
DG P      P N N 72  
DG OP1    O N N 73  
DG OP2    O N N 74  
DG "O5'"  O N N 75  
DG "C5'"  C N N 76  
DG "C4'"  C N R 77  
DG "O4'"  O N N 78  
DG "C3'"  C N S 79  
DG "O3'"  O N N 80  
DG "C2'"  C N N 81  
DG "C1'"  C N R 82  
DG N9     N Y N 83  
DG C8     C Y N 84  
DG N7     N Y N 85  
DG C5     C Y N 86  
DG C6     C N N 87  
DG O6     O N N 88  
DG N1     N N N 89  
DG C2     C N N 90  
DG N2     N N N 91  
DG N3     N N N 92  
DG C4     C Y N 93  
DG HOP3   H N N 94  
DG HOP2   H N N 95  
DG "H5'"  H N N 96  
DG "H5''" H N N 97  
DG "H4'"  H N N 98  
DG "H3'"  H N N 99  
DG "HO3'" H N N 100 
DG "H2'"  H N N 101 
DG "H2''" H N N 102 
DG "H1'"  H N N 103 
DG H8     H N N 104 
DG H1     H N N 105 
DG H21    H N N 106 
DG H22    H N N 107 
DT OP3    O N N 108 
DT P      P N N 109 
DT OP1    O N N 110 
DT OP2    O N N 111 
DT "O5'"  O N N 112 
DT "C5'"  C N N 113 
DT "C4'"  C N R 114 
DT "O4'"  O N N 115 
DT "C3'"  C N S 116 
DT "O3'"  O N N 117 
DT "C2'"  C N N 118 
DT "C1'"  C N R 119 
DT N1     N N N 120 
DT C2     C N N 121 
DT O2     O N N 122 
DT N3     N N N 123 
DT C4     C N N 124 
DT O4     O N N 125 
DT C5     C N N 126 
DT C7     C N N 127 
DT C6     C N N 128 
DT HOP3   H N N 129 
DT HOP2   H N N 130 
DT "H5'"  H N N 131 
DT "H5''" H N N 132 
DT "H4'"  H N N 133 
DT "H3'"  H N N 134 
DT "HO3'" H N N 135 
DT "H2'"  H N N 136 
DT "H2''" H N N 137 
DT "H1'"  H N N 138 
DT H3     H N N 139 
DT H71    H N N 140 
DT H72    H N N 141 
DT H73    H N N 142 
DT H6     H N N 143 
# 
loop_
_chem_comp_bond.comp_id 
_chem_comp_bond.atom_id_1 
_chem_comp_bond.atom_id_2 
_chem_comp_bond.value_order 
_chem_comp_bond.pdbx_aromatic_flag 
_chem_comp_bond.pdbx_stereo_config 
_chem_comp_bond.pdbx_ordinal 
DA OP3   P      sing N N 1   
DA OP3   HOP3   sing N N 2   
DA P     OP1    doub N N 3   
DA P     OP2    sing N N 4   
DA P     "O5'"  sing N N 5   
DA OP2   HOP2   sing N N 6   
DA "O5'" "C5'"  sing N N 7   
DA "C5'" "C4'"  sing N N 8   
DA "C5'" "H5'"  sing N N 9   
DA "C5'" "H5''" sing N N 10  
DA "C4'" "O4'"  sing N N 11  
DA "C4'" "C3'"  sing N N 12  
DA "C4'" "H4'"  sing N N 13  
DA "O4'" "C1'"  sing N N 14  
DA "C3'" "O3'"  sing N N 15  
DA "C3'" "C2'"  sing N N 16  
DA "C3'" "H3'"  sing N N 17  
DA "O3'" "HO3'" sing N N 18  
DA "C2'" "C1'"  sing N N 19  
DA "C2'" "H2'"  sing N N 20  
DA "C2'" "H2''" sing N N 21  
DA "C1'" N9     sing N N 22  
DA "C1'" "H1'"  sing N N 23  
DA N9    C8     sing Y N 24  
DA N9    C4     sing Y N 25  
DA C8    N7     doub Y N 26  
DA C8    H8     sing N N 27  
DA N7    C5     sing Y N 28  
DA C5    C6     sing Y N 29  
DA C5    C4     doub Y N 30  
DA C6    N6     sing N N 31  
DA C6    N1     doub Y N 32  
DA N6    H61    sing N N 33  
DA N6    H62    sing N N 34  
DA N1    C2     sing Y N 35  
DA C2    N3     doub Y N 36  
DA C2    H2     sing N N 37  
DA N3    C4     sing Y N 38  
DC OP3   P      sing N N 39  
DC OP3   HOP3   sing N N 40  
DC P     OP1    doub N N 41  
DC P     OP2    sing N N 42  
DC P     "O5'"  sing N N 43  
DC OP2   HOP2   sing N N 44  
DC "O5'" "C5'"  sing N N 45  
DC "C5'" "C4'"  sing N N 46  
DC "C5'" "H5'"  sing N N 47  
DC "C5'" "H5''" sing N N 48  
DC "C4'" "O4'"  sing N N 49  
DC "C4'" "C3'"  sing N N 50  
DC "C4'" "H4'"  sing N N 51  
DC "O4'" "C1'"  sing N N 52  
DC "C3'" "O3'"  sing N N 53  
DC "C3'" "C2'"  sing N N 54  
DC "C3'" "H3'"  sing N N 55  
DC "O3'" "HO3'" sing N N 56  
DC "C2'" "C1'"  sing N N 57  
DC "C2'" "H2'"  sing N N 58  
DC "C2'" "H2''" sing N N 59  
DC "C1'" N1     sing N N 60  
DC "C1'" "H1'"  sing N N 61  
DC N1    C2     sing N N 62  
DC N1    C6     sing N N 63  
DC C2    O2     doub N N 64  
DC C2    N3     sing N N 65  
DC N3    C4     doub N N 66  
DC C4    N4     sing N N 67  
DC C4    C5     sing N N 68  
DC N4    H41    sing N N 69  
DC N4    H42    sing N N 70  
DC C5    C6     doub N N 71  
DC C5    H5     sing N N 72  
DC C6    H6     sing N N 73  
DG OP3   P      sing N N 74  
DG OP3   HOP3   sing N N 75  
DG P     OP1    doub N N 76  
DG P     OP2    sing N N 77  
DG P     "O5'"  sing N N 78  
DG OP2   HOP2   sing N N 79  
DG "O5'" "C5'"  sing N N 80  
DG "C5'" "C4'"  sing N N 81  
DG "C5'" "H5'"  sing N N 82  
DG "C5'" "H5''" sing N N 83  
DG "C4'" "O4'"  sing N N 84  
DG "C4'" "C3'"  sing N N 85  
DG "C4'" "H4'"  sing N N 86  
DG "O4'" "C1'"  sing N N 87  
DG "C3'" "O3'"  sing N N 88  
DG "C3'" "C2'"  sing N N 89  
DG "C3'" "H3'"  sing N N 90  
DG "O3'" "HO3'" sing N N 91  
DG "C2'" "C1'"  sing N N 92  
DG "C2'" "H2'"  sing N N 93  
DG "C2'" "H2''" sing N N 94  
DG "C1'" N9     sing N N 95  
DG "C1'" "H1'"  sing N N 96  
DG N9    C8     sing Y N 97  
DG N9    C4     sing Y N 98  
DG C8    N7     doub Y N 99  
DG C8    H8     sing N N 100 
DG N7    C5     sing Y N 101 
DG C5    C6     sing N N 102 
DG C5    C4     doub Y N 103 
DG C6    O6     doub N N 104 
DG C6    N1     sing N N 105 
DG N1    C2     sing N N 106 
DG N1    H1     sing N N 107 
DG C2    N2     sing N N 108 
DG C2    N3     doub N N 109 
DG N2    H21    sing N N 110 
DG N2    H22    sing N N 111 
DG N3    C4     sing N N 112 
DT OP3   P      sing N N 113 
DT OP3   HOP3   sing N N 114 
DT P     OP1    doub N N 115 
DT P     OP2    sing N N 116 
DT P     "O5'"  sing N N 117 
DT OP2   HOP2   sing N N 118 
DT "O5'" "C5'"  sing N N 119 
DT "C5'" "C4'"  sing N N 120 
DT "C5'" "H5'"  sing N N 121 
DT "C5'" "H5''" sing N N 122 
DT "C4'" "O4'"  sing N N 123 
DT "C4'" "C3'"  sing N N 124 
DT "C4'" "H4'"  sing N N 125 
DT "O4'" "C1'"  sing N N 126 
DT "C3'" "O3'"  sing N N 127 
DT "C3'" "C2'"  sing N N 128 
DT "C3'" "H3'"  sing N N 129 
DT "O3'" "HO3'" sing N N 130 
DT "C2'" "C1'"  sing N N 131 
DT "C2'" "H2'"  sing N N 132 
DT "C2'" "H2''" sing N N 133 
DT "C1'" N1     sing N N 134 
DT "C1'" "H1'"  sing N N 135 
DT N1    C2     sing N N 136 
DT N1    C6     sing N N 137 
DT C2    O2     doub N N 138 
DT C2    N3     sing N N 139 
DT N3    C4     sing N N 140 
DT N3    H3     sing N N 141 
DT C4    O4     doub N N 142 
DT C4    C5     sing N N 143 
DT C5    C7     sing N N 144 
DT C5    C6     doub N N 145 
DT C7    H71    sing N N 146 
DT C7    H72    sing N N 147 
DT C7    H73    sing N N 148 
DT C6    H6     sing N N 149 
# 
loop_
_ndb_struct_conf_na.entry_id 
_ndb_struct_conf_na.feature 
9NNY 'double helix'        
9NNY 'a-form double helix' 
9NNY 'b-form double helix' 
# 
loop_
_ndb_struct_na_base_pair.model_number 
_ndb_struct_na_base_pair.i_label_asym_id 
_ndb_struct_na_base_pair.i_label_comp_id 
_ndb_struct_na_base_pair.i_label_seq_id 
_ndb_struct_na_base_pair.i_symmetry 
_ndb_struct_na_base_pair.j_label_asym_id 
_ndb_struct_na_base_pair.j_label_comp_id 
_ndb_struct_na_base_pair.j_label_seq_id 
_ndb_struct_na_base_pair.j_symmetry 
_ndb_struct_na_base_pair.shear 
_ndb_struct_na_base_pair.stretch 
_ndb_struct_na_base_pair.stagger 
_ndb_struct_na_base_pair.buckle 
_ndb_struct_na_base_pair.propeller 
_ndb_struct_na_base_pair.opening 
_ndb_struct_na_base_pair.pair_number 
_ndb_struct_na_base_pair.pair_name 
_ndb_struct_na_base_pair.i_auth_asym_id 
_ndb_struct_na_base_pair.i_auth_seq_id 
_ndb_struct_na_base_pair.i_PDB_ins_code 
_ndb_struct_na_base_pair.j_auth_asym_id 
_ndb_struct_na_base_pair.j_auth_seq_id 
_ndb_struct_na_base_pair.j_PDB_ins_code 
_ndb_struct_na_base_pair.hbond_type_28 
_ndb_struct_na_base_pair.hbond_type_12 
1 A DC 3  1_555 C DG 14 1_555 0.239  -0.244 0.582  11.436  -0.677  -0.122 1  A_DC105:DG112_C A 105 ? C 112 ? 19 1 
1 A DA 4  1_555 C DT 13 1_555 -0.061 -0.073 0.138  4.900   -2.889  0.180  2  A_DA106:DT111_C A 106 ? C 111 ? 20 1 
1 A DC 5  1_555 C DG 12 1_555 0.221  -0.198 0.405  4.465   -5.762  0.074  3  A_DC107:DG110_C A 107 ? C 110 ? 19 1 
1 A DC 6  1_555 C DG 11 1_555 0.183  -0.120 -0.258 4.408   -7.479  1.507  4  A_DC108:DG109_C A 108 ? C 109 ? 19 1 
1 A DT 7  1_555 B DA 3  1_555 -0.256 -0.245 0.232  -3.071  -8.958  1.342  5  A_DT109:DA107_B A 109 ? B 107 ? 20 1 
1 A DG 8  1_555 B DC 2  1_555 -0.227 -0.235 0.803  11.731  -1.177  -0.166 6  A_DG110:DC106_B A 110 ? B 106 ? 19 1 
1 A DT 9  1_555 B DA 1  1_555 -0.108 0.027  -0.181 20.844  -2.198  0.989  7  A_DT111:DA105_B A 111 ? B 105 ? 20 1 
1 C DT 3  1_555 D DA 11 1_555 -0.327 -0.154 0.542  -8.470  -12.923 -7.108 8  C_DT101:DA123_D C 101 ? D 123 ? 20 1 
1 C DG 4  1_555 D DC 10 1_555 -0.211 -0.362 -0.930 -1.869  -0.957  -0.944 9  C_DG102:DC122_D C 102 ? D 122 ? 19 1 
1 C DC 5  1_555 D DG 9  1_555 0.205  -0.240 -0.630 5.791   -1.120  -2.036 10 C_DC103:DG121_D C 103 ? D 121 ? 19 1 
1 C DA 6  1_555 D DT 8  1_555 0.264  -0.072 0.241  3.526   -1.643  -3.528 11 C_DA104:DT120_D C 104 ? D 120 ? 20 1 
1 C DC 7  1_555 D DG 7  1_555 0.201  -0.148 0.327  3.805   -5.945  2.539  12 C_DC105:DG119_D C 105 ? D 119 ? 19 1 
1 C DT 8  1_555 D DA 6  1_555 -0.174 -0.133 0.270  1.742   -10.726 2.414  13 C_DT106:DA118_D C 106 ? D 118 ? 20 1 
1 C DG 9  1_555 D DC 5  1_555 -0.248 -0.091 0.084  -11.065 -9.581  0.535  14 C_DG107:DC117_D C 107 ? D 117 ? 19 1 
1 C DT 10 1_555 D DA 4  1_555 -0.164 -0.213 -0.264 -6.097  -6.523  1.146  15 C_DT108:DA116_D C 108 ? D 116 ? 20 1 
1 B DC 4  1_555 D DG 3  1_555 0.116  -0.298 -0.544 -4.152  -7.364  0.610  16 B_DC111:DG115_D B 111 ? D 115 ? 19 1 
1 B DC 5  1_555 D DG 2  1_555 0.138  -0.115 0.086  -1.804  -7.759  0.688  17 B_DC112:DG114_D B 112 ? D 114 ? 19 1 
1 B DG 6  1_555 D DC 1  1_555 -0.110 -0.183 0.017  8.144   -14.551 0.563  18 B_DG113:DC113_D B 113 ? D 113 ? 19 1 
# 
loop_
_ndb_struct_na_base_pair_step.model_number 
_ndb_struct_na_base_pair_step.i_label_asym_id_1 
_ndb_struct_na_base_pair_step.i_label_comp_id_1 
_ndb_struct_na_base_pair_step.i_label_seq_id_1 
_ndb_struct_na_base_pair_step.i_symmetry_1 
_ndb_struct_na_base_pair_step.j_label_asym_id_1 
_ndb_struct_na_base_pair_step.j_label_comp_id_1 
_ndb_struct_na_base_pair_step.j_label_seq_id_1 
_ndb_struct_na_base_pair_step.j_symmetry_1 
_ndb_struct_na_base_pair_step.i_label_asym_id_2 
_ndb_struct_na_base_pair_step.i_label_comp_id_2 
_ndb_struct_na_base_pair_step.i_label_seq_id_2 
_ndb_struct_na_base_pair_step.i_symmetry_2 
_ndb_struct_na_base_pair_step.j_label_asym_id_2 
_ndb_struct_na_base_pair_step.j_label_comp_id_2 
_ndb_struct_na_base_pair_step.j_label_seq_id_2 
_ndb_struct_na_base_pair_step.j_symmetry_2 
_ndb_struct_na_base_pair_step.shift 
_ndb_struct_na_base_pair_step.slide 
_ndb_struct_na_base_pair_step.rise 
_ndb_struct_na_base_pair_step.tilt 
_ndb_struct_na_base_pair_step.roll 
_ndb_struct_na_base_pair_step.twist 
_ndb_struct_na_base_pair_step.x_displacement 
_ndb_struct_na_base_pair_step.y_displacement 
_ndb_struct_na_base_pair_step.helical_rise 
_ndb_struct_na_base_pair_step.inclination 
_ndb_struct_na_base_pair_step.tip 
_ndb_struct_na_base_pair_step.helical_twist 
_ndb_struct_na_base_pair_step.step_number 
_ndb_struct_na_base_pair_step.step_name 
_ndb_struct_na_base_pair_step.i_auth_asym_id_1 
_ndb_struct_na_base_pair_step.i_auth_seq_id_1 
_ndb_struct_na_base_pair_step.i_PDB_ins_code_1 
_ndb_struct_na_base_pair_step.j_auth_asym_id_1 
_ndb_struct_na_base_pair_step.j_auth_seq_id_1 
_ndb_struct_na_base_pair_step.j_PDB_ins_code_1 
_ndb_struct_na_base_pair_step.i_auth_asym_id_2 
_ndb_struct_na_base_pair_step.i_auth_seq_id_2 
_ndb_struct_na_base_pair_step.i_PDB_ins_code_2 
_ndb_struct_na_base_pair_step.j_auth_asym_id_2 
_ndb_struct_na_base_pair_step.j_auth_seq_id_2 
_ndb_struct_na_base_pair_step.j_PDB_ins_code_2 
1 A DC 3  1_555 C DG 14 1_555 A DA 4  1_555 C DT 13 1_555 -0.566 -0.709 3.235 -2.892 4.182  40.527 -1.470 0.499  3.181 6.008  
4.155   40.832 1  AA_DC105DA106:DT111DG112_CC A 105 ? C 112 ? A 106 ? C 111 ? 
1 A DA 4  1_555 C DT 13 1_555 A DC 5  1_555 C DG 12 1_555 0.209  -1.356 3.364 -4.778 -1.586 29.258 -2.302 -1.448 3.355 -3.112 
9.372   29.679 2  AA_DA106DC107:DG110DT111_CC A 106 ? C 111 ? A 107 ? C 110 ? 
1 A DC 5  1_555 C DG 12 1_555 A DC 6  1_555 C DG 11 1_555 -0.406 -0.997 3.059 1.614  -1.423 37.332 -1.379 0.833  3.074 -2.221 
-2.519  37.392 3  AA_DC107DC108:DG109DG110_CC A 107 ? C 110 ? A 108 ? C 109 ? 
1 A DC 6  1_555 C DG 11 1_555 A DT 7  1_555 B DA 3  1_555 -1.568 -1.676 3.459 -6.064 0.263  21.861 -4.369 1.528  3.731 0.678  
15.606  22.678 4  AA_DC108DT109:DA107DG109_BC A 108 ? C 109 ? A 109 ? B 107 ? 
1 A DT 7  1_555 B DA 3  1_555 A DG 8  1_555 B DC 2  1_555 0.295  -0.709 2.977 -4.752 1.101  31.039 -1.495 -1.347 2.875 2.041  
8.812   31.411 5  AA_DT109DG110:DC106DA107_BB A 109 ? B 107 ? A 110 ? B 106 ? 
1 A DG 8  1_555 B DC 2  1_555 A DT 9  1_555 B DA 1  1_555 0.016  -0.460 3.102 9.383  2.079  33.382 -1.073 1.335  2.965 3.530  
-15.928 34.700 6  AA_DG110DT111:DA105DC106_BB A 110 ? B 106 ? A 111 ? B 105 ? 
1 C DT 3  1_555 D DA 11 1_555 C DG 4  1_555 D DC 10 1_555 0.720  1.923  3.448 5.716  3.756  35.085 2.537  -0.263 3.695 6.159  
-9.372  35.725 7  CC_DT101DG102:DC122DA123_DD C 101 ? D 123 ? C 102 ? D 122 ? 
1 C DG 4  1_555 D DC 10 1_555 C DC 5  1_555 D DG 9  1_555 -0.344 -0.283 3.077 -4.464 5.848  33.819 -1.324 -0.070 3.007 9.908  
7.562   34.587 8  CC_DG102DC103:DG121DC122_DD C 102 ? D 122 ? C 103 ? D 121 ? 
1 C DC 5  1_555 D DG 9  1_555 C DA 6  1_555 D DT 8  1_555 -0.358 -0.142 3.233 -8.163 9.971  38.101 -1.340 -0.406 3.111 14.767 
12.090  40.144 9  CC_DC103DA104:DT120DG121_DD C 103 ? D 121 ? C 104 ? D 120 ? 
1 C DA 6  1_555 D DT 8  1_555 C DC 7  1_555 D DG 7  1_555 0.266  -1.301 3.166 -1.096 0.806  31.982 -2.499 -0.673 3.123 1.463  
1.989   32.010 10 CC_DA104DC105:DG119DT120_DD C 104 ? D 120 ? C 105 ? D 119 ? 
1 C DC 7  1_555 D DG 7  1_555 C DT 8  1_555 D DA 6  1_555 -0.457 -0.619 3.142 3.064  0.491  31.511 -1.222 1.376  3.076 0.902  
-5.624  31.659 11 CC_DC105DT106:DA118DG119_DD C 105 ? D 119 ? C 106 ? D 118 ? 
1 C DT 8  1_555 D DA 6  1_555 C DG 9  1_555 D DC 5  1_555 -0.771 1.088  3.459 -3.765 0.568  42.697 1.429  0.655  3.524 0.778  
5.159   42.858 12 CC_DT106DG107:DC117DA118_DD C 106 ? D 118 ? C 107 ? D 117 ? 
1 C DG 9  1_555 D DC 5  1_555 C DT 10 1_555 D DA 4  1_555 -0.420 -0.598 3.244 -1.109 4.835  26.269 -2.524 0.626  3.100 10.518 
2.413   26.725 13 CC_DG107DT108:DA116DC117_DD C 107 ? D 117 ? C 108 ? D 116 ? 
1 C DT 10 1_555 D DA 4  1_555 B DC 4  1_555 D DG 3  1_555 0.280  0.227  3.050 2.154  -3.327 32.592 0.933  -0.151 3.024 -5.902 
-3.821  32.825 14 CB_DT108DC111:DG115DA116_DD C 108 ? D 116 ? B 111 ? D 115 ? 
1 B DC 4  1_555 D DG 3  1_555 B DC 5  1_555 D DG 2  1_555 -0.507 1.532  3.749 -1.969 2.319  41.261 1.880  0.472  3.845 3.285  
2.790   41.368 15 BB_DC111DC112:DG114DG115_DD B 111 ? D 115 ? B 112 ? D 114 ? 
1 B DC 5  1_555 D DG 2  1_555 B DG 6  1_555 D DC 1  1_555 -0.504 3.483  3.100 -0.803 -3.995 44.852 4.873  0.593  2.805 -5.223 
1.050   45.028 16 BB_DC112DG113:DC113DG114_DD B 112 ? D 114 ? B 113 ? D 113 ? 
# 
loop_
_pdbx_audit_support.funding_organization 
_pdbx_audit_support.country 
_pdbx_audit_support.grant_number 
_pdbx_audit_support.ordinal 
'Office of Naval Research (ONR)'                   'United States' N000141912596 1 
'Department of Energy (DOE, United States)'        'United States' DE-SC0007991  2 
'National Science Foundation (NSF, United States)' 'United States' CCF-2106790   3 
'National Science Foundation (NSF, United States)' 'United States' GCR-2317843   4 
# 
_pdbx_initial_refinement_model.id               1 
_pdbx_initial_refinement_model.entity_id_list   ? 
_pdbx_initial_refinement_model.type             'experimental model' 
_pdbx_initial_refinement_model.source_name      PDB 
_pdbx_initial_refinement_model.accession_code   8D93 
_pdbx_initial_refinement_model.details          'Tensegrity triangle' 
# 
_space_group.name_H-M_alt     'P 63' 
_space_group.name_Hall        'P 6c' 
_space_group.IT_number        173 
_space_group.crystal_system   hexagonal 
_space_group.id               1 
# 
_atom_sites.entry_id                    9NNY 
_atom_sites.Cartn_transf_matrix[1][1]   ? 
_atom_sites.Cartn_transf_matrix[1][2]   ? 
_atom_sites.Cartn_transf_matrix[1][3]   ? 
_atom_sites.Cartn_transf_matrix[2][1]   ? 
_atom_sites.Cartn_transf_matrix[2][2]   ? 
_atom_sites.Cartn_transf_matrix[2][3]   ? 
_atom_sites.Cartn_transf_matrix[3][1]   ? 
_atom_sites.Cartn_transf_matrix[3][2]   ? 
_atom_sites.Cartn_transf_matrix[3][3]   ? 
_atom_sites.Cartn_transf_vector[1]      ? 
_atom_sites.Cartn_transf_vector[2]      ? 
_atom_sites.Cartn_transf_vector[3]      ? 
_atom_sites.Cartn_transform_axes        ? 
_atom_sites.fract_transf_matrix[1][1]   0.00673027 
_atom_sites.fract_transf_matrix[1][2]   0.00204955 
_atom_sites.fract_transf_matrix[1][3]   -0.00585918 
_atom_sites.fract_transf_matrix[2][1]   0.00478775 
_atom_sites.fract_transf_matrix[2][2]   -0.00670218 
_atom_sites.fract_transf_matrix[2][3]   -0.00399881 
_atom_sites.fract_transf_matrix[3][1]   -0.01012551 
_atom_sites.fract_transf_matrix[3][2]   -0.00024302 
_atom_sites.fract_transf_matrix[3][3]   -0.01171589 
_atom_sites.fract_transf_vector[1]      0.430023 
_atom_sites.fract_transf_vector[2]      -0.137345 
_atom_sites.fract_transf_vector[3]      -0.240428 
_atom_sites.solution_primary            ? 
_atom_sites.solution_secondary          ? 
_atom_sites.solution_hydrogens          ? 
_atom_sites.special_details             ? 
# 
loop_
_atom_type.symbol 
_atom_type.scat_dispersion_real 
_atom_type.scat_dispersion_imag 
_atom_type.scat_Cromer_Mann_a1 
_atom_type.scat_Cromer_Mann_a2 
_atom_type.scat_Cromer_Mann_a3 
_atom_type.scat_Cromer_Mann_a4 
_atom_type.scat_Cromer_Mann_b1 
_atom_type.scat_Cromer_Mann_b2 
_atom_type.scat_Cromer_Mann_b3 
_atom_type.scat_Cromer_Mann_b4 
_atom_type.scat_Cromer_Mann_c 
_atom_type.scat_source 
_atom_type.scat_dispersion_source 
C ? ? 5.96793  ? ? ? 14.89577 ? ? ? 0.0 
;1-Gaussian fit: Grosse-Kunstleve RW, Sauter NK, Adams PD: Newsletter of the IUCr Commission on Crystallographic Computing 2004, 3, 22-31.
;
? 
N ? ? 6.96715  ? ? ? 11.43723 ? ? ? 0.0 
;1-Gaussian fit: Grosse-Kunstleve RW, Sauter NK, Adams PD: Newsletter of the IUCr Commission on Crystallographic Computing 2004, 3, 22-31.
;
? 
O ? ? 7.96527  ? ? ? 9.05267  ? ? ? 0.0 
;1-Gaussian fit: Grosse-Kunstleve RW, Sauter NK, Adams PD: Newsletter of the IUCr Commission on Crystallographic Computing 2004, 3, 22-31.
;
? 
P ? ? 14.90797 ? ? ? 11.91318 ? ? ? 0.0 
;1-Gaussian fit: Grosse-Kunstleve RW, Sauter NK, Adams PD: Newsletter of the IUCr Commission on Crystallographic Computing 2004, 3, 22-31.
;
? 
# 
loop_
_atom_site.group_PDB 
_atom_site.id 
_atom_site.type_symbol 
_atom_site.label_atom_id 
_atom_site.label_alt_id 
_atom_site.label_comp_id 
_atom_site.label_asym_id 
_atom_site.label_entity_id 
_atom_site.label_seq_id 
_atom_site.pdbx_PDB_ins_code 
_atom_site.Cartn_x 
_atom_site.Cartn_y 
_atom_site.Cartn_z 
_atom_site.occupancy 
_atom_site.B_iso_or_equiv 
_atom_site.pdbx_formal_charge 
_atom_site.auth_seq_id 
_atom_site.auth_comp_id 
_atom_site.auth_asym_id 
_atom_site.auth_atom_id 
_atom_site.pdbx_PDB_model_num 
ATOM 1   O "O5'" . DG A 1 1  ? 1.33786   -10.56731 -15.23521 1.000 392.08357 ? 103 DG A "O5'" 1 
ATOM 2   C "C5'" . DG A 1 1  ? 2.62548   -10.55332 -14.64944 1.000 391.60343 ? 103 DG A "C5'" 1 
ATOM 3   C "C4'" . DG A 1 1  ? 3.16510   -9.14077  -14.61155 1.000 383.58103 ? 103 DG A "C4'" 1 
ATOM 4   O "O4'" . DG A 1 1  ? 2.94878   -8.52795  -15.89584 1.000 382.55884 ? 103 DG A "O4'" 1 
ATOM 5   C "C3'" . DG A 1 1  ? 2.47530   -8.22387  -13.60413 1.000 369.37542 ? 103 DG A "C3'" 1 
ATOM 6   O "O3'" . DG A 1 1  ? 3.23210   -8.11563  -12.35879 1.000 369.73673 ? 103 DG A "O3'" 1 
ATOM 7   C "C2'" . DG A 1 1  ? 2.32725   -6.87232  -14.32343 1.000 360.98890 ? 103 DG A "C2'" 1 
ATOM 8   C "C1'" . DG A 1 1  ? 2.85173   -7.13458  -15.73924 1.000 375.31409 ? 103 DG A "C1'" 1 
ATOM 9   N N9    . DG A 1 1  ? 1.98477   -6.61684  -16.79973 1.000 383.05239 ? 103 DG A N9    1 
ATOM 10  C C8    . DG A 1 1  ? 0.62369   -6.78308  -16.92092 1.000 375.60127 ? 103 DG A C8    1 
ATOM 11  N N7    . DG A 1 1  ? 0.12262   -6.21304  -17.98266 1.000 383.29366 ? 103 DG A N7    1 
ATOM 12  C C5    . DG A 1 1  ? 1.22127   -5.63833  -18.60725 1.000 394.70726 ? 103 DG A C5    1 
ATOM 13  C C6    . DG A 1 1  ? 1.29893   -4.88818  -19.80220 1.000 399.81264 ? 103 DG A C6    1 
ATOM 14  O O6    . DG A 1 1  ? 0.38331   -4.57317  -20.56855 1.000 392.39302 ? 103 DG A O6    1 
ATOM 15  N N1    . DG A 1 1  ? 2.60315   -4.49363  -20.07950 1.000 410.31068 ? 103 DG A N1    1 
ATOM 16  C C2    . DG A 1 1  ? 3.69388   -4.78723  -19.29882 1.000 414.83990 ? 103 DG A C2    1 
ATOM 17  N N2    . DG A 1 1  ? 4.87258   -4.31969  -19.72899 1.000 424.25536 ? 103 DG A N2    1 
ATOM 18  N N3    . DG A 1 1  ? 3.63620   -5.48929  -18.17546 1.000 407.16948 ? 103 DG A N3    1 
ATOM 19  C C4    . DG A 1 1  ? 2.37299   -5.88099  -17.89294 1.000 396.81723 ? 103 DG A C4    1 
ATOM 20  P P     . DA A 1 2  ? 4.83186   -7.88772  -12.31021 1.000 418.98758 ? 104 DA A P     1 
ATOM 21  O OP1   . DA A 1 2  ? 5.41413   -7.55679  -13.63231 1.000 426.30932 ? 104 DA A OP1   1 
ATOM 22  O OP2   . DA A 1 2  ? 5.38481   -9.04185  -11.57168 1.000 435.91557 ? 104 DA A OP2   1 
ATOM 23  O "O5'" . DA A 1 2  ? 4.99730   -6.63387  -11.32770 1.000 399.50710 ? 104 DA A "O5'" 1 
ATOM 24  C "C5'" . DA A 1 2  ? 4.45858   -5.36745  -11.68644 1.000 379.47611 ? 104 DA A "C5'" 1 
ATOM 25  C "C4'" . DA A 1 2  ? 5.30389   -4.72283  -12.76880 1.000 386.09252 ? 104 DA A "C4'" 1 
ATOM 26  O "O4'" . DA A 1 2  ? 4.56038   -4.70747  -14.02022 1.000 395.08544 ? 104 DA A "O4'" 1 
ATOM 27  C "C3'" . DA A 1 2  ? 5.70125   -3.27973  -12.50604 1.000 379.77888 ? 104 DA A "C3'" 1 
ATOM 28  O "O3'" . DA A 1 2  ? 6.97226   -3.01423  -13.09805 1.000 394.04604 ? 104 DA A "O3'" 1 
ATOM 29  C "C2'" . DA A 1 2  ? 4.58964   -2.52193  -13.20905 1.000 387.08929 ? 104 DA A "C2'" 1 
ATOM 30  C "C1'" . DA A 1 2  ? 4.40695   -3.37574  -14.45331 1.000 399.00128 ? 104 DA A "C1'" 1 
ATOM 31  N N9    . DA A 1 2  ? 3.10125   -3.22678  -15.10620 1.000 356.67956 ? 104 DA A N9    1 
ATOM 32  C C8    . DA A 1 2  ? 1.88477   -3.67559  -14.65997 1.000 344.72924 ? 104 DA A C8    1 
ATOM 33  N N7    . DA A 1 2  ? 0.88702   -3.39549  -15.47042 1.000 346.71392 ? 104 DA A N7    1 
ATOM 34  C C5    . DA A 1 2  ? 1.49191   -2.71544  -16.51900 1.000 356.73463 ? 104 DA A C5    1 
ATOM 35  C C6    . DA A 1 2  ? 0.98423   -2.14287  -17.70665 1.000 356.16903 ? 104 DA A C6    1 
ATOM 36  N N6    . DA A 1 2  ? -0.30410  -2.16907  -18.04584 1.000 345.12150 ? 104 DA A N6    1 
ATOM 37  N N1    . DA A 1 2  ? 1.86001   -1.53912  -18.53451 1.000 363.24263 ? 104 DA A N1    1 
ATOM 38  C C2    . DA A 1 2  ? 3.15284   -1.51155  -18.19540 1.000 371.79334 ? 104 DA A C2    1 
ATOM 39  N N3    . DA A 1 2  ? 3.74698   -2.01197  -17.11374 1.000 372.86431 ? 104 DA A N3    1 
ATOM 40  C C4    . DA A 1 2  ? 2.85315   -2.60603  -16.30862 1.000 364.13897 ? 104 DA A C4    1 
ATOM 41  P P     . DC A 1 3  ? 7.55137   -1.51585  -13.13888 1.000 389.50595 ? 105 DC A P     1 
ATOM 42  O OP1   . DC A 1 3  ? 9.01928   -1.58594  -13.28989 1.000 398.86427 ? 105 DC A OP1   1 
ATOM 43  O OP2   . DC A 1 3  ? 6.96339   -0.76316  -12.01120 1.000 363.93240 ? 105 DC A OP2   1 
ATOM 44  O "O5'" . DC A 1 3  ? 6.94115   -0.90605  -14.47721 1.000 401.04624 ? 105 DC A "O5'" 1 
ATOM 45  C "C5'" . DC A 1 3  ? 7.36601   0.35861   -14.91382 1.000 394.52325 ? 105 DC A "C5'" 1 
ATOM 46  C "C4'" . DC A 1 3  ? 6.26656   1.06268   -15.67660 1.000 388.86843 ? 105 DC A "C4'" 1 
ATOM 47  O "O4'" . DC A 1 3  ? 5.03955   0.30099   -15.59616 1.000 392.55261 ? 105 DC A "O4'" 1 
ATOM 48  C "C3'" . DC A 1 3  ? 5.92484   2.45872   -15.15106 1.000 363.96715 ? 105 DC A "C3'" 1 
ATOM 49  O "O3'" . DC A 1 3  ? 6.38303   3.45211   -16.06591 1.000 357.30720 ? 105 DC A "O3'" 1 
ATOM 50  C "C2'" . DC A 1 3  ? 4.39365   2.45623   -15.02740 1.000 354.47988 ? 105 DC A "C2'" 1 
ATOM 51  C "C1'" . DC A 1 3  ? 3.97921   1.19664   -15.77859 1.000 376.66245 ? 105 DC A "C1'" 1 
ATOM 52  N N1    . DC A 1 3  ? 2.69725   0.59047   -15.26023 1.000 330.64550 ? 105 DC A N1    1 
ATOM 53  C C2    . DC A 1 3  ? 1.50809   0.76434   -15.97921 1.000 326.36816 ? 105 DC A C2    1 
ATOM 54  O O2    . DC A 1 3  ? 1.53846   1.40788   -17.04040 1.000 326.93273 ? 105 DC A O2    1 
ATOM 55  N N3    . DC A 1 3  ? 0.35301   0.23165   -15.48591 1.000 324.83557 ? 105 DC A N3    1 
ATOM 56  C C4    . DC A 1 3  ? 0.36867   -0.44854  -14.33270 1.000 325.52306 ? 105 DC A C4    1 
ATOM 57  N N4    . DC A 1 3  ? -0.78476  -0.96278  -13.88460 1.000 327.06881 ? 105 DC A N4    1 
ATOM 58  C C5    . DC A 1 3  ? 1.57008   -0.62903  -13.58963 1.000 325.00561 ? 105 DC A C5    1 
ATOM 59  C C6    . DC A 1 3  ? 2.69367   -0.08867  -14.08120 1.000 325.47195 ? 105 DC A C6    1 
ATOM 60  P P     . DA A 1 4  ? 6.16287   5.01625   -15.76124 1.000 372.06887 ? 106 DA A P     1 
ATOM 61  O OP1   . DA A 1 4  ? 7.35220   5.73391   -16.26703 1.000 383.40810 ? 106 DA A OP1   1 
ATOM 62  O OP2   . DA A 1 4  ? 5.78088   5.17293   -14.34166 1.000 354.38599 ? 106 DA A OP2   1 
ATOM 63  O "O5'" . DA A 1 4  ? 4.91163   5.40905   -16.67740 1.000 369.11637 ? 106 DA A "O5'" 1 
ATOM 64  C "C5'" . DA A 1 4  ? 4.94477   5.12765   -18.07439 1.000 383.85151 ? 106 DA A "C5'" 1 
ATOM 65  C "C4'" . DA A 1 4  ? 3.81057   5.82839   -18.80587 1.000 373.30468 ? 106 DA A "C4'" 1 
ATOM 66  O "O4'" . DA A 1 4  ? 2.60731   5.02666   -18.71803 1.000 368.03267 ? 106 DA A "O4'" 1 
ATOM 67  C "C3'" . DA A 1 4  ? 3.45405   7.21020   -18.27229 1.000 356.32369 ? 106 DA A "C3'" 1 
ATOM 68  O "O3'" . DA A 1 4  ? 3.14728   8.10020   -19.33336 1.000 358.83396 ? 106 DA A "O3'" 1 
ATOM 69  C "C2'" . DA A 1 4  ? 2.23669   6.96278   -17.39494 1.000 339.07889 ? 106 DA A "C2'" 1 
ATOM 70  C "C1'" . DA A 1 4  ? 1.60744   5.69993   -17.98094 1.000 347.65908 ? 106 DA A "C1'" 1 
ATOM 71  N N9    . DA A 1 4  ? 1.14335   4.81457   -16.92804 1.000 308.99210 ? 106 DA A N9    1 
ATOM 72  C C8    . DA A 1 4  ? 1.92155   4.22139   -15.98421 1.000 317.00075 ? 106 DA A C8    1 
ATOM 73  N N7    . DA A 1 4  ? 1.25721   3.50394   -15.11785 1.000 317.58393 ? 106 DA A N7    1 
ATOM 74  C C5    . DA A 1 4  ? -0.05974  3.63700   -15.51471 1.000 308.22722 ? 106 DA A C5    1 
ATOM 75  C C6    . DA A 1 4  ? -1.25586  3.11041   -14.99596 1.000 298.42246 ? 106 DA A C6    1 
ATOM 76  N N6    . DA A 1 4  ? -1.30265  2.30562   -13.92849 1.000 294.52998 ? 106 DA A N6    1 
ATOM 77  N N1    . DA A 1 4  ? -2.40486  3.44184   -15.61672 1.000 289.81457 ? 106 DA A N1    1 
ATOM 78  C C2    . DA A 1 4  ? -2.35240  4.24931   -16.68808 1.000 289.31754 ? 106 DA A C2    1 
ATOM 79  N N3    . DA A 1 4  ? -1.28399  4.80722   -17.26869 1.000 295.34809 ? 106 DA A N3    1 
ATOM 80  C C4    . DA A 1 4  ? -0.15562  4.45483   -16.62512 1.000 304.10111 ? 106 DA A C4    1 
ATOM 81  P P     . DC A 1 5  ? 2.83803   9.64489   -19.00946 1.000 354.21998 ? 107 DC A P     1 
ATOM 82  O OP1   . DC A 1 5  ? 3.03269   10.42080  -20.25372 1.000 365.57705 ? 107 DC A OP1   1 
ATOM 83  O OP2   . DC A 1 5  ? 3.60796   9.99291   -17.79523 1.000 342.46744 ? 107 DC A OP2   1 
ATOM 84  O "O5'" . DC A 1 5  ? 1.28242   9.66346   -18.61978 1.000 340.42128 ? 107 DC A "O5'" 1 
ATOM 85  C "C5'" . DC A 1 5  ? 0.31381   9.12140   -19.51719 1.000 348.76495 ? 107 DC A "C5'" 1 
ATOM 86  C "C4'" . DC A 1 5  ? -1.05638  9.02111   -18.85904 1.000 334.13129 ? 107 DC A "C4'" 1 
ATOM 87  O "O4'" . DC A 1 5  ? -1.05673  7.96606   -17.86229 1.000 328.49510 ? 107 DC A "O4'" 1 
ATOM 88  C "C3'" . DC A 1 5  ? -1.53897  10.29043  -18.13177 1.000 316.36903 ? 107 DC A "C3'" 1 
ATOM 89  O "O3'" . DC A 1 5  ? -2.80605  10.69741  -18.64468 1.000 313.06372 ? 107 DC A "O3'" 1 
ATOM 90  C "C2'" . DC A 1 5  ? -1.65086  9.85103   -16.66785 1.000 302.42327 ? 107 DC A "C2'" 1 
ATOM 91  C "C1'" . DC A 1 5  ? -1.90956  8.36552   -16.82454 1.000 310.48246 ? 107 DC A "C1'" 1 
ATOM 92  N N1    . DC A 1 5  ? -1.62086  7.57028   -15.59499 1.000 304.64577 ? 107 DC A N1    1 
ATOM 93  C C2    . DC A 1 5  ? -2.68585  7.03220   -14.87398 1.000 296.31621 ? 107 DC A C2    1 
ATOM 94  O O2    . DC A 1 5  ? -3.83872  7.23884   -15.27730 1.000 293.83424 ? 107 DC A O2    1 
ATOM 95  N N3    . DC A 1 5  ? -2.42736  6.32370   -13.74476 1.000 292.02338 ? 107 DC A N3    1 
ATOM 96  C C4    . DC A 1 5  ? -1.16570  6.14029   -13.34618 1.000 295.86899 ? 107 DC A C4    1 
ATOM 97  N N4    . DC A 1 5  ? -0.95656  5.42837   -12.23189 1.000 294.23556 ? 107 DC A N4    1 
ATOM 98  C C5    . DC A 1 5  ? -0.06330  6.67939   -14.07444 1.000 304.25930 ? 107 DC A C5    1 
ATOM 99  C C6    . DC A 1 5  ? -0.33533  7.38554   -15.17949 1.000 308.29806 ? 107 DC A C6    1 
ATOM 100 P P     . DC A 1 6  ? -3.25106  12.24157  -18.57971 1.000 329.37484 ? 108 DC A P     1 
ATOM 101 O OP1   . DC A 1 6  ? -3.07225  12.81363  -19.93466 1.000 343.76956 ? 108 DC A OP1   1 
ATOM 102 O OP2   . DC A 1 6  ? -2.56486  12.86005  -17.42204 1.000 315.65921 ? 108 DC A OP2   1 
ATOM 103 O "O5'" . DC A 1 6  ? -4.81551  12.17926  -18.24038 1.000 320.88987 ? 108 DC A "O5'" 1 
ATOM 104 C "C5'" . DC A 1 6  ? -5.26531  12.38224  -16.90208 1.000 303.62494 ? 108 DC A "C5'" 1 
ATOM 105 C "C4'" . DC A 1 6  ? -6.48261  11.52538  -16.60427 1.000 299.87413 ? 108 DC A "C4'" 1 
ATOM 106 O "O4'" . DC A 1 6  ? -6.05267  10.27506  -16.00232 1.000 301.63721 ? 108 DC A "O4'" 1 
ATOM 107 C "C3'" . DC A 1 6  ? -7.46064  12.13089  -15.60784 1.000 283.26292 ? 108 DC A "C3'" 1 
ATOM 108 O "O3'" . DC A 1 6  ? -8.76098  11.62143  -15.83292 1.000 286.98124 ? 108 DC A "O3'" 1 
ATOM 109 C "C2'" . DC A 1 6  ? -6.90867  11.63199  -14.28915 1.000 272.64360 ? 108 DC A "C2'" 1 
ATOM 110 C "C1'" . DC A 1 6  ? -6.49432  10.21763  -14.65912 1.000 286.79309 ? 108 DC A "C1'" 1 
ATOM 111 N N1    . DC A 1 6  ? -5.38988  9.70960   -13.82035 1.000 284.00560 ? 108 DC A N1    1 
ATOM 112 C C2    . DC A 1 6  ? -5.67584  8.88924   -12.72520 1.000 276.99382 ? 108 DC A C2    1 
ATOM 113 O O2    . DC A 1 6  ? -6.85264  8.59195   -12.48933 1.000 273.07664 ? 108 DC A O2    1 
ATOM 114 N N3    . DC A 1 6  ? -4.64964  8.43856   -11.95407 1.000 275.79565 ? 108 DC A N3    1 
ATOM 115 C C4    . DC A 1 6  ? -3.39503  8.78841   -12.24329 1.000 281.02527 ? 108 DC A C4    1 
ATOM 116 N N4    . DC A 1 6  ? -2.41170  8.31935   -11.45962 1.000 282.55788 ? 108 DC A N4    1 
ATOM 117 C C5    . DC A 1 6  ? -3.08980  9.63804   -13.35104 1.000 287.95080 ? 108 DC A C5    1 
ATOM 118 C C6    . DC A 1 6  ? -4.10725  10.06635  -14.10585 1.000 289.29853 ? 108 DC A C6    1 
ATOM 119 P P     . DT A 1 7  ? -10.04844 12.46557  -15.37362 1.000 305.85866 ? 109 DT A P     1 
ATOM 120 O OP1   . DT A 1 7  ? -11.18385 11.52020  -15.26902 1.000 306.74176 ? 109 DT A OP1   1 
ATOM 121 O OP2   . DT A 1 7  ? -10.14075 13.63837  -16.27424 1.000 307.50663 ? 109 DT A OP2   1 
ATOM 122 O "O5'" . DT A 1 7  ? -9.66795  12.98766  -13.90726 1.000 291.40552 ? 109 DT A "O5'" 1 
ATOM 123 C "C5'" . DT A 1 7  ? -10.68654 13.42502  -13.01811 1.000 278.51634 ? 109 DT A "C5'" 1 
ATOM 124 C "C4'" . DT A 1 7  ? -11.09622 12.30507  -12.08116 1.000 274.60416 ? 109 DT A "C4'" 1 
ATOM 125 O "O4'" . DT A 1 7  ? -9.97921  11.43254  -11.88209 1.000 278.63198 ? 109 DT A "O4'" 1 
ATOM 126 C "C3'" . DT A 1 7  ? -11.51888 12.76441  -10.69653 1.000 259.10072 ? 109 DT A "C3'" 1 
ATOM 127 O "O3'" . DT A 1 7  ? -12.92151 12.84271  -10.64488 1.000 257.91667 ? 109 DT A "O3'" 1 
ATOM 128 C "C2'" . DT A 1 7  ? -11.00319 11.67717  -9.75138  1.000 256.74352 ? 109 DT A "C2'" 1 
ATOM 129 C "C1'" . DT A 1 7  ? -10.04048 10.85594  -10.60175 1.000 270.14132 ? 109 DT A "C1'" 1 
ATOM 130 N N1    . DT A 1 7  ? -8.64756  10.78739  -10.06843 1.000 268.01169 ? 109 DT A N1    1 
ATOM 131 C C2    . DT A 1 7  ? -8.39932  10.17232  -8.85570  1.000 263.35129 ? 109 DT A C2    1 
ATOM 132 O O2    . DT A 1 7  ? -9.27057  9.68500   -8.15495  1.000 259.73428 ? 109 DT A O2    1 
ATOM 133 N N3    . DT A 1 7  ? -7.07463  10.14997  -8.48985  1.000 264.91969 ? 109 DT A N3    1 
ATOM 134 C C4    . DT A 1 7  ? -6.00065  10.65749  -9.18747  1.000 269.97243 ? 109 DT A C4    1 
ATOM 135 O O4    . DT A 1 7  ? -4.84578  10.58593  -8.76666  1.000 271.73317 ? 109 DT A O4    1 
ATOM 136 C C5    . DT A 1 7  ? -6.32797  11.28253  -10.44520 1.000 273.99614 ? 109 DT A C5    1 
ATOM 137 C C7    . DT A 1 7  ? -5.23991  11.87511  -11.28557 1.000 281.80449 ? 109 DT A C7    1 
ATOM 138 C C6    . DT A 1 7  ? -7.61905  11.31526  -10.82328 1.000 274.07923 ? 109 DT A C6    1 
ATOM 139 P P     . DG A 1 8  ? -13.64016 14.20286  -10.18875 1.000 260.88175 ? 110 DG A P     1 
ATOM 140 O OP1   . DG A 1 8  ? -14.82692 13.80036  -9.39817  1.000 256.64329 ? 110 DG A OP1   1 
ATOM 141 O OP2   . DG A 1 8  ? -13.79400 15.06919  -11.38303 1.000 269.18073 ? 110 DG A OP2   1 
ATOM 142 O "O5'" . DG A 1 8  ? -12.56925 14.91112  -9.23349  1.000 250.36743 ? 110 DG A "O5'" 1 
ATOM 143 C "C5'" . DG A 1 8  ? -12.96366 15.37769  -7.95065  1.000 237.16983 ? 110 DG A "C5'" 1 
ATOM 144 C "C4'" . DG A 1 8  ? -12.90940 14.24559  -6.95497  1.000 234.17765 ? 110 DG A "C4'" 1 
ATOM 145 O "O4'" . DG A 1 8  ? -11.85772 13.35771  -7.35137  1.000 242.21543 ? 110 DG A "O4'" 1 
ATOM 146 C "C3'" . DG A 1 8  ? -12.61088 14.67180  -5.53159  1.000 224.29040 ? 110 DG A "C3'" 1 
ATOM 147 O "O3'" . DG A 1 8  ? -13.82377 14.71768  -4.79850  1.000 222.24200 ? 110 DG A "O3'" 1 
ATOM 148 C "C2'" . DG A 1 8  ? -11.67567 13.58689  -4.98948  1.000 225.16201 ? 110 DG A "C2'" 1 
ATOM 149 C "C1'" . DG A 1 8  ? -11.16313 12.87056  -6.23665  1.000 236.13826 ? 110 DG A "C1'" 1 
ATOM 150 N N9    . DG A 1 8  ? -9.73474  13.02651  -6.49538  1.000 238.55678 ? 110 DG A N9    1 
ATOM 151 C C8    . DG A 1 8  ? -9.15400  13.59895  -7.60200  1.000 245.70619 ? 110 DG A C8    1 
ATOM 152 N N7    . DG A 1 8  ? -7.85236  13.57051  -7.57740  1.000 247.71241 ? 110 DG A N7    1 
ATOM 153 C C5    . DG A 1 8  ? -7.55021  12.93403  -6.38030  1.000 241.63880 ? 110 DG A C5    1 
ATOM 154 C C6    . DG A 1 8  ? -6.29772  12.61808  -5.80898  1.000 243.37453 ? 110 DG A C6    1 
ATOM 155 O O6    . DG A 1 8  ? -5.16989  12.84661  -6.26422  1.000 248.75700 ? 110 DG A O6    1 
ATOM 156 N N1    . DG A 1 8  ? -6.43963  11.97414  -4.58474  1.000 242.68306 ? 110 DG A N1    1 
ATOM 157 C C2    . DG A 1 8  ? -7.64304  11.67380  -3.98975  1.000 239.95214 ? 110 DG A C2    1 
ATOM 158 N N2    . DG A 1 8  ? -7.58636  11.05156  -2.80660  1.000 244.63217 ? 110 DG A N2    1 
ATOM 159 N N3    . DG A 1 8  ? -8.82111  11.96313  -4.51570  1.000 234.34041 ? 110 DG A N3    1 
ATOM 160 C C4    . DG A 1 8  ? -8.69921  12.59022  -5.70652  1.000 236.40153 ? 110 DG A C4    1 
ATOM 161 P P     . DT A 1 9  ? -14.15784 15.98901  -3.87791  1.000 240.66404 ? 111 DT A P     1 
ATOM 162 O OP1   . DT A 1 9  ? -15.36532 16.64896  -4.43042  1.000 241.12395 ? 111 DT A OP1   1 
ATOM 163 O OP2   . DT A 1 9  ? -12.90303 16.76104  -3.74241  1.000 245.00703 ? 111 DT A OP2   1 
ATOM 164 O "O5'" . DT A 1 9  ? -14.48378 15.35235  -2.44175  1.000 239.37965 ? 111 DT A "O5'" 1 
ATOM 165 C "C5'" . DT A 1 9  ? -13.93135 15.93976  -1.26087  1.000 241.81781 ? 111 DT A "C5'" 1 
ATOM 166 C "C4'" . DT A 1 9  ? -12.73917 15.14455  -0.75214  1.000 241.22955 ? 111 DT A "C4'" 1 
ATOM 167 O "O4'" . DT A 1 9  ? -11.79823 14.89488  -1.83586  1.000 240.69140 ? 111 DT A "O4'" 1 
ATOM 168 C "C3'" . DT A 1 9  ? -11.93196 15.83568  0.35913   1.000 243.34998 ? 111 DT A "C3'" 1 
ATOM 169 O "O3'" . DT A 1 9  ? -11.82476 14.98074  1.49157   1.000 244.84117 ? 111 DT A "O3'" 1 
ATOM 170 C "C2'" . DT A 1 9  ? -10.56449 16.08264  -0.28370  1.000 244.84600 ? 111 DT A "C2'" 1 
ATOM 171 C "C1'" . DT A 1 9  ? -10.50063 14.95827  -1.30097  1.000 242.99900 ? 111 DT A "C1'" 1 
ATOM 172 N N1    . DT A 1 9  ? -9.48250  15.19106  -2.39535  1.000 244.34428 ? 111 DT A N1    1 
ATOM 173 C C2    . DT A 1 9  ? -8.21025  14.69329  -2.23131  1.000 246.63967 ? 111 DT A C2    1 
ATOM 174 O O2    . DT A 1 9  ? -7.87015  14.05442  -1.25449  1.000 249.63545 ? 111 DT A O2    1 
ATOM 175 N N3    . DT A 1 9  ? -7.34635  14.96487  -3.26076  1.000 248.67051 ? 111 DT A N3    1 
ATOM 176 C C4    . DT A 1 9  ? -7.62156  15.67583  -4.41240  1.000 249.52533 ? 111 DT A C4    1 
ATOM 177 O O4    . DT A 1 9  ? -6.77780  15.86618  -5.28035  1.000 253.06951 ? 111 DT A O4    1 
ATOM 178 C C5    . DT A 1 9  ? -8.97243  16.17815  -4.52114  1.000 247.73298 ? 111 DT A C5    1 
ATOM 179 C C7    . DT A 1 9  ? -9.39101  16.96419  -5.72643  1.000 251.07909 ? 111 DT A C7    1 
ATOM 180 C C6    . DT A 1 9  ? -9.82414  15.92297  -3.51499  1.000 244.85016 ? 111 DT A C6    1 
ATOM 181 P P     . DA A 1 10 ? -11.42832 15.57903  2.93194   1.000 261.87784 ? 112 DA A P     1 
ATOM 182 O OP1   . DA A 1 10 ? -11.91631 14.63196  3.96364   1.000 267.86874 ? 112 DA A OP1   1 
ATOM 183 O OP2   . DA A 1 10 ? -11.86790 16.99533  2.95078   1.000 263.26616 ? 112 DA A OP2   1 
ATOM 184 O "O5'" . DA A 1 10 ? -9.82157  15.49958  2.96893   1.000 258.90504 ? 112 DA A "O5'" 1 
ATOM 185 C "C5'" . DA A 1 10 ? -9.16985  14.21634  3.06654   1.000 259.50345 ? 112 DA A "C5'" 1 
ATOM 186 C "C4'" . DA A 1 10 ? -7.66922  14.33854  3.35569   1.000 263.05159 ? 112 DA A "C4'" 1 
ATOM 187 O "O4'" . DA A 1 10 ? -6.99046  14.93487  2.22567   1.000 261.09308 ? 112 DA A "O4'" 1 
ATOM 188 C "C3'" . DA A 1 10 ? -7.28238  15.18372  4.56208   1.000 267.85147 ? 112 DA A "C3'" 1 
ATOM 189 O "O3'" . DA A 1 10 ? -6.08707  14.67720  5.16209   1.000 269.33650 ? 112 DA A "O3'" 1 
ATOM 190 C "C2'" . DA A 1 10 ? -7.05684  16.55965  3.94961   1.000 266.47434 ? 112 DA A "C2'" 1 
ATOM 191 C "C1'" . DA A 1 10 ? -6.55274  16.24294  2.54998   1.000 263.70202 ? 112 DA A "C1'" 1 
ATOM 192 N N9    . DA A 1 10 ? -7.08623  17.14716  1.54842   1.000 263.01061 ? 112 DA A N9    1 
ATOM 193 C C8    . DA A 1 10 ? -8.29577  17.77914  1.57409   1.000 263.52215 ? 112 DA A C8    1 
ATOM 194 N N7    . DA A 1 10 ? -8.51880  18.52838  0.52605   1.000 264.57799 ? 112 DA A N7    1 
ATOM 195 C C5    . DA A 1 10 ? -7.37602  18.37423  -0.23597  1.000 264.57626 ? 112 DA A C5    1 
ATOM 196 C C6    . DA A 1 10 ? -6.98791  18.90792  -1.47041  1.000 266.96296 ? 112 DA A C6    1 
ATOM 197 N N6    . DA A 1 10 ? -7.74889  19.74161  -2.17909  1.000 270.33888 ? 112 DA A N6    1 
ATOM 198 N N1    . DA A 1 10 ? -5.78382  18.55315  -1.95175  1.000 267.34545 ? 112 DA A N1    1 
ATOM 199 C C2    . DA A 1 10 ? -5.02624  17.71758  -1.23788  1.000 267.02844 ? 112 DA A C2    1 
ATOM 200 N N3    . DA A 1 10 ? -5.28394  17.15228  -0.06641  1.000 264.88878 ? 112 DA A N3    1 
ATOM 201 C C4    . DA A 1 10 ? -6.48614  17.52510  0.38247   1.000 263.39113 ? 112 DA A C4    1 
ATOM 202 P P     . DA B 2 1  ? 3.86249   14.02422  -2.36159  1.000 318.33857 ? 105 DA B P     1 
ATOM 203 O OP1   . DA B 2 1  ? 3.56838   14.25830  -3.79382  1.000 320.83907 ? 105 DA B OP1   1 
ATOM 204 O OP2   . DA B 2 1  ? 3.94511   12.63870  -1.84982  1.000 318.06661 ? 105 DA B OP2   1 
ATOM 205 O "O5'" . DA B 2 1  ? 2.80832   14.84774  -1.47961  1.000 303.83001 ? 105 DA B "O5'" 1 
ATOM 206 C "C5'" . DA B 2 1  ? 2.98819   14.96477  -0.07006  1.000 305.03845 ? 105 DA B "C5'" 1 
ATOM 207 C "C4'" . DA B 2 1  ? 1.89775   14.21711  0.68328   1.000 291.25480 ? 105 DA B "C4'" 1 
ATOM 208 O "O4'" . DA B 2 1  ? 0.60001   14.65402  0.21132   1.000 274.50498 ? 105 DA B "O4'" 1 
ATOM 209 C "C3'" . DA B 2 1  ? 1.91234   12.69940  0.51760   1.000 291.69337 ? 105 DA B "C3'" 1 
ATOM 210 O "O3'" . DA B 2 1  ? 1.48990   12.07201  1.71513   1.000 287.31799 ? 105 DA B "O3'" 1 
ATOM 211 C "C2'" . DA B 2 1  ? 0.91852   12.46718  -0.61151  1.000 278.49264 ? 105 DA B "C2'" 1 
ATOM 212 C "C1'" . DA B 2 1  ? -0.10011  13.56827  -0.36061  1.000 265.49895 ? 105 DA B "C1'" 1 
ATOM 213 N N9    . DA B 2 1  ? -0.74210  14.03679  -1.57658  1.000 256.92689 ? 105 DA B N9    1 
ATOM 214 C C8    . DA B 2 1  ? -0.13459  14.55689  -2.68420  1.000 264.29057 ? 105 DA B C8    1 
ATOM 215 N N7    . DA B 2 1  ? -0.97296  14.89230  -3.63605  1.000 256.70146 ? 105 DA B N7    1 
ATOM 216 C C5    . DA B 2 1  ? -2.21440  14.57364  -3.11068  1.000 243.48463 ? 105 DA B C5    1 
ATOM 217 C C6    . DA B 2 1  ? -3.52592  14.68725  -3.62150  1.000 232.35262 ? 105 DA B C6    1 
ATOM 218 N N6    . DA B 2 1  ? -3.80675  15.18088  -4.83225  1.000 232.85949 ? 105 DA B N6    1 
ATOM 219 N N1    . DA B 2 1  ? -4.54313  14.27468  -2.83184  1.000 223.82846 ? 105 DA B N1    1 
ATOM 220 C C2    . DA B 2 1  ? -4.25566  13.78153  -1.61989  1.000 226.56386 ? 105 DA B C2    1 
ATOM 221 N N3    . DA B 2 1  ? -3.06921  13.62664  -1.03592  1.000 234.16467 ? 105 DA B N3    1 
ATOM 222 C C4    . DA B 2 1  ? -2.08494  14.04948  -1.83937  1.000 242.94912 ? 105 DA B C4    1 
ATOM 223 P P     . DC B 2 2  ? 1.53055   10.47248  1.84115   1.000 276.24591 ? 106 DC B P     1 
ATOM 224 O OP1   . DC B 2 2  ? 1.92960   10.14548  3.22831   1.000 284.83568 ? 106 DC B OP1   1 
ATOM 225 O OP2   . DC B 2 2  ? 2.31570   9.93348   0.70700   1.000 287.81094 ? 106 DC B OP2   1 
ATOM 226 O "O5'" . DC B 2 2  ? 0.00973   10.05419  1.64726   1.000 261.52860 ? 106 DC B "O5'" 1 
ATOM 227 C "C5'" . DC B 2 2  ? -0.95017  10.51666  2.56507   1.000 248.35685 ? 106 DC B "C5'" 1 
ATOM 228 C "C4'" . DC B 2 2  ? -2.33678  10.16071  2.09694   1.000 236.06388 ? 106 DC B "C4'" 1 
ATOM 229 O "O4'" . DC B 2 2  ? -2.61868  10.84783  0.85390   1.000 230.60254 ? 106 DC B "O4'" 1 
ATOM 230 C "C3'" . DC B 2 2  ? -2.55834  8.67299   1.79701   1.000 240.36968 ? 106 DC B "C3'" 1 
ATOM 231 O "O3'" . DC B 2 2  ? -3.86530  8.32784   2.17795   1.000 229.83946 ? 106 DC B "O3'" 1 
ATOM 232 C "C2'" . DC B 2 2  ? -2.42479  8.62663   0.28523   1.000 242.76611 ? 106 DC B "C2'" 1 
ATOM 233 C "C1'" . DC B 2 2  ? -3.16014  9.90523   -0.03163  1.000 230.57732 ? 106 DC B "C1'" 1 
ATOM 234 N N1    . DC B 2 2  ? -3.00607  10.38519  -1.39854  1.000 231.92928 ? 106 DC B N1    1 
ATOM 235 C C2    . DC B 2 2  ? -4.14392  10.50677  -2.18979  1.000 222.38876 ? 106 DC B C2    1 
ATOM 236 O O2    . DC B 2 2  ? -5.24028  10.19126  -1.70895  1.000 213.38622 ? 106 DC B O2    1 
ATOM 237 N N3    . DC B 2 2  ? -4.01962  10.96164  -3.45280  1.000 224.23840 ? 106 DC B N3    1 
ATOM 238 C C4    . DC B 2 2  ? -2.81504  11.28613  -3.92457  1.000 235.32450 ? 106 DC B C4    1 
ATOM 239 N N4    . DC B 2 2  ? -2.74315  11.73010  -5.18001  1.000 237.89590 ? 106 DC B N4    1 
ATOM 240 C C5    . DC B 2 2  ? -1.63381  11.16952  -3.12768  1.000 245.49242 ? 106 DC B C5    1 
ATOM 241 C C6    . DC B 2 2  ? -1.77728  10.72135  -1.87677  1.000 243.26733 ? 106 DC B C6    1 
ATOM 242 P P     . DA B 2 3  ? -4.13741  6.94978   2.93653   1.000 237.41906 ? 107 DA B P     1 
ATOM 243 O OP1   . DA B 2 3  ? -4.10272  7.25165   4.37887   1.000 234.59770 ? 107 DA B OP1   1 
ATOM 244 O OP2   . DA B 2 3  ? -3.25332  5.94217   2.32011   1.000 250.17261 ? 107 DA B OP2   1 
ATOM 245 O "O5'" . DA B 2 3  ? -5.63133  6.57493   2.53606   1.000 228.87337 ? 107 DA B "O5'" 1 
ATOM 246 C "C5'" . DA B 2 3  ? -6.38582  7.45174   1.70954   1.000 217.80518 ? 107 DA B "C5'" 1 
ATOM 247 C "C4'" . DA B 2 3  ? -7.01995  6.69133   0.55419   1.000 216.22143 ? 107 DA B "C4'" 1 
ATOM 248 O "O4'" . DA B 2 3  ? -6.69442  7.36943   -0.66559  1.000 215.65151 ? 107 DA B "O4'" 1 
ATOM 249 C "C3'" . DA B 2 3  ? -6.51535  5.25405   0.36323   1.000 225.39457 ? 107 DA B "C3'" 1 
ATOM 250 O "O3'" . DA B 2 3  ? -7.47963  4.25739   0.86282   1.000 222.61776 ? 107 DA B "O3'" 1 
ATOM 251 C "C2'" . DA B 2 3  ? -6.25139  5.11319   -1.14822  1.000 227.94224 ? 107 DA B "C2'" 1 
ATOM 252 C "C1'" . DA B 2 3  ? -6.72302  6.44794   -1.72051  1.000 219.70504 ? 107 DA B "C1'" 1 
ATOM 253 N N9    . DA B 2 3  ? -5.85587  6.94857   -2.75814  1.000 224.73096 ? 107 DA B N9    1 
ATOM 254 C C8    . DA B 2 3  ? -4.49986  6.88279   -2.77564  1.000 235.19902 ? 107 DA B C8    1 
ATOM 255 N N7    . DA B 2 3  ? -3.96131  7.41742   -3.83434  1.000 239.01423 ? 107 DA B N7    1 
ATOM 256 C C5    . DA B 2 3  ? -5.04368  7.87356   -4.56141  1.000 229.94379 ? 107 DA B C5    1 
ATOM 257 C C6    . DA B 2 3  ? -5.14272  8.53623   -5.78549  1.000 229.25503 ? 107 DA B C6    1 
ATOM 258 N N6    . DA B 2 3  ? -4.08185  8.86876   -6.52579  1.000 238.61414 ? 107 DA B N6    1 
ATOM 259 N N1    . DA B 2 3  ? -6.37897  8.84716   -6.22897  1.000 219.40170 ? 107 DA B N1    1 
ATOM 260 C C2    . DA B 2 3  ? -7.43361  8.51191   -5.48588  1.000 210.98867 ? 107 DA B C2    1 
ATOM 261 N N3    . DA B 2 3  ? -7.46429  7.88830   -4.31922  1.000 211.33787 ? 107 DA B N3    1 
ATOM 262 C C4    . DA B 2 3  ? -6.22175  7.59432   -3.90862  1.000 220.94998 ? 107 DA B C4    1 
ATOM 263 P P     . DC B 2 4  ? -9.07557  4.32912   0.58295   1.000 213.87452 ? 111 DC B P     1 
ATOM 264 O OP1   . DC B 2 4  ? -9.35504  4.70166   -0.83504  1.000 209.33469 ? 111 DC B OP1   1 
ATOM 265 O OP2   . DC B 2 4  ? -9.73271  5.04670   1.70400   1.000 211.18637 ? 111 DC B OP2   1 
ATOM 266 O "O5'" . DC B 2 4  ? -9.54692  2.82139   0.85513   1.000 214.23923 ? 111 DC B "O5'" 1 
ATOM 267 C "C5'" . DC B 2 4  ? -9.17219  1.78922   -0.02964  1.000 218.13704 ? 111 DC B "C5'" 1 
ATOM 268 C "C4'" . DC B 2 4  ? -8.35581  0.69850   0.66402   1.000 223.61877 ? 111 DC B "C4'" 1 
ATOM 269 O "O4'" . DC B 2 4  ? -7.22427  1.26023   1.37861   1.000 231.44624 ? 111 DC B "O4'" 1 
ATOM 270 C "C3'" . DC B 2 4  ? -9.11022  -0.16886  1.67046   1.000 218.44825 ? 111 DC B "C3'" 1 
ATOM 271 O "O3'" . DC B 2 4  ? -8.85927  -1.53670  1.38677   1.000 215.67976 ? 111 DC B "O3'" 1 
ATOM 272 C "C2'" . DC B 2 4  ? -8.50914  0.24366   3.01770   1.000 224.63604 ? 111 DC B "C2'" 1 
ATOM 273 C "C1'" . DC B 2 4  ? -7.09544  0.59798   2.61156   1.000 233.17506 ? 111 DC B "C1'" 1 
ATOM 274 N N1    . DC B 2 4  ? -6.35302  1.50747   3.53629   1.000 237.46360 ? 111 DC B N1    1 
ATOM 275 C C2    . DC B 2 4  ? -6.14650  1.17284   4.88396   1.000 238.82627 ? 111 DC B C2    1 
ATOM 276 O O2    . DC B 2 4  ? -6.62916  0.13753   5.34536   1.000 236.82831 ? 111 DC B O2    1 
ATOM 277 N N3    . DC B 2 4  ? -5.42686  2.02263   5.65897   1.000 241.41949 ? 111 DC B N3    1 
ATOM 278 C C4    . DC B 2 4  ? -4.92009  3.13679   5.14004   1.000 242.03544 ? 111 DC B C4    1 
ATOM 279 N N4    . DC B 2 4  ? -4.21746  3.94500   5.93575   1.000 243.57993 ? 111 DC B N4    1 
ATOM 280 C C5    . DC B 2 4  ? -5.10391  3.47698   3.77784   1.000 240.96946 ? 111 DC B C5    1 
ATOM 281 C C6    . DC B 2 4  ? -5.81465  2.64426   3.02444   1.000 239.05954 ? 111 DC B C6    1 
ATOM 282 P P     . DC B 2 5  ? -10.07487 -2.58036  1.38126   1.000 233.66680 ? 112 DC B P     1 
ATOM 283 O OP1   . DC B 2 5  ? -9.68513  -3.70470  2.25992   1.000 234.03541 ? 112 DC B OP1   1 
ATOM 284 O OP2   . DC B 2 5  ? -10.51072 -2.81507  -0.01573  1.000 224.98905 ? 112 DC B OP2   1 
ATOM 285 O "O5'" . DC B 2 5  ? -11.24301 -1.77455  2.09661   1.000 231.36202 ? 112 DC B "O5'" 1 
ATOM 286 C "C5'" . DC B 2 5  ? -12.40739 -2.44444  2.47048   1.000 223.59525 ? 112 DC B "C5'" 1 
ATOM 287 C "C4'" . DC B 2 5  ? -12.52887 -2.52086  3.98063   1.000 229.08758 ? 112 DC B "C4'" 1 
ATOM 288 O "O4'" . DC B 2 5  ? -11.57288 -1.61970  4.61837   1.000 237.69986 ? 112 DC B "O4'" 1 
ATOM 289 C "C3'" . DC B 2 5  ? -13.88756 -2.10401  4.51452   1.000 226.60775 ? 112 DC B "C3'" 1 
ATOM 290 O "O3'" . DC B 2 5  ? -14.14304 -2.76836  5.75454   1.000 228.11397 ? 112 DC B "O3'" 1 
ATOM 291 C "C2'" . DC B 2 5  ? -13.67082 -0.60615  4.71835   1.000 230.68807 ? 112 DC B "C2'" 1 
ATOM 292 C "C1'" . DC B 2 5  ? -12.28022 -0.61918  5.33540   1.000 236.97254 ? 112 DC B "C1'" 1 
ATOM 293 N N1    . DC B 2 5  ? -11.52024 0.68286   5.22115   1.000 239.30174 ? 112 DC B N1    1 
ATOM 294 C C2    . DC B 2 5  ? -10.83795 1.19297   6.33753   1.000 241.14691 ? 112 DC B C2    1 
ATOM 295 O O2    . DC B 2 5  ? -10.88701 0.57506   7.40557   1.000 242.69070 ? 112 DC B O2    1 
ATOM 296 N N3    . DC B 2 5  ? -10.14134 2.35755   6.21135   1.000 241.00415 ? 112 DC B N3    1 
ATOM 297 C C4    . DC B 2 5  ? -10.11105 2.99448   5.04175   1.000 240.22414 ? 112 DC B C4    1 
ATOM 298 N N4    . DC B 2 5  ? -9.41742  4.13650   4.96446   1.000 239.85950 ? 112 DC B N4    1 
ATOM 299 C C5    . DC B 2 5  ? -10.80080 2.49448   3.89711   1.000 239.07414 ? 112 DC B C5    1 
ATOM 300 C C6    . DC B 2 5  ? -11.48364 1.34737   4.02947   1.000 238.24910 ? 112 DC B C6    1 
ATOM 301 P P     . DG B 2 6  ? -14.60187 -4.31415  5.80575   1.000 231.13727 ? 113 DG B P     1 
ATOM 302 O OP1   . DG B 2 6  ? -13.88333 -5.10538  4.78272   1.000 230.02968 ? 113 DG B OP1   1 
ATOM 303 O OP2   . DG B 2 6  ? -16.07938 -4.36022  5.81619   1.000 226.89628 ? 113 DG B OP2   1 
ATOM 304 O "O5'" . DG B 2 6  ? -14.10373 -4.77138  7.25302   1.000 236.52964 ? 113 DG B "O5'" 1 
ATOM 305 C "C5'" . DG B 2 6  ? -13.61818 -3.78595  8.17395   1.000 244.91781 ? 113 DG B "C5'" 1 
ATOM 306 C "C4'" . DG B 2 6  ? -14.36040 -3.86490  9.49941   1.000 246.95901 ? 113 DG B "C4'" 1 
ATOM 307 O "O4'" . DG B 2 6  ? -14.59614 -2.53503  10.00417  1.000 248.83357 ? 113 DG B "O4'" 1 
ATOM 308 C "C3'" . DG B 2 6  ? -15.73634 -4.51814  9.43421   1.000 242.69134 ? 113 DG B "C3'" 1 
ATOM 309 O "O3'" . DG B 2 6  ? -15.99379 -5.34276  10.62171  1.000 246.59924 ? 113 DG B "O3'" 1 
ATOM 310 C "C2'" . DG B 2 6  ? -16.71872 -3.34739  9.26917   1.000 242.34781 ? 113 DG B "C2'" 1 
ATOM 311 C "C1'" . DG B 2 6  ? -15.90200 -2.10899  9.65665   1.000 245.34305 ? 113 DG B "C1'" 1 
ATOM 312 N N9    . DG B 2 6  ? -15.77258 -1.13580  8.59195   1.000 241.60080 ? 113 DG B N9    1 
ATOM 313 C C8    . DG B 2 6  ? -16.42756 -1.12043  7.38579   1.000 237.11799 ? 113 DG B C8    1 
ATOM 314 N N7    . DG B 2 6  ? -16.08718 -0.11708  6.62924   1.000 235.65661 ? 113 DG B N7    1 
ATOM 315 C C5    . DG B 2 6  ? -15.14149 0.56593   7.38448   1.000 237.68869 ? 113 DG B C5    1 
ATOM 316 C C6    . DG B 2 6  ? -14.40993 1.73288   7.08688   1.000 236.15617 ? 113 DG B C6    1 
ATOM 317 O O6    . DG B 2 6  ? -14.45029 2.42489   6.06586   1.000 233.96682 ? 113 DG B O6    1 
ATOM 318 N N1    . DG B 2 6  ? -13.55841 2.08248   8.13069   1.000 238.35234 ? 113 DG B N1    1 
ATOM 319 C C2    . DG B 2 6  ? -13.43131 1.38794   9.30448   1.000 242.92817 ? 113 DG B C2    1 
ATOM 320 N N2    . DG B 2 6  ? -12.56664 1.88563   10.19691  1.000 245.94102 ? 113 DG B N2    1 
ATOM 321 N N3    . DG B 2 6  ? -14.10905 0.29464   9.59223   1.000 245.09944 ? 113 DG B N3    1 
ATOM 322 C C4    . DG B 2 6  ? -14.93938 -0.05664  8.58655   1.000 241.55369 ? 113 DG B C4    1 
ATOM 323 P P     . DT B 2 7  ? -16.47933 -4.73953  12.04228  1.000 265.43214 ? 114 DT B P     1 
ATOM 324 O OP1   . DT B 2 7  ? -16.25453 -5.82482  13.02453  1.000 273.92594 ? 114 DT B OP1   1 
ATOM 325 O OP2   . DT B 2 7  ? -17.84601 -4.17904  11.92427  1.000 264.10152 ? 114 DT B OP2   1 
ATOM 326 O "O5'" . DT B 2 7  ? -15.44386 -3.55438  12.36151  1.000 268.37576 ? 114 DT B "O5'" 1 
ATOM 327 C "C5'" . DT B 2 7  ? -15.00458 -3.30623  13.69941  1.000 274.00642 ? 114 DT B "C5'" 1 
ATOM 328 C "C4'" . DT B 2 7  ? -15.64975 -2.04935  14.26615  1.000 273.31281 ? 114 DT B "C4'" 1 
ATOM 329 O "O4'" . DT B 2 7  ? -15.62494 -0.99651  13.27402  1.000 266.77855 ? 114 DT B "O4'" 1 
ATOM 330 C "C3'" . DT B 2 7  ? -17.11222 -2.21448  14.68830  1.000 273.79045 ? 114 DT B "C3'" 1 
ATOM 331 O "O3'" . DT B 2 7  ? -17.23538 -2.04301  16.09677  1.000 281.64451 ? 114 DT B "O3'" 1 
ATOM 332 C "C2'" . DT B 2 7  ? -17.87819 -1.13271  13.90538  1.000 267.97808 ? 114 DT B "C2'" 1 
ATOM 333 C "C1'" . DT B 2 7  ? -16.77632 -0.20332  13.41051  1.000 262.57252 ? 114 DT B "C1'" 1 
ATOM 334 N N1    . DT B 2 7  ? -17.07536 0.42160   12.08431  1.000 254.75567 ? 114 DT B N1    1 
ATOM 335 C C2    . DT B 2 7  ? -16.27155 1.43375   11.62821  1.000 249.74229 ? 114 DT B C2    1 
ATOM 336 O O2    . DT B 2 7  ? -15.31599 1.85727   12.25492  1.000 251.47482 ? 114 DT B O2    1 
ATOM 337 N N3    . DT B 2 7  ? -16.62468 1.93785   10.40381  1.000 243.34874 ? 114 DT B N3    1 
ATOM 338 C C4    . DT B 2 7  ? -17.68139 1.53667   9.60994   1.000 241.87496 ? 114 DT B C4    1 
ATOM 339 O O4    . DT B 2 7  ? -17.91982 2.05026   8.52411   1.000 236.87540 ? 114 DT B O4    1 
ATOM 340 C C5    . DT B 2 7  ? -18.48431 0.47030   10.14814  1.000 247.21016 ? 114 DT B C5    1 
ATOM 341 C C7    . DT B 2 7  ? -19.65724 -0.04719  9.37742   1.000 246.42481 ? 114 DT B C7    1 
ATOM 342 C C6    . DT B 2 7  ? -18.14751 -0.03222  11.34337  1.000 253.16250 ? 114 DT B C6    1 
ATOM 343 O "O5'" . DT C 3 1  ? 20.52926  -20.99685 -0.02519  1.000 381.60061 ? 99  DT C "O5'" 1 
ATOM 344 C "C5'" . DT C 3 1  ? 19.52523  -20.17605 -0.61121  1.000 372.81767 ? 99  DT C "C5'" 1 
ATOM 345 C "C4'" . DT C 3 1  ? 18.29146  -20.09102 0.28101   1.000 367.42985 ? 99  DT C "C4'" 1 
ATOM 346 O "O4'" . DT C 3 1  ? 18.70005  -20.00759 1.68471   1.000 372.22750 ? 99  DT C "O4'" 1 
ATOM 347 C "C3'" . DT C 3 1  ? 17.39613  -18.86394 0.03107   1.000 358.35728 ? 99  DT C "C3'" 1 
ATOM 348 O "O3'" . DT C 3 1  ? 15.98424  -19.21485 0.15220   1.000 352.48031 ? 99  DT C "O3'" 1 
ATOM 349 C "C2'" . DT C 3 1  ? 17.84819  -17.91904 1.13952   1.000 360.04861 ? 99  DT C "C2'" 1 
ATOM 350 C "C1'" . DT C 3 1  ? 18.04522  -18.90804 2.28079   1.000 366.55229 ? 99  DT C "C1'" 1 
ATOM 351 N N1    . DT C 3 1  ? 18.86842  -18.38063 3.45369   1.000 372.35358 ? 99  DT C N1    1 
ATOM 352 C C2    . DT C 3 1  ? 18.83698  -19.05272 4.65814   1.000 376.36334 ? 99  DT C C2    1 
ATOM 353 O O2    . DT C 3 1  ? 18.17922  -20.06052 4.84568   1.000 375.60813 ? 99  DT C O2    1 
ATOM 354 N N3    . DT C 3 1  ? 19.60614  -18.49672 5.64597   1.000 382.05378 ? 99  DT C N3    1 
ATOM 355 C C4    . DT C 3 1  ? 20.38691  -17.36073 5.56374   1.000 384.10265 ? 99  DT C C4    1 
ATOM 356 O O4    . DT C 3 1  ? 21.04447  -16.94538 6.51404   1.000 389.88535 ? 99  DT C O4    1 
ATOM 357 C C5    . DT C 3 1  ? 20.37586  -16.69840 4.28152   1.000 379.72402 ? 99  DT C C5    1 
ATOM 358 C C7    . DT C 3 1  ? 21.18724  -15.45351 4.07015   1.000 382.25238 ? 99  DT C C7    1 
ATOM 359 C C6    . DT C 3 1  ? 19.62644  -17.23318 3.29910   1.000 374.11617 ? 99  DT C C6    1 
ATOM 360 P P     . DC C 3 2  ? 14.83816  -18.32358 -0.55617  1.000 355.98774 ? 100 DC C P     1 
ATOM 361 O OP1   . DC C 3 2  ? 15.03512  -18.38437 -2.02164  1.000 364.32203 ? 100 DC C OP1   1 
ATOM 362 O OP2   . DC C 3 2  ? 14.79091  -17.01980 0.14168   1.000 348.56980 ? 100 DC C OP2   1 
ATOM 363 O "O5'" . DC C 3 2  ? 13.47353  -19.10346 -0.24631  1.000 339.45044 ? 100 DC C "O5'" 1 
ATOM 364 C "C5'" . DC C 3 2  ? 12.77197  -18.86699 0.96203   1.000 327.40176 ? 100 DC C "C5'" 1 
ATOM 365 C "C4'" . DC C 3 2  ? 13.33135  -19.72362 2.07777   1.000 326.94779 ? 100 DC C "C4'" 1 
ATOM 366 O "O4'" . DC C 3 2  ? 14.63082  -19.20427 2.48022   1.000 332.19804 ? 100 DC C "O4'" 1 
ATOM 367 C "C3'" . DC C 3 2  ? 12.49916  -19.73779 3.35121   1.000 313.67457 ? 100 DC C "C3'" 1 
ATOM 368 O "O3'" . DC C 3 2  ? 12.69878  -20.97134 4.02879   1.000 316.54114 ? 100 DC C "O3'" 1 
ATOM 369 C "C2'" . DC C 3 2  ? 13.11738  -18.58300 4.11839   1.000 312.56052 ? 100 DC C "C2'" 1 
ATOM 370 C "C1'" . DC C 3 2  ? 14.57915  -18.84869 3.84214   1.000 323.06543 ? 100 DC C "C1'" 1 
ATOM 371 N N1    . DC C 3 2  ? 15.49720  -17.68762 4.08991   1.000 325.47058 ? 100 DC C N1    1 
ATOM 372 C C2    . DC C 3 2  ? 16.16024  -17.59446 5.31364   1.000 333.91345 ? 100 DC C C2    1 
ATOM 373 O O2    . DC C 3 2  ? 15.96151  -18.46436 6.16909   1.000 339.32554 ? 100 DC C O2    1 
ATOM 374 N N3    . DC C 3 2  ? 17.00659  -16.55654 5.52740   1.000 336.92290 ? 100 DC C N3    1 
ATOM 375 C C4    . DC C 3 2  ? 17.19396  -15.64283 4.57753   1.000 332.06529 ? 100 DC C C4    1 
ATOM 376 N N4    . DC C 3 2  ? 18.03703  -14.64267 4.83385   1.000 336.32049 ? 100 DC C N4    1 
ATOM 377 C C5    . DC C 3 2  ? 16.53483  -15.72357 3.31799   1.000 323.65699 ? 100 DC C C5    1 
ATOM 378 C C6    . DC C 3 2  ? 15.69271  -16.74600 3.12461   1.000 320.48683 ? 100 DC C C6    1 
ATOM 379 P P     . DT C 3 3  ? 11.78739  -21.37059 5.29075   1.000 343.26716 ? 101 DT C P     1 
ATOM 380 O OP1   . DT C 3 3  ? 11.92169  -22.82640 5.49719   1.000 356.73345 ? 101 DT C OP1   1 
ATOM 381 O OP2   . DT C 3 3  ? 10.44644  -20.78029 5.09666   1.000 323.96598 ? 101 DT C OP2   1 
ATOM 382 O "O5'" . DT C 3 3  ? 12.45656  -20.59689 6.51566   1.000 343.87283 ? 101 DT C "O5'" 1 
ATOM 383 C "C5'" . DT C 3 3  ? 11.79464  -19.47897 7.05780   1.000 344.48623 ? 101 DT C "C5'" 1 
ATOM 384 C "C4'" . DT C 3 3  ? 12.58276  -18.85459 8.18505   1.000 345.63171 ? 101 DT C "C4'" 1 
ATOM 385 O "O4'" . DT C 3 3  ? 13.58201  -17.92958 7.65483   1.000 346.19093 ? 101 DT C "O4'" 1 
ATOM 386 C "C3'" . DT C 3 3  ? 11.73102  -18.01939 9.10975   1.000 329.71247 ? 101 DT C "C3'" 1 
ATOM 387 O "O3'" . DT C 3 3  ? 12.27376  -18.05014 10.40371  1.000 337.32973 ? 101 DT C "O3'" 1 
ATOM 388 C "C2'" . DT C 3 3  ? 11.84202  -16.64001 8.47491   1.000 317.58655 ? 101 DT C "C2'" 1 
ATOM 389 C "C1'" . DT C 3 3  ? 13.30536  -16.61396 8.11817   1.000 332.30712 ? 101 DT C "C1'" 1 
ATOM 390 N N1    . DT C 3 3  ? 13.70000  -15.63158 7.03016   1.000 326.17895 ? 101 DT C N1    1 
ATOM 391 C C2    . DT C 3 3  ? 14.67653  -14.68596 7.28601   1.000 331.22435 ? 101 DT C C2    1 
ATOM 392 O O2    . DT C 3 3  ? 15.21241  -14.55535 8.37036   1.000 340.04580 ? 101 DT C O2    1 
ATOM 393 N N3    . DT C 3 3  ? 14.98864  -13.88170 6.21518   1.000 326.44099 ? 101 DT C N3    1 
ATOM 394 C C4    . DT C 3 3  ? 14.45241  -13.93244 4.94509   1.000 317.62975 ? 101 DT C C4    1 
ATOM 395 O O4    . DT C 3 3  ? 14.80015  -13.16755 4.05172   1.000 315.34986 ? 101 DT C O4    1 
ATOM 396 C C5    . DT C 3 3  ? 13.45062  -14.94735 4.73997   1.000 312.57979 ? 101 DT C C5    1 
ATOM 397 C C7    . DT C 3 3  ? 12.79402  -15.09160 3.39712   1.000 304.05079 ? 101 DT C C7    1 
ATOM 398 C C6    . DT C 3 3  ? 13.12756  -15.73844 5.77926   1.000 316.90431 ? 101 DT C C6    1 
ATOM 399 P P     . DG C 3 4  ? 11.56564  -18.94187 11.53196  1.000 421.98272 ? 102 DG C P     1 
ATOM 400 O OP1   . DG C 3 4  ? 12.60134  -19.80726 12.13112  1.000 435.56292 ? 102 DG C OP1   1 
ATOM 401 O OP2   . DG C 3 4  ? 10.36253  -19.55393 10.92512  1.000 402.78707 ? 102 DG C OP2   1 
ATOM 402 O "O5'" . DG C 3 4  ? 11.08572  -17.86673 12.60907  1.000 401.18955 ? 102 DG C "O5'" 1 
ATOM 403 C "C5'" . DG C 3 4  ? 10.40128  -16.69697 12.17925  1.000 378.32807 ? 102 DG C "C5'" 1 
ATOM 404 C "C4'" . DG C 3 4  ? 11.09321  -15.44392 12.68879  1.000 378.88568 ? 102 DG C "C4'" 1 
ATOM 405 O "O4'" . DG C 3 4  ? 11.86295  -14.83409 11.61608  1.000 376.46732 ? 102 DG C "O4'" 1 
ATOM 406 C "C3'" . DG C 3 4  ? 10.15313  -14.35775 13.19264  1.000 361.38089 ? 102 DG C "C3'" 1 
ATOM 407 O "O3'" . DG C 3 4  ? 10.75559  -13.65389 14.26667  1.000 371.01164 ? 102 DG C "O3'" 1 
ATOM 408 C "C2'" . DG C 3 4  ? 9.97188   -13.46937 11.96679  1.000 344.35024 ? 102 DG C "C2'" 1 
ATOM 409 C "C1'" . DG C 3 4  ? 11.34283  -13.55120 11.30561  1.000 358.53786 ? 102 DG C "C1'" 1 
ATOM 410 N N9    . DG C 3 4  ? 11.28245  -13.42515 9.85007   1.000 308.85822 ? 102 DG C N9    1 
ATOM 411 C C8    . DG C 3 4  ? 10.38670  -14.04013 9.01492   1.000 301.25400 ? 102 DG C C8    1 
ATOM 412 N N7    . DG C 3 4  ? 10.57233  -13.76788 7.75451   1.000 295.60694 ? 102 DG C N7    1 
ATOM 413 C C5    . DG C 3 4  ? 11.63943  -12.88873 7.75113   1.000 299.44350 ? 102 DG C C5    1 
ATOM 414 C C6    . DG C 3 4  ? 12.26986  -12.24249 6.67061   1.000 297.29849 ? 102 DG C C6    1 
ATOM 415 O O6    . DG C 3 4  ? 11.99756  -12.33101 5.46502   1.000 291.50498 ? 102 DG C O6    1 
ATOM 416 N N1    . DG C 3 4  ? 13.31261  -11.43026 7.09677   1.000 303.76745 ? 102 DG C N1    1 
ATOM 417 C C2    . DG C 3 4  ? 13.69619  -11.26251 8.40798   1.000 311.34940 ? 102 DG C C2    1 
ATOM 418 N N2    . DG C 3 4  ? 14.72509  -10.43285 8.61870   1.000 317.46102 ? 102 DG C N2    1 
ATOM 419 N N3    . DG C 3 4  ? 13.11031  -11.86182 9.43681   1.000 313.72636 ? 102 DG C N3    1 
ATOM 420 C C4    . DG C 3 4  ? 12.09332  -12.65994 9.03555   1.000 307.46167 ? 102 DG C C4    1 
ATOM 421 P P     . DC C 3 5  ? 9.92705   -12.53698 15.07297  1.000 396.62749 ? 103 DC C P     1 
ATOM 422 O OP1   . DC C 3 5  ? 10.20930  -12.71318 16.51325  1.000 409.69469 ? 103 DC C OP1   1 
ATOM 423 O OP2   . DC C 3 5  ? 8.52620   -12.54259 14.59536  1.000 376.51445 ? 103 DC C OP2   1 
ATOM 424 O "O5'" . DC C 3 5  ? 10.58859  -11.17142 14.59444  1.000 395.90777 ? 103 DC C "O5'" 1 
ATOM 425 C "C5'" . DC C 3 5  ? 11.98645  -10.97403 14.72615  1.000 403.68533 ? 103 DC C "C5'" 1 
ATOM 426 C "C4'" . DC C 3 5  ? 12.36014  -9.59699  14.22944  1.000 391.96546 ? 103 DC C "C4'" 1 
ATOM 427 O "O4'" . DC C 3 5  ? 12.47946  -9.63050  12.78142  1.000 384.06801 ? 103 DC C "O4'" 1 
ATOM 428 C "C3'" . DC C 3 5  ? 11.32242  -8.52016  14.54651  1.000 373.96792 ? 103 DC C "C3'" 1 
ATOM 429 O "O3'" . DC C 3 5  ? 11.95496  -7.29733  14.87862  1.000 373.59582 ? 103 DC C "O3'" 1 
ATOM 430 C "C2'" . DC C 3 5  ? 10.54146  -8.40768  13.24706  1.000 356.44238 ? 103 DC C "C2'" 1 
ATOM 431 C "C1'" . DC C 3 5  ? 11.62821  -8.66124  12.21603  1.000 363.16931 ? 103 DC C "C1'" 1 
ATOM 432 N N1    . DC C 3 5  ? 11.08841  -9.18180  10.94096  1.000 322.36584 ? 103 DC C N1    1 
ATOM 433 C C2    . DC C 3 5  ? 11.54996  -8.66558  9.72507   1.000 318.27702 ? 103 DC C C2    1 
ATOM 434 O O2    . DC C 3 5  ? 12.42778  -7.79204  9.73142   1.000 322.51130 ? 103 DC C O2    1 
ATOM 435 N N3    . DC C 3 5  ? 11.02599  -9.14642  8.57205   1.000 310.71200 ? 103 DC C N3    1 
ATOM 436 C C4    . DC C 3 5  ? 10.07954  -10.08924 8.61128   1.000 307.19084 ? 103 DC C C4    1 
ATOM 437 N N4    . DC C 3 5  ? 9.59145   -10.53675 7.45318   1.000 301.88686 ? 103 DC C N4    1 
ATOM 438 C C5    . DC C 3 5  ? 9.59352   -10.61765 9.84047   1.000 311.09460 ? 103 DC C C5    1 
ATOM 439 C C6    . DC C 3 5  ? 10.11740  -10.13688 10.96806  1.000 318.74335 ? 103 DC C C6    1 
ATOM 440 P P     . DA C 3 6  ? 11.09340  -6.09516  15.50726  1.000 393.50921 ? 104 DA C P     1 
ATOM 441 O OP1   . DA C 3 6  ? 11.70354  -5.73933  16.80506  1.000 411.45962 ? 104 DA C OP1   1 
ATOM 442 O OP2   . DA C 3 6  ? 9.66127   -6.46365  15.44978  1.000 382.56095 ? 104 DA C OP2   1 
ATOM 443 O "O5'" . DA C 3 6  ? 11.34067  -4.88101  14.50121  1.000 381.14449 ? 104 DA C "O5'" 1 
ATOM 444 C "C5'" . DA C 3 6  ? 12.63119  -4.29383  14.41331  1.000 391.56696 ? 104 DA C "C5'" 1 
ATOM 445 C "C4'" . DA C 3 6  ? 12.74321  -3.40377  13.18906  1.000 380.49161 ? 104 DA C "C4'" 1 
ATOM 446 O "O4'" . DA C 3 6  ? 12.46440  -4.18500  12.00016  1.000 373.54861 ? 104 DA C "O4'" 1 
ATOM 447 C "C3'" . DA C 3 6  ? 11.77704  -2.22106  13.15595  1.000 363.84100 ? 104 DA C "C3'" 1 
ATOM 448 O "O3'" . DA C 3 6  ? 12.41325  -1.08307  12.58735  1.000 363.51802 ? 104 DA C "O3'" 1 
ATOM 449 C "C2'" . DA C 3 6  ? 10.64576  -2.72438  12.27006  1.000 348.19028 ? 104 DA C "C2'" 1 
ATOM 450 C "C1'" . DA C 3 6  ? 11.39431  -3.60820  11.28450  1.000 354.12638 ? 104 DA C "C1'" 1 
ATOM 451 N N9    . DA C 3 6  ? 10.57314  -4.68242  10.74850  1.000 324.02246 ? 104 DA C N9    1 
ATOM 452 C C8    . DA C 3 6  ? 10.02704  -5.72014  11.44597  1.000 325.72777 ? 104 DA C C8    1 
ATOM 453 N N7    . DA C 3 6  ? 9.32640   -6.54537  10.70675  1.000 319.22492 ? 104 DA C N7    1 
ATOM 454 C C5    . DA C 3 6  ? 9.41577   -6.00638  9.43236   1.000 314.00269 ? 104 DA C C5    1 
ATOM 455 C C6    . DA C 3 6  ? 8.88520   -6.41202  8.19236   1.000 307.88280 ? 104 DA C C6    1 
ATOM 456 N N6    . DA C 3 6  ? 8.12982   -7.50194  8.03992   1.000 305.35724 ? 104 DA C N6    1 
ATOM 457 N N1    . DA C 3 6  ? 9.16384   -5.64733  7.10997   1.000 305.45886 ? 104 DA C N1    1 
ATOM 458 C C2    . DA C 3 6  ? 9.92335   -4.55706  7.27317   1.000 308.92279 ? 104 DA C C2    1 
ATOM 459 N N3    . DA C 3 6  ? 10.47482  -4.07722  8.38883   1.000 314.36734 ? 104 DA C N3    1 
ATOM 460 C C4    . DA C 3 6  ? 10.18143  -4.85865  9.44243   1.000 316.66599 ? 104 DA C C4    1 
ATOM 461 P P     . DC C 3 7  ? 11.63839  0.32391   12.51497  1.000 370.38974 ? 105 DC C P     1 
ATOM 462 O OP1   . DC C 3 7  ? 12.66051  1.39348   12.52652  1.000 386.35936 ? 105 DC C OP1   1 
ATOM 463 O OP2   . DC C 3 7  ? 10.57224  0.31260   13.54153  1.000 362.98879 ? 105 DC C OP2   1 
ATOM 464 O "O5'" . DC C 3 7  ? 10.93389  0.30570   11.07816  1.000 354.99234 ? 105 DC C "O5'" 1 
ATOM 465 C "C5'" . DC C 3 7  ? 11.72459  0.40862   9.89905   1.000 357.00454 ? 105 DC C "C5'" 1 
ATOM 466 C "C4'" . DC C 3 7  ? 10.85120  0.48268   8.65639   1.000 341.56839 ? 105 DC C "C4'" 1 
ATOM 467 O "O4'" . DC C 3 7  ? 10.20496  -0.79914  8.42463   1.000 335.93328 ? 105 DC C "O4'" 1 
ATOM 468 C "C3'" . DC C 3 7  ? 9.71863   1.51483   8.70599   1.000 328.49791 ? 105 DC C "C3'" 1 
ATOM 469 O "O3'" . DC C 3 7  ? 9.60300   2.14198   7.43876   1.000 322.04797 ? 105 DC C "O3'" 1 
ATOM 470 C "C2'" . DC C 3 7  ? 8.49497   0.65050   9.00216   1.000 319.30366 ? 105 DC C "C2'" 1 
ATOM 471 C "C1'" . DC C 3 7  ? 8.83787   -0.57040  8.17431   1.000 320.82776 ? 105 DC C "C1'" 1 
ATOM 472 N N1    . DC C 3 7  ? 8.05872   -1.81242  8.50530   1.000 298.96065 ? 105 DC C N1    1 
ATOM 473 C C2    . DC C 3 7  ? 7.39744   -2.48604  7.47582   1.000 294.54578 ? 105 DC C C2    1 
ATOM 474 O O2    . DC C 3 7  ? 7.47080   -2.02723  6.32937   1.000 293.27565 ? 105 DC C O2    1 
ATOM 475 N N3    . DC C 3 7  ? 6.70124   -3.61856  7.76321   1.000 292.63147 ? 105 DC C N3    1 
ATOM 476 C C4    . DC C 3 7  ? 6.65469   -4.07374  9.01824   1.000 295.67079 ? 105 DC C C4    1 
ATOM 477 N N4    . DC C 3 7  ? 5.95320   -5.19346  9.25464   1.000 295.05892 ? 105 DC C N4    1 
ATOM 478 C C5    . DC C 3 7  ? 7.32576   -3.39857  10.08664  1.000 300.52634 ? 105 DC C C5    1 
ATOM 479 C C6    . DC C 3 7  ? 8.01268   -2.28382  9.78694   1.000 301.79616 ? 105 DC C C6    1 
ATOM 480 P P     . DT C 3 8  ? 9.00284   3.62534   7.31432   1.000 330.20453 ? 106 DT C P     1 
ATOM 481 O OP1   . DT C 3 8  ? 10.12198  4.52907   6.97619   1.000 347.55295 ? 106 DT C OP1   1 
ATOM 482 O OP2   . DT C 3 8  ? 8.17184   3.88648   8.50862   1.000 322.84059 ? 106 DT C OP2   1 
ATOM 483 O "O5'" . DT C 3 8  ? 8.02052   3.53507   6.06156   1.000 321.54068 ? 106 DT C "O5'" 1 
ATOM 484 C "C5'" . DT C 3 8  ? 8.37030   2.74134   4.93828   1.000 321.99671 ? 106 DT C "C5'" 1 
ATOM 485 C "C4'" . DT C 3 8  ? 7.13516   2.37778   4.13839   1.000 307.90618 ? 106 DT C "C4'" 1 
ATOM 486 O "O4'" . DT C 3 8  ? 6.60319   1.10411   4.60797   1.000 301.63399 ? 106 DT C "O4'" 1 
ATOM 487 C "C3'" . DT C 3 8  ? 5.97437   3.37047   4.26040   1.000 297.66800 ? 106 DT C "C3'" 1 
ATOM 488 O "O3'" . DT C 3 8  ? 5.22553   3.36493   3.05974   1.000 289.64249 ? 106 DT C "O3'" 1 
ATOM 489 C "C2'" . DT C 3 8  ? 5.16205   2.74066   5.37997   1.000 290.35465 ? 106 DT C "C2'" 1 
ATOM 490 C "C1'" . DT C 3 8  ? 5.24529   1.29379   4.93342   1.000 289.30740 ? 106 DT C "C1'" 1 
ATOM 491 N N1    . DT C 3 8  ? 4.81844   0.29778   5.95993   1.000 287.21465 ? 106 DT C N1    1 
ATOM 492 C C2    . DT C 3 8  ? 4.10596   -0.81089  5.55688   1.000 283.06927 ? 106 DT C C2    1 
ATOM 493 O O2    . DT C 3 8  ? 3.81343   -1.03071  4.39319   1.000 280.75336 ? 106 DT C O2    1 
ATOM 494 N N3    . DT C 3 8  ? 3.75208   -1.66412  6.57035   1.000 282.92113 ? 106 DT C N3    1 
ATOM 495 C C4    . DT C 3 8  ? 4.02302   -1.52364  7.91628   1.000 286.39739 ? 106 DT C C4    1 
ATOM 496 O O4    . DT C 3 8  ? 3.65829   -2.35291  8.74986   1.000 287.13914 ? 106 DT C O4    1 
ATOM 497 C C5    . DT C 3 8  ? 4.76648   -0.33528  8.27404   1.000 290.21897 ? 106 DT C C5    1 
ATOM 498 C C7    . DT C 3 8  ? 5.11905   -0.07404  9.70694   1.000 294.94159 ? 106 DT C C7    1 
ATOM 499 C C6    . DT C 3 8  ? 5.12153   0.51137   7.28993   1.000 290.43134 ? 106 DT C C6    1 
ATOM 500 P P     . DG C 3 9  ? 5.44606   4.48240   1.92844   1.000 289.88321 ? 107 DG C P     1 
ATOM 501 O OP1   . DG C 3 9  ? 6.85066   4.37877   1.47605   1.000 303.05713 ? 107 DG C OP1   1 
ATOM 502 O OP2   . DG C 3 9  ? 4.92353   5.77595   2.43079   1.000 286.49895 ? 107 DG C OP2   1 
ATOM 503 O "O5'" . DG C 3 9  ? 4.50676   3.96737   0.74024   1.000 288.64939 ? 107 DG C "O5'" 1 
ATOM 504 C "C5'" . DG C 3 9  ? 4.67879   2.64292   0.24367   1.000 283.75354 ? 107 DG C "C5'" 1 
ATOM 505 C "C4'" . DG C 3 9  ? 3.36453   2.04130   -0.24019  1.000 278.28432 ? 107 DG C "C4'" 1 
ATOM 506 O "O4'" . DG C 3 9  ? 2.80724   1.16449   0.77047   1.000 268.80837 ? 107 DG C "O4'" 1 
ATOM 507 C "C3'" . DG C 3 9  ? 2.25766   3.02327   -0.58973  1.000 274.28107 ? 107 DG C "C3'" 1 
ATOM 508 O "O3'" . DG C 3 9  ? 1.49770   2.47802   -1.66845  1.000 273.69344 ? 107 DG C "O3'" 1 
ATOM 509 C "C2'" . DG C 3 9  ? 1.44862   3.09893   0.71119   1.000 262.76487 ? 107 DG C "C2'" 1 
ATOM 510 C "C1'" . DG C 3 9  ? 1.56778   1.67313   1.24170   1.000 259.09593 ? 107 DG C "C1'" 1 
ATOM 511 N N9    . DG C 3 9  ? 1.59449   1.56535   2.69739   1.000 256.17697 ? 107 DG C N9    1 
ATOM 512 C C8    . DG C 3 9  ? 2.29502   2.35426   3.57312   1.000 260.25944 ? 107 DG C C8    1 
ATOM 513 N N7    . DG C 3 9  ? 2.15619   1.99584   4.82170   1.000 259.09888 ? 107 DG C N7    1 
ATOM 514 C C5    . DG C 3 9  ? 1.34009   0.87843   4.76713   1.000 254.32938 ? 107 DG C C5    1 
ATOM 515 C C6    . DG C 3 9  ? 0.85067   0.05389   5.80919   1.000 252.38269 ? 107 DG C C6    1 
ATOM 516 O O6    . DG C 3 9  ? 1.05575   0.14940   7.02800   1.000 254.85728 ? 107 DG C O6    1 
ATOM 517 N N1    . DG C 3 9  ? 0.04703   -0.97200  5.31653   1.000 248.37899 ? 107 DG C N1    1 
ATOM 518 C C2    . DG C 3 9  ? -0.24434  -1.16927  3.98484   1.000 246.62053 ? 107 DG C C2    1 
ATOM 519 N N2    . DG C 3 9  ? -1.03710  -2.20936  3.69428   1.000 243.56972 ? 107 DG C N2    1 
ATOM 520 N N3    . DG C 3 9  ? 0.20871   -0.40376  3.00320   1.000 248.51304 ? 107 DG C N3    1 
ATOM 521 C C4    . DG C 3 9  ? 0.99047   0.59575   3.46484   1.000 252.45909 ? 107 DG C C4    1 
ATOM 522 P P     . DT C 3 10 ? 0.16730   3.19875   -2.20120  1.000 276.62413 ? 108 DT C P     1 
ATOM 523 O OP1   . DT C 3 10 ? 0.00555   2.82328   -3.62656  1.000 281.36370 ? 108 DT C OP1   1 
ATOM 524 O OP2   . DT C 3 10 ? 0.23107   4.62876   -1.81709  1.000 276.03865 ? 108 DT C OP2   1 
ATOM 525 O "O5'" . DT C 3 10 ? -0.99488  2.49394   -1.35841  1.000 264.87679 ? 108 DT C "O5'" 1 
ATOM 526 C "C5'" . DT C 3 10 ? -1.05289  1.06973   -1.27412  1.000 263.62795 ? 108 DT C "C5'" 1 
ATOM 527 C "C4'" . DT C 3 10 ? -2.39570  0.61634   -0.72259  1.000 253.27663 ? 108 DT C "C4'" 1 
ATOM 528 O "O4'" . DT C 3 10 ? -2.28184  0.34842   0.70026   1.000 248.37868 ? 108 DT C "O4'" 1 
ATOM 529 C "C3'" . DT C 3 10 ? -3.53298  1.62930   -0.87558  1.000 248.19573 ? 108 DT C "C3'" 1 
ATOM 530 O "O3'" . DT C 3 10 ? -4.74719  0.95797   -1.24650  1.000 242.30351 ? 108 DT C "O3'" 1 
ATOM 531 C "C2'" . DT C 3 10 ? -3.62716  2.24693   0.52268   1.000 242.81948 ? 108 DT C "C2'" 1 
ATOM 532 C "C1'" . DT C 3 10 ? -3.29012  1.04861   1.39722   1.000 240.66404 ? 108 DT C "C1'" 1 
ATOM 533 N N1    . DT C 3 10 ? -2.75308  1.39343   2.75472   1.000 237.89955 ? 108 DT C N1    1 
ATOM 534 C C2    . DT C 3 10 ? -3.09298  0.60621   3.83319   1.000 236.39244 ? 108 DT C C2    1 
ATOM 535 O O2    . DT C 3 10 ? -3.83473  -0.35244  3.75054   1.000 233.72939 ? 108 DT C O2    1 
ATOM 536 N N3    . DT C 3 10 ? -2.53019  0.98689   5.02242   1.000 239.37280 ? 108 DT C N3    1 
ATOM 537 C C4    . DT C 3 10 ? -1.68094  2.04809   5.24394   1.000 243.69413 ? 108 DT C C4    1 
ATOM 538 O O4    . DT C 3 10 ? -1.22895  2.30884   6.35638   1.000 248.38471 ? 108 DT C O4    1 
ATOM 539 C C5    . DT C 3 10 ? -1.35671  2.83041   4.07345   1.000 244.40795 ? 108 DT C C5    1 
ATOM 540 C C7    . DT C 3 10 ? -0.44460  4.01456   4.19147   1.000 249.63232 ? 108 DT C C7    1 
ATOM 541 C C6    . DT C 3 10 ? -1.89957  2.46766   2.89688   1.000 241.91310 ? 108 DT C C6    1 
ATOM 542 P P     . DG C 3 11 ? -4.90310  0.27695   -2.70064  1.000 252.39325 ? 109 DG C P     1 
ATOM 543 O OP1   . DG C 3 11 ? -5.21311  -1.15699  -2.50337  1.000 249.75370 ? 109 DG C OP1   1 
ATOM 544 O OP2   . DG C 3 11 ? -3.74385  0.66198   -3.54129  1.000 260.46598 ? 109 DG C OP2   1 
ATOM 545 O "O5'" . DG C 3 11 ? -6.18738  0.99846   -3.31874  1.000 246.51506 ? 109 DG C "O5'" 1 
ATOM 546 C "C5'" . DG C 3 11 ? -6.10732  2.36465   -3.66322  1.000 247.79267 ? 109 DG C "C5'" 1 
ATOM 547 C "C4'" . DG C 3 11 ? -7.42880  2.88587   -4.18558  1.000 240.06208 ? 109 DG C "C4'" 1 
ATOM 548 O "O4'" . DG C 3 11 ? -7.34325  4.32605   -4.28217  1.000 240.02471 ? 109 DG C "O4'" 1 
ATOM 549 C "C3'" . DG C 3 11 ? -7.82994  2.37396   -5.57155  1.000 235.92860 ? 109 DG C "C3'" 1 
ATOM 550 O "O3'" . DG C 3 11 ? -8.86299  1.39792   -5.44231  1.000 230.22392 ? 109 DG C "O3'" 1 
ATOM 551 C "C2'" . DG C 3 11 ? -8.34783  3.62009   -6.28378  1.000 232.19881 ? 109 DG C "C2'" 1 
ATOM 552 C "C1'" . DG C 3 11 ? -7.58398  4.73938   -5.60104  1.000 237.06896 ? 109 DG C "C1'" 1 
ATOM 553 N N9    . DG C 3 11 ? -6.31378  5.06567   -6.23910  1.000 244.09625 ? 109 DG C N9    1 
ATOM 554 C C8    . DG C 3 11 ? -5.04753  4.73503   -5.81452  1.000 253.06933 ? 109 DG C C8    1 
ATOM 555 N N7    . DG C 3 11 ? -4.10389  5.18050   -6.60026  1.000 258.57846 ? 109 DG C N7    1 
ATOM 556 C C5    . DG C 3 11 ? -4.79164  5.84992   -7.60494  1.000 252.34466 ? 109 DG C C5    1 
ATOM 557 C C6    . DG C 3 11 ? -4.30823  6.54201   -8.74251  1.000 255.99122 ? 109 DG C C6    1 
ATOM 558 O O6    . DG C 3 11 ? -3.13149  6.70608   -9.10316  1.000 264.16141 ? 109 DG C O6    1 
ATOM 559 N N1    . DG C 3 11 ? -5.35539  7.07598   -9.50084  1.000 253.77867 ? 109 DG C N1    1 
ATOM 560 C C2    . DG C 3 11 ? -6.69409  6.95227   -9.19142  1.000 245.93138 ? 109 DG C C2    1 
ATOM 561 N N2    . DG C 3 11 ? -7.56421  7.52845   -10.03652 1.000 246.00108 ? 109 DG C N2    1 
ATOM 562 N N3    . DG C 3 11 ? -7.15191  6.30855   -8.13156  1.000 239.65365 ? 109 DG C N3    1 
ATOM 563 C C4    . DG C 3 11 ? -6.15139  5.78644   -7.38869  1.000 243.07597 ? 109 DG C C4    1 
ATOM 564 P P     . DG C 3 12 ? -9.13645  0.32794   -6.61241  1.000 237.79681 ? 110 DG C P     1 
ATOM 565 O OP1   . DG C 3 12 ? -10.40385 -0.36507  -6.28756  1.000 232.40946 ? 110 DG C OP1   1 
ATOM 566 O OP2   . DG C 3 12 ? -7.90081  -0.46884  -6.78634  1.000 245.16665 ? 110 DG C OP2   1 
ATOM 567 O "O5'" . DG C 3 12 ? -9.37079  1.22042   -7.92816  1.000 235.09779 ? 110 DG C "O5'" 1 
ATOM 568 C "C5'" . DG C 3 12 ? -10.70222 1.47627   -8.39340  1.000 230.93797 ? 110 DG C "C5'" 1 
ATOM 569 C "C4'" . DG C 3 12 ? -10.71807 2.52710   -9.49808  1.000 235.32994 ? 110 DG C "C4'" 1 
ATOM 570 O "O4'" . DG C 3 12 ? -9.76202  3.57054   -9.19306  1.000 240.70394 ? 110 DG C "O4'" 1 
ATOM 571 C "C3'" . DG C 3 12 ? -10.33240 2.02809   -10.88576 1.000 239.41485 ? 110 DG C "C3'" 1 
ATOM 572 O "O3'" . DG C 3 12 ? -11.48456 1.50568   -11.55781 1.000 239.26461 ? 110 DG C "O3'" 1 
ATOM 573 C "C2'" . DG C 3 12 ? -9.83544  3.30563   -11.55387 1.000 245.91108 ? 110 DG C "C2'" 1 
ATOM 574 C "C1'" . DG C 3 12 ? -9.17814  4.04836   -10.39101 1.000 247.48168 ? 110 DG C "C1'" 1 
ATOM 575 N N9    . DG C 3 12 ? -7.73474  3.85868   -10.31440 1.000 252.16785 ? 110 DG C N9    1 
ATOM 576 C C8    . DG C 3 12 ? -7.03509  3.16345   -9.35714  1.000 251.92258 ? 110 DG C C8    1 
ATOM 577 N N7    . DG C 3 12 ? -5.74405  3.17499   -9.54650  1.000 257.96579 ? 110 DG C N7    1 
ATOM 578 C C5    . DG C 3 12 ? -5.57938  3.92555   -10.70352 1.000 262.59756 ? 110 DG C C5    1 
ATOM 579 C C6    . DG C 3 12 ? -4.40115  4.28178   -11.40029 1.000 271.03068 ? 110 DG C C6    1 
ATOM 580 O O6    . DG C 3 12 ? -3.22821  3.99441   -11.12346 1.000 276.02778 ? 110 DG C O6    1 
ATOM 581 N N1    . DG C 3 12 ? -4.68462  5.05190   -12.52653 1.000 274.84015 ? 110 DG C N1    1 
ATOM 582 C C2    . DG C 3 12 ? -5.94693  5.42825   -12.92487 1.000 271.33337 ? 110 DG C C2    1 
ATOM 583 N N2    . DG C 3 12 ? -6.02629  6.16774   -14.03808 1.000 280.22211 ? 110 DG C N2    1 
ATOM 584 N N3    . DG C 3 12 ? -7.05572  5.10120   -12.28113 1.000 263.02397 ? 110 DG C N3    1 
ATOM 585 C C4    . DG C 3 12 ? -6.79723  4.35235   -11.18540 1.000 259.17756 ? 110 DG C C4    1 
ATOM 586 P P     . DT C 3 13 ? -11.38659 0.16688   -12.44333 1.000 274.13328 ? 111 DT C P     1 
ATOM 587 O OP1   . DT C 3 13 ? -12.75546 -0.38275  -12.56590 1.000 269.48321 ? 111 DT C OP1   1 
ATOM 588 O OP2   . DT C 3 13 ? -10.30382 -0.67046  -11.88555 1.000 279.36118 ? 111 DT C OP2   1 
ATOM 589 O "O5'" . DT C 3 13 ? -10.90635 0.68263   -13.87654 1.000 280.59606 ? 111 DT C "O5'" 1 
ATOM 590 C "C5'" . DT C 3 13 ? -11.61692 1.71911   -14.52903 1.000 284.56688 ? 111 DT C "C5'" 1 
ATOM 591 C "C4'" . DT C 3 13 ? -10.69992 2.49484   -15.45251 1.000 296.33288 ? 111 DT C "C4'" 1 
ATOM 592 O "O4'" . DT C 3 13 ? -9.61126  3.05533   -14.68838 1.000 296.91051 ? 111 DT C "O4'" 1 
ATOM 593 C "C3'" . DT C 3 13 ? -10.01434 1.66048   -16.51268 1.000 302.77534 ? 111 DT C "C3'" 1 
ATOM 594 O "O3'" . DT C 3 13 ? -10.89094 1.46673   -17.64682 1.000 310.18600 ? 111 DT C "O3'" 1 
ATOM 595 C "C2'" . DT C 3 13 ? -8.78634  2.50382   -16.84879 1.000 311.31801 ? 111 DT C "C2'" 1 
ATOM 596 C "C1'" . DT C 3 13 ? -8.48690  3.22338   -15.53299 1.000 307.69982 ? 111 DT C "C1'" 1 
ATOM 597 N N1    . DT C 3 13 ? -7.27157  2.70036   -14.85043 1.000 273.24602 ? 111 DT C N1    1 
ATOM 598 C C2    . DT C 3 13 ? -6.03598  3.06017   -15.33414 1.000 281.98151 ? 111 DT C C2    1 
ATOM 599 O O2    . DT C 3 13 ? -5.88429  3.79852   -16.29053 1.000 289.54451 ? 111 DT C O2    1 
ATOM 600 N N3    . DT C 3 13 ? -4.97435  2.53103   -14.65524 1.000 282.65152 ? 111 DT C N3    1 
ATOM 601 C C4    . DT C 3 13 ? -5.02480  1.68415   -13.56033 1.000 276.26821 ? 111 DT C C4    1 
ATOM 602 O O4    . DT C 3 13 ? -4.01020  1.25903   -13.01604 1.000 280.20496 ? 111 DT C O4    1 
ATOM 603 C C5    . DT C 3 13 ? -6.35468  1.33837   -13.10509 1.000 267.97385 ? 111 DT C C5    1 
ATOM 604 C C7    . DT C 3 13 ? -6.53655  0.42875   -11.92668 1.000 264.05223 ? 111 DT C C7    1 
ATOM 605 C C6    . DT C 3 13 ? -7.40258  1.85499   -13.76767 1.000 266.11574 ? 111 DT C C6    1 
ATOM 606 P P     . DG C 3 14 ? -10.78941 2.37437   -18.97679 1.000 332.76576 ? 112 DG C P     1 
ATOM 607 O OP1   . DG C 3 14 ? -10.75278 3.81063   -18.61089 1.000 334.01237 ? 112 DG C OP1   1 
ATOM 608 O OP2   . DG C 3 14 ? -11.88289 1.91083   -19.85835 1.000 338.31015 ? 112 DG C OP2   1 
ATOM 609 O "O5'" . DG C 3 14 ? -9.39864  1.94402   -19.65504 1.000 341.20888 ? 112 DG C "O5'" 1 
ATOM 610 C "C5'" . DG C 3 14 ? -9.09149  2.35301   -20.98782 1.000 355.24488 ? 112 DG C "C5'" 1 
ATOM 611 C "C4'" . DG C 3 14 ? -7.68303  2.92864   -21.08637 1.000 366.98589 ? 112 DG C "C4'" 1 
ATOM 612 O "O4'" . DG C 3 14 ? -6.97875  2.74911   -19.83113 1.000 360.24766 ? 112 DG C "O4'" 1 
ATOM 613 C "C3'" . DG C 3 14 ? -6.79808  2.30434   -22.16926 1.000 376.81935 ? 112 DG C "C3'" 1 
ATOM 614 O "O3'" . DG C 3 14 ? -6.13583  3.32696   -22.90176 1.000 391.11197 ? 112 DG C "O3'" 1 
ATOM 615 C "C2'" . DG C 3 14 ? -5.80786  1.44822   -21.37655 1.000 378.71674 ? 112 DG C "C2'" 1 
ATOM 616 C "C1'" . DG C 3 14 ? -5.68979  2.23286   -20.08048 1.000 367.71715 ? 112 DG C "C1'" 1 
ATOM 617 N N9    . DG C 3 14 ? -5.30738  1.41436   -18.93437 1.000 318.28638 ? 112 DG C N9    1 
ATOM 618 C C8    . DG C 3 14 ? -6.15956  0.79213   -18.05852 1.000 305.89241 ? 112 DG C C8    1 
ATOM 619 N N7    . DG C 3 14 ? -5.55291  0.12732   -17.11841 1.000 301.23885 ? 112 DG C N7    1 
ATOM 620 C C5    . DG C 3 14 ? -4.20546  0.31833   -17.38121 1.000 310.90396 ? 112 DG C C5    1 
ATOM 621 C C6    . DG C 3 14 ? -3.07043  -0.17018  -16.69310 1.000 312.20234 ? 112 DG C C6    1 
ATOM 622 O O6    . DG C 3 14 ? -3.03496  -0.89122  -15.68124 1.000 304.86870 ? 112 DG C O6    1 
ATOM 623 N N1    . DG C 3 14 ? -1.88781  0.25679   -17.28908 1.000 324.57035 ? 112 DG C N1    1 
ATOM 624 C C2    . DG C 3 14 ? -1.81103  1.05001   -18.41046 1.000 334.73513 ? 112 DG C C2    1 
ATOM 625 N N2    . DG C 3 14 ? -0.57567  1.35307   -18.82718 1.000 347.11762 ? 112 DG C N2    1 
ATOM 626 N N3    . DG C 3 14 ? -2.86775  1.51861   -19.06847 1.000 333.91646 ? 112 DG C N3    1 
ATOM 627 C C4    . DG C 3 14 ? -4.03099  1.11233   -18.49872 1.000 321.54750 ? 112 DG C C4    1 
ATOM 628 P P     . DC D 4 1  ? -11.53011 11.95383  8.77918   1.000 235.95842 ? 113 DC D P     1 
ATOM 629 O OP1   . DC D 4 1  ? -12.44115 11.60839  7.66347   1.000 227.56957 ? 113 DC D OP1   1 
ATOM 630 O OP2   . DC D 4 1  ? -10.43808 12.92551  8.55551   1.000 236.61454 ? 113 DC D OP2   1 
ATOM 631 O "O5'" . DC D 4 1  ? -10.89351 10.62023  9.40433   1.000 242.27792 ? 113 DC D "O5'" 1 
ATOM 632 C "C5'" . DC D 4 1  ? -10.73280 10.50780  10.82148  1.000 251.20721 ? 113 DC D "C5'" 1 
ATOM 633 C "C4'" . DC D 4 1  ? -10.40723 9.07695   11.23834  1.000 256.98294 ? 113 DC D "C4'" 1 
ATOM 634 O "O4'" . DC D 4 1  ? -11.24678 8.12910   10.52531  1.000 252.44342 ? 113 DC D "O4'" 1 
ATOM 635 C "C3'" . DC D 4 1  ? -8.95940  8.64389   10.98726  1.000 259.96969 ? 113 DC D "C3'" 1 
ATOM 636 O "O3'" . DC D 4 1  ? -8.38444  8.14862   12.19216  1.000 271.44111 ? 113 DC D "O3'" 1 
ATOM 637 C "C2'" . DC D 4 1  ? -9.07814  7.55115   9.92314   1.000 258.18932 ? 113 DC D "C2'" 1 
ATOM 638 C "C1'" . DC D 4 1  ? -10.47341 7.00630   10.17310  1.000 257.53592 ? 113 DC D "C1'" 1 
ATOM 639 N N1    . DC D 4 1  ? -11.06788 6.37675   8.96172   1.000 252.85511 ? 113 DC D N1    1 
ATOM 640 C C2    . DC D 4 1  ? -11.74664 5.15146   9.05643   1.000 255.75413 ? 113 DC D C2    1 
ATOM 641 O O2    . DC D 4 1  ? -11.85696 4.59141   10.15237  1.000 262.19427 ? 113 DC D O2    1 
ATOM 642 N N3    . DC D 4 1  ? -12.26608 4.60614   7.92671   1.000 252.63111 ? 113 DC D N3    1 
ATOM 643 C C4    . DC D 4 1  ? -12.12827 5.22533   6.75767   1.000 246.95074 ? 113 DC D C4    1 
ATOM 644 N N4    . DC D 4 1  ? -12.65974 4.64687   5.67440   1.000 245.30430 ? 113 DC D N4    1 
ATOM 645 C C5    . DC D 4 1  ? -11.43989 6.46691   6.64334   1.000 243.80871 ? 113 DC D C5    1 
ATOM 646 C C6    . DC D 4 1  ? -10.92995 6.99830   7.75705   1.000 246.81523 ? 113 DC D C6    1 
ATOM 647 P P     . DG D 4 2  ? -7.76929  9.17329   13.26743  1.000 255.91787 ? 114 DG D P     1 
ATOM 648 O OP1   . DG D 4 2  ? -8.86520  10.04474  13.75398  1.000 255.64504 ? 114 DG D OP1   1 
ATOM 649 O OP2   . DG D 4 2  ? -6.54840  9.75819   12.65704  1.000 255.67995 ? 114 DG D OP2   1 
ATOM 650 O "O5'" . DG D 4 2  ? -7.32787  8.23549   14.48130  1.000 266.45875 ? 114 DG D "O5'" 1 
ATOM 651 C "C5'" . DG D 4 2  ? -6.39843  7.19686   14.25974  1.000 270.82064 ? 114 DG D "C5'" 1 
ATOM 652 C "C4'" . DG D 4 2  ? -6.90148  5.89371   14.84063  1.000 274.87578 ? 114 DG D "C4'" 1 
ATOM 653 O "O4'" . DG D 4 2  ? -7.67400  5.18830   13.84626  1.000 265.34687 ? 114 DG D "O4'" 1 
ATOM 654 C "C3'" . DG D 4 2  ? -5.81650  4.91521   15.19735  1.000 284.84381 ? 114 DG D "C3'" 1 
ATOM 655 O "O3'" . DG D 4 2  ? -6.36080  3.92274   16.03371  1.000 291.32511 ? 114 DG D "O3'" 1 
ATOM 656 C "C2'" . DG D 4 2  ? -5.45212  4.35668   13.82151  1.000 277.68332 ? 114 DG D "C2'" 1 
ATOM 657 C "C1'" . DG D 4 2  ? -6.82407  4.28938   13.14552  1.000 266.42512 ? 114 DG D "C1'" 1 
ATOM 658 N N9    . DG D 4 2  ? -6.82934  4.68026   11.73680  1.000 257.52383 ? 114 DG D N9    1 
ATOM 659 C C8    . DG D 4 2  ? -6.14315  5.71850   11.14954  1.000 254.50853 ? 114 DG D C8    1 
ATOM 660 N N7    . DG D 4 2  ? -6.37407  5.83334   9.86832   1.000 249.30423 ? 114 DG D N7    1 
ATOM 661 C C5    . DG D 4 2  ? -7.28016  4.81391   9.59442   1.000 248.33789 ? 114 DG D C5    1 
ATOM 662 C C6    . DG D 4 2  ? -7.90444  4.44118   8.37601   1.000 244.35979 ? 114 DG D C6    1 
ATOM 663 O O6    . DG D 4 2  ? -7.77330  4.95029   7.25634   1.000 240.67138 ? 114 DG D O6    1 
ATOM 664 N N1    . DG D 4 2  ? -8.75698  3.35158   8.54637   1.000 245.97588 ? 114 DG D N1    1 
ATOM 665 C C2    . DG D 4 2  ? -8.97769  2.71163   9.74110   1.000 250.97833 ? 114 DG D C2    1 
ATOM 666 N N2    . DG D 4 2  ? -9.83049  1.68028   9.71716   1.000 252.98212 ? 114 DG D N2    1 
ATOM 667 N N3    . DG D 4 2  ? -8.40469  3.05253   10.88441  1.000 255.11831 ? 114 DG D N3    1 
ATOM 668 C C4    . DG D 4 2  ? -7.57355  4.10627   10.73732  1.000 253.16559 ? 114 DG D C4    1 
ATOM 669 P P     . DG D 4 3  ? -5.39393  2.93461   16.84101  1.000 281.56536 ? 115 DG D P     1 
ATOM 670 O OP1   . DG D 4 3  ? -5.99708  2.68893   18.16960  1.000 291.86199 ? 115 DG D OP1   1 
ATOM 671 O OP2   . DG D 4 3  ? -4.01682  3.46445   16.74137  1.000 286.57196 ? 115 DG D OP2   1 
ATOM 672 O "O5'" . DG D 4 3  ? -5.44840  1.59184   15.98894  1.000 275.82839 ? 115 DG D "O5'" 1 
ATOM 673 C "C5'" . DG D 4 3  ? -6.61063  0.78074   16.01022  1.000 278.76023 ? 115 DG D "C5'" 1 
ATOM 674 C "C4'" . DG D 4 3  ? -6.39606  -0.42938  15.13271  1.000 278.13636 ? 115 DG D "C4'" 1 
ATOM 675 O "O4'" . DG D 4 3  ? -6.46679  -0.00162  13.75665  1.000 266.63982 ? 115 DG D "O4'" 1 
ATOM 676 C "C3'" . DG D 4 3  ? -5.03164  -1.08712  15.33316  1.000 288.56909 ? 115 DG D "C3'" 1 
ATOM 677 O "O3'" . DG D 4 3  ? -5.12973  -2.43804  15.91557  1.000 298.92183 ? 115 DG D "O3'" 1 
ATOM 678 C "C2'" . DG D 4 3  ? -4.34116  -1.06279  13.96589  1.000 281.80647 ? 115 DG D "C2'" 1 
ATOM 679 C "C1'" . DG D 4 3  ? -5.39207  -0.50627  13.00699  1.000 269.75168 ? 115 DG D "C1'" 1 
ATOM 680 N N9    . DG D 4 3  ? -4.88823  0.56703   12.16673  1.000 263.10881 ? 115 DG D N9    1 
ATOM 681 C C8    . DG D 4 3  ? -3.98065  1.53930   12.51383  1.000 264.19392 ? 115 DG D C8    1 
ATOM 682 N N7    . DG D 4 3  ? -3.71908  2.37074   11.54539  1.000 258.22645 ? 115 DG D N7    1 
ATOM 683 C C5    . DG D 4 3  ? -4.50946  1.92052   10.49307  1.000 252.70348 ? 115 DG D C5    1 
ATOM 684 C C6    . DG D 4 3  ? -4.65346  2.42204   9.17999   1.000 246.59838 ? 115 DG D C6    1 
ATOM 685 O O6    . DG D 4 3  ? -4.09123  3.39501   8.66826   1.000 244.38398 ? 115 DG D O6    1 
ATOM 686 N N1    . DG D 4 3  ? -5.55884  1.66758   8.43542   1.000 243.91865 ? 115 DG D N1    1 
ATOM 687 C C2    . DG D 4 3  ? -6.23908  0.57269   8.90287   1.000 251.89505 ? 115 DG D C2    1 
ATOM 688 N N2    . DG D 4 3  ? -7.06607  -0.02502  8.03176   1.000 254.78222 ? 115 DG D N2    1 
ATOM 689 N N3    . DG D 4 3  ? -6.11068  0.08927   10.12932  1.000 256.87754 ? 115 DG D N3    1 
ATOM 690 C C4    . DG D 4 3  ? -5.23438  0.81362   10.86588  1.000 255.62252 ? 115 DG D C4    1 
ATOM 691 P P     . DA D 4 4  ? -6.21174  -3.53707  15.43693  1.000 270.09249 ? 116 DA D P     1 
ATOM 692 O OP1   . DA D 4 4  ? -7.53250  -3.20658  16.01491  1.000 269.51637 ? 116 DA D OP1   1 
ATOM 693 O OP2   . DA D 4 4  ? -5.62635  -4.85964  15.75632  1.000 283.71714 ? 116 DA D OP2   1 
ATOM 694 O "O5'" . DA D 4 4  ? -6.24897  -3.40148  13.84310  1.000 263.49749 ? 116 DA D "O5'" 1 
ATOM 695 C "C5'" . DA D 4 4  ? -7.36753  -3.87044  13.11125  1.000 258.96498 ? 116 DA D "C5'" 1 
ATOM 696 C "C4'" . DA D 4 4  ? -6.92540  -4.51696  11.81119  1.000 267.45907 ? 116 DA D "C4'" 1 
ATOM 697 O "O4'" . DA D 4 4  ? -6.30355  -3.52899  10.95355  1.000 264.54593 ? 116 DA D "O4'" 1 
ATOM 698 C "C3'" . DA D 4 4  ? -5.92616  -5.65919  11.97074  1.000 283.23383 ? 116 DA D "C3'" 1 
ATOM 699 O "O3'" . DA D 4 4  ? -6.43938  -6.82342  11.32487  1.000 286.82827 ? 116 DA D "O3'" 1 
ATOM 700 C "C2'" . DA D 4 4  ? -4.63078  -5.13698  11.32054  1.000 290.27615 ? 116 DA D "C2'" 1 
ATOM 701 C "C1'" . DA D 4 4  ? -5.12577  -4.04718  10.37791  1.000 278.37260 ? 116 DA D "C1'" 1 
ATOM 702 N N9    . DA D 4 4  ? -4.20361  -2.92726  10.23247  1.000 275.90863 ? 116 DA D N9    1 
ATOM 703 C C8    . DA D 4 4  ? -3.36789  -2.42179  11.18403  1.000 276.71233 ? 116 DA D C8    1 
ATOM 704 N N7    . DA D 4 4  ? -2.68140  -1.37747  10.78824  1.000 271.77079 ? 116 DA D N7    1 
ATOM 705 C C5    . DA D 4 4  ? -3.09964  -1.18256  9.48290   1.000 267.97330 ? 116 DA D C5    1 
ATOM 706 C C6    . DA D 4 4  ? -2.74583  -0.23330  8.50068   1.000 261.09594 ? 116 DA D C6    1 
ATOM 707 N N6    . DA D 4 4  ? -1.84552  0.73570   8.70178   1.000 255.55345 ? 116 DA D N6    1 
ATOM 708 N N1    . DA D 4 4  ? -3.35674  -0.32061  7.29966   1.000 258.83273 ? 116 DA D N1    1 
ATOM 709 C C2    . DA D 4 4  ? -4.25457  -1.29243  7.10232   1.000 263.86047 ? 116 DA D C2    1 
ATOM 710 N N3    . DA D 4 4  ? -4.66891  -2.23612  7.94669   1.000 269.58650 ? 116 DA D N3    1 
ATOM 711 C C4    . DA D 4 4  ? -4.04650  -2.12438  9.12908   1.000 271.19426 ? 116 DA D C4    1 
ATOM 712 P P     . DC D 4 5  ? -5.54452  -8.14580  11.15536  1.000 269.77090 ? 117 DC D P     1 
ATOM 713 O OP1   . DC D 4 5  ? -6.48246  -9.28190  11.01671  1.000 268.34167 ? 117 DC D OP1   1 
ATOM 714 O OP2   . DC D 4 5  ? -4.52165  -8.16927  12.22742  1.000 278.62473 ? 117 DC D OP2   1 
ATOM 715 O "O5'" . DC D 4 5  ? -4.83701  -7.92290  9.73970   1.000 275.24705 ? 117 DC D "O5'" 1 
ATOM 716 C "C5'" . DC D 4 5  ? -5.58901  -7.36527  8.66758   1.000 267.07453 ? 117 DC D "C5'" 1 
ATOM 717 C "C4'" . DC D 4 5  ? -4.73705  -7.22132  7.42636   1.000 274.02971 ? 117 DC D "C4'" 1 
ATOM 718 O "O4'" . DC D 4 5  ? -4.01361  -5.95959  7.45672   1.000 272.99000 ? 117 DC D "O4'" 1 
ATOM 719 C "C3'" . DC D 4 5  ? -3.67518  -8.30818  7.24362   1.000 289.35031 ? 117 DC D "C3'" 1 
ATOM 720 O "O3'" . DC D 4 5  ? -3.64134  -8.68715  5.88834   1.000 291.21656 ? 117 DC D "O3'" 1 
ATOM 721 C "C2'" . DC D 4 5  ? -2.39034  -7.58688  7.64369   1.000 297.79098 ? 117 DC D "C2'" 1 
ATOM 722 C "C1'" . DC D 4 5  ? -2.68331  -6.21261  7.07968   1.000 286.52912 ? 117 DC D "C1'" 1 
ATOM 723 N N1    . DC D 4 5  ? -1.80234  -5.12217  7.59732   1.000 286.27981 ? 117 DC D N1    1 
ATOM 724 C C2    . DC D 4 5  ? -1.47717  -4.05050  6.75604   1.000 281.53456 ? 117 DC D C2    1 
ATOM 725 O O2    . DC D 4 5  ? -1.93715  -4.03264  5.60611   1.000 278.17063 ? 117 DC D O2    1 
ATOM 726 N N3    . DC D 4 5  ? -0.67372  -3.06128  7.22612   1.000 278.25593 ? 117 DC D N3    1 
ATOM 727 C C4    . DC D 4 5  ? -0.20290  -3.12354  8.47336   1.000 281.58441 ? 117 DC D C4    1 
ATOM 728 N N4    . DC D 4 5  ? 0.58615   -2.12663  8.89420   1.000 277.38535 ? 117 DC D N4    1 
ATOM 729 C C5    . DC D 4 5  ? -0.52017  -4.21176  9.34494   1.000 287.44791 ? 117 DC D C5    1 
ATOM 730 C C6    . DC D 4 5  ? -1.31438  -5.18002  8.86924   1.000 288.70266 ? 117 DC D C6    1 
ATOM 731 P P     . DA D 4 6  ? -3.29445  -10.19441 5.46410   1.000 266.50015 ? 118 DA D P     1 
ATOM 732 O OP1   . DA D 4 6  ? -4.51250  -11.01713 5.64942   1.000 261.21311 ? 118 DA D OP1   1 
ATOM 733 O OP2   . DA D 4 6  ? -2.03242  -10.56726 6.14451   1.000 277.28734 ? 118 DA D OP2   1 
ATOM 734 O "O5'" . DA D 4 6  ? -3.00463  -10.06112 3.90012   1.000 268.60447 ? 118 DA D "O5'" 1 
ATOM 735 C "C5'" . DA D 4 6  ? -3.57342  -8.97666  3.17345   1.000 259.62476 ? 118 DA D "C5'" 1 
ATOM 736 C "C4'" . DA D 4 6  ? -2.49060  -8.20141  2.45210   1.000 267.62845 ? 118 DA D "C4'" 1 
ATOM 737 O "O4'" . DA D 4 6  ? -1.84439  -7.28734  3.37220   1.000 270.20334 ? 118 DA D "O4'" 1 
ATOM 738 C "C3'" . DA D 4 6  ? -1.38878  -9.07906  1.87109   1.000 282.40236 ? 118 DA D "C3'" 1 
ATOM 739 O "O3'" . DA D 4 6  ? -1.19165  -8.78025  0.51859   1.000 281.38789 ? 118 DA D "O3'" 1 
ATOM 740 C "C2'" . DA D 4 6  ? -0.15269  -8.75034  2.70584   1.000 295.30882 ? 118 DA D "C2'" 1 
ATOM 741 C "C1'" . DA D 4 6  ? -0.45149  -7.34735  3.19418   1.000 286.12102 ? 118 DA D "C1'" 1 
ATOM 742 N N9    . DA D 4 6  ? 0.18664   -7.04473  4.46766   1.000 290.94582 ? 118 DA D N9    1 
ATOM 743 C C8    . DA D 4 6  ? 0.16956   -7.80940  5.59956   1.000 295.23167 ? 118 DA D C8    1 
ATOM 744 N N7    . DA D 4 6  ? 0.83701   -7.28786  6.60384   1.000 298.31001 ? 118 DA D N7    1 
ATOM 745 C C5    . DA D 4 6  ? 1.33151   -6.09992  6.08981   1.000 295.43384 ? 118 DA D C5    1 
ATOM 746 C C6    . DA D 4 6  ? 2.12618   -5.07437  6.64879   1.000 293.91046 ? 118 DA D C6    1 
ATOM 747 N N6    . DA D 4 6  ? 2.58333   -5.09457  7.90867   1.000 297.70893 ? 118 DA D N6    1 
ATOM 748 N N1    . DA D 4 6  ? 2.44276   -4.02602  5.85182   1.000 284.41446 ? 118 DA D N1    1 
ATOM 749 C C2    . DA D 4 6  ? 1.98258   -4.00959  4.59422   1.000 277.71988 ? 118 DA D C2    1 
ATOM 750 N N3    . DA D 4 6  ? 1.23429   -4.91086  3.96145   1.000 281.19999 ? 118 DA D N3    1 
ATOM 751 C C4    . DA D 4 6  ? 0.93697   -5.93672  4.77240   1.000 289.82238 ? 118 DA D C4    1 
ATOM 752 P P     . DG D 4 7  ? -0.30383  -9.77043  -0.37514  1.000 280.17871 ? 119 DG D P     1 
ATOM 753 O OP1   . DG D 4 7  ? -0.90312  -9.83575  -1.72546  1.000 267.97985 ? 119 DG D OP1   1 
ATOM 754 O OP2   . DG D 4 7  ? -0.11208  -11.01304 0.39885   1.000 289.26027 ? 119 DG D OP2   1 
ATOM 755 O "O5'" . DG D 4 7  ? 1.10070   -9.02785  -0.46569  1.000 287.23158 ? 119 DG D "O5'" 1 
ATOM 756 C "C5'" . DG D 4 7  ? 1.19823   -7.85810  -1.23394  1.000 274.74380 ? 119 DG D "C5'" 1 
ATOM 757 C "C4'" . DG D 4 7  ? 2.28455   -6.95144  -0.71165  1.000 281.46077 ? 119 DG D "C4'" 1 
ATOM 758 O "O4'" . DG D 4 7  ? 2.07952   -6.67557  0.67971   1.000 295.45419 ? 119 DG D "O4'" 1 
ATOM 759 C "C3'" . DG D 4 7  ? 3.68249   -7.52272  -0.73822  1.000 291.55628 ? 119 DG D "C3'" 1 
ATOM 760 O "O3'" . DG D 4 7  ? 4.19686   -7.49484  -2.08508  1.000 278.07147 ? 119 DG D "O3'" 1 
ATOM 761 C "C2'" . DG D 4 7  ? 4.40307   -6.56083  0.20551   1.000 303.14218 ? 119 DG D "C2'" 1 
ATOM 762 C "C1'" . DG D 4 7  ? 3.28613   -6.13205  1.16697   1.000 305.15144 ? 119 DG D "C1'" 1 
ATOM 763 N N9    . DG D 4 7  ? 3.50579   -6.55527  2.54165   1.000 295.05491 ? 119 DG D N9    1 
ATOM 764 C C8    . DG D 4 7  ? 3.01962   -7.67536  3.17491   1.000 296.77511 ? 119 DG D C8    1 
ATOM 765 N N7    . DG D 4 7  ? 3.40320   -7.76838  4.42432   1.000 301.75805 ? 119 DG D N7    1 
ATOM 766 C C5    . DG D 4 7  ? 4.19549   -6.63932  4.61988   1.000 303.13007 ? 119 DG D C5    1 
ATOM 767 C C6    . DG D 4 7  ? 4.89571   -6.18826  5.77109   1.000 306.21296 ? 119 DG D C6    1 
ATOM 768 O O6    . DG D 4 7  ? 4.95679   -6.70934  6.89778   1.000 309.21950 ? 119 DG D O6    1 
ATOM 769 N N1    . DG D 4 7  ? 5.56914   -4.98829  5.52130   1.000 300.63250 ? 119 DG D N1    1 
ATOM 770 C C2    . DG D 4 7  ? 5.56694   -4.32329  4.31544   1.000 288.72335 ? 119 DG D C2    1 
ATOM 771 N N2    . DG D 4 7  ? 6.27251   -3.18772  4.25241   1.000 274.40457 ? 119 DG D N2    1 
ATOM 772 N N3    . DG D 4 7  ? 4.92122   -4.73734  3.24295   1.000 285.83291 ? 119 DG D N3    1 
ATOM 773 C C4    . DG D 4 7  ? 4.26383   -5.89514  3.46381   1.000 297.49737 ? 119 DG D C4    1 
ATOM 774 P P     . DT D 4 8  ? 5.64414   -6.88693  -2.45054  1.000 271.70250 ? 120 DT D P     1 
ATOM 775 O OP1   . DT D 4 8  ? 5.57304   -5.40781  -2.33483  1.000 256.79161 ? 120 DT D OP1   1 
ATOM 776 O OP2   . DT D 4 8  ? 6.00918   -7.49201  -3.75137  1.000 260.33384 ? 120 DT D OP2   1 
ATOM 777 O "O5'" . DT D 4 8  ? 6.64632   -7.52339  -1.37370  1.000 297.11610 ? 120 DT D "O5'" 1 
ATOM 778 C "C5'" . DT D 4 8  ? 8.04308   -7.27282  -1.45848  1.000 299.63936 ? 120 DT D "C5'" 1 
ATOM 779 C "C4'" . DT D 4 8  ? 8.36238   -5.81792  -1.14686  1.000 290.72025 ? 120 DT D "C4'" 1 
ATOM 780 O "O4'" . DT D 4 8  ? 7.46962   -5.33219  -0.11465  1.000 297.27236 ? 120 DT D "O4'" 1 
ATOM 781 C "C3'" . DT D 4 8  ? 9.78673   -5.57055  -0.66437  1.000 301.97889 ? 120 DT D "C3'" 1 
ATOM 782 O "O3'" . DT D 4 8  ? 10.56068  -5.01053  -1.73167  1.000 280.84930 ? 120 DT D "O3'" 1 
ATOM 783 C "C2'" . DT D 4 8  ? 9.63519   -4.58059  0.49400   1.000 310.29830 ? 120 DT D "C2'" 1 
ATOM 784 C "C1'" . DT D 4 8  ? 8.19869   -4.78513  0.96111   1.000 309.90894 ? 120 DT D "C1'" 1 
ATOM 785 N N1    . DT D 4 8  ? 8.01714   -5.68450  2.16496   1.000 308.49595 ? 120 DT D N1    1 
ATOM 786 C C2    . DT D 4 8  ? 8.57935   -5.34611  3.38480   1.000 321.38021 ? 120 DT D C2    1 
ATOM 787 O O2    . DT D 4 8  ? 9.27063   -4.35613  3.55744   1.000 311.85170 ? 120 DT D O2    1 
ATOM 788 N N3    . DT D 4 8  ? 8.30685   -6.23661  4.40281   1.000 341.07242 ? 120 DT D N3    1 
ATOM 789 C C4    . DT D 4 8  ? 7.54105   -7.38643  4.32964   1.000 342.02898 ? 120 DT D C4    1 
ATOM 790 O O4    . DT D 4 8  ? 7.35208   -8.12132  5.29602   1.000 347.46961 ? 120 DT D O4    1 
ATOM 791 C C5    . DT D 4 8  ? 6.97705   -7.66720  3.03540   1.000 330.59775 ? 120 DT D C5    1 
ATOM 792 C C7    . DT D 4 8  ? 6.13166   -8.88807  2.83565   1.000 330.05620 ? 120 DT D C7    1 
ATOM 793 C C6    . DT D 4 8  ? 7.23378   -6.81338  2.03352   1.000 315.80432 ? 120 DT D C6    1 
ATOM 794 P P     . DG D 4 9  ? 11.95788  -5.67887  -2.17300  1.000 262.88871 ? 121 DG D P     1 
ATOM 795 O OP1   . DG D 4 9  ? 12.19916  -5.33648  -3.59400  1.000 254.07408 ? 121 DG D OP1   1 
ATOM 796 O OP2   . DG D 4 9  ? 11.94712  -7.10106  -1.75025  1.000 285.34871 ? 121 DG D OP2   1 
ATOM 797 O "O5'" . DG D 4 9  ? 13.03499  -4.90287  -1.28705  1.000 274.02735 ? 121 DG D "O5'" 1 
ATOM 798 C "C5'" . DG D 4 9  ? 12.75263  -3.58730  -0.81640  1.000 269.05901 ? 121 DG D "C5'" 1 
ATOM 799 C "C4'" . DG D 4 9  ? 13.41116  -3.35564  0.52875   1.000 291.42684 ? 121 DG D "C4'" 1 
ATOM 800 O "O4'" . DG D 4 9  ? 12.59351  -3.92037  1.58789   1.000 311.12532 ? 121 DG D "O4'" 1 
ATOM 801 C "C3'" . DG D 4 9  ? 14.78258  -4.00067  0.67860   1.000 310.75002 ? 121 DG D "C3'" 1 
ATOM 802 O "O3'" . DG D 4 9  ? 15.61475  -3.16287  1.43681   1.000 317.75713 ? 121 DG D "O3'" 1 
ATOM 803 C "C2'" . DG D 4 9  ? 14.47605  -5.29587  1.42367   1.000 337.18794 ? 121 DG D "C2'" 1 
ATOM 804 C "C1'" . DG D 4 9  ? 13.36022  -4.84229  2.34199   1.000 340.59493 ? 121 DG D "C1'" 1 
ATOM 805 N N9    . DG D 4 9  ? 12.47858  -5.91971  2.75984   1.000 322.64576 ? 121 DG D N9    1 
ATOM 806 C C8    . DG D 4 9  ? 11.67277  -6.67825  1.95025   1.000 313.72512 ? 121 DG D C8    1 
ATOM 807 N N7    . DG D 4 9  ? 10.96903  -7.55978  2.59432   1.000 324.48104 ? 121 DG D N7    1 
ATOM 808 C C5    . DG D 4 9  ? 11.33622  -7.38295  3.91822   1.000 341.40331 ? 121 DG D C5    1 
ATOM 809 C C6    . DG D 4 9  ? 10.90166  -8.06525  5.06926   1.000 352.47408 ? 121 DG D C6    1 
ATOM 810 O O6    . DG D 4 9  ? 10.07798  -8.98633  5.13927   1.000 347.83084 ? 121 DG D O6    1 
ATOM 811 N N1    . DG D 4 9  ? 11.51803  -7.58099  6.21866   1.000 363.63664 ? 121 DG D N1    1 
ATOM 812 C C2    . DG D 4 9  ? 12.44428  -6.56289  6.24705   1.000 367.62376 ? 121 DG D C2    1 
ATOM 813 N N2    . DG D 4 9  ? 12.92871  -6.23471  7.45300   1.000 376.51499 ? 121 DG D N2    1 
ATOM 814 N N3    . DG D 4 9  ? 12.86276  -5.91077  5.16753   1.000 356.90180 ? 121 DG D N3    1 
ATOM 815 C C4    . DG D 4 9  ? 12.26649  -6.37532  4.04109   1.000 342.29327 ? 121 DG D C4    1 
ATOM 816 P P     . DC D 4 10 ? 17.20656  -3.30470  1.31384   1.000 275.30805 ? 122 DC D P     1 
ATOM 817 O OP1   . DC D 4 10 ? 17.70140  -2.01597  0.77538   1.000 263.40761 ? 122 DC D OP1   1 
ATOM 818 O OP2   . DC D 4 10 ? 17.48979  -4.56485  0.58140   1.000 282.26265 ? 122 DC D OP2   1 
ATOM 819 O "O5'" . DC D 4 10 ? 17.69233  -3.46799  2.83572   1.000 304.93220 ? 122 DC D "O5'" 1 
ATOM 820 C "C5'" . DC D 4 10 ? 16.77218  -3.90814  3.84154   1.000 321.65369 ? 122 DC D "C5'" 1 
ATOM 821 C "C4'" . DC D 4 10 ? 17.44356  -4.85594  4.82675   1.000 356.27221 ? 122 DC D "C4'" 1 
ATOM 822 O "O4'" . DC D 4 10 ? 16.47844  -5.85294  5.25804   1.000 364.86609 ? 122 DC D "O4'" 1 
ATOM 823 C "C3'" . DC D 4 10 ? 18.63910  -5.63629  4.26812   1.000 367.35295 ? 122 DC D "C3'" 1 
ATOM 824 O "O3'" . DC D 4 10 ? 19.68678  -5.75406  5.25441   1.000 394.27303 ? 122 DC D "O3'" 1 
ATOM 825 C "C2'" . DC D 4 10 ? 18.03537  -6.99271  3.91842   1.000 369.68148 ? 122 DC D "C2'" 1 
ATOM 826 C "C1'" . DC D 4 10 ? 16.97753  -7.14858  5.00030   1.000 376.74848 ? 122 DC D "C1'" 1 
ATOM 827 N N1    . DC D 4 10 ? 15.84240  -8.01870  4.59365   1.000 366.96362 ? 122 DC D N1    1 
ATOM 828 C C2    . DC D 4 10 ? 15.09780  -8.67882  5.57085   1.000 371.64874 ? 122 DC D C2    1 
ATOM 829 O O2    . DC D 4 10 ? 15.39730  -8.52724  6.76115   1.000 381.76641 ? 122 DC D O2    1 
ATOM 830 N N3    . DC D 4 10 ? 14.06965  -9.47167  5.18804   1.000 360.47996 ? 122 DC D N3    1 
ATOM 831 C C4    . DC D 4 10 ? 13.77977  -9.60972  3.89187   1.000 348.91300 ? 122 DC D C4    1 
ATOM 832 N N4    . DC D 4 10 ? 12.75599  -10.39948 3.56081   1.000 339.03057 ? 122 DC D N4    1 
ATOM 833 C C5    . DC D 4 10 ? 14.52795  -8.94426  2.87959   1.000 343.55341 ? 122 DC D C5    1 
ATOM 834 C C6    . DC D 4 10 ? 15.54123  -8.16686  3.27151   1.000 350.67603 ? 122 DC D C6    1 
ATOM 835 P P     . DA D 4 11 ? 21.22767  -5.57952  4.81459   1.000 329.14565 ? 123 DA D P     1 
ATOM 836 O OP1   . DA D 4 11 ? 21.52690  -4.13286  4.74342   1.000 312.94031 ? 123 DA D OP1   1 
ATOM 837 O OP2   . DA D 4 11 ? 21.44534  -6.44046  3.63226   1.000 323.35421 ? 123 DA D OP2   1 
ATOM 838 O "O5'" . DA D 4 11 ? 22.07466  -6.22004  6.01142   1.000 361.21097 ? 123 DA D "O5'" 1 
ATOM 839 C "C5'" . DA D 4 11 ? 21.90419  -5.76220  7.34196   1.000 372.61995 ? 123 DA D "C5'" 1 
ATOM 840 C "C4'" . DA D 4 11 ? 21.87338  -6.93760  8.29722   1.000 385.19560 ? 123 DA D "C4'" 1 
ATOM 841 O "O4'" . DA D 4 11 ? 20.75066  -7.79341  7.95618   1.000 373.03634 ? 123 DA D "O4'" 1 
ATOM 842 C "C3'" . DA D 4 11 ? 23.11731  -7.82416  8.25981   1.000 403.13830 ? 123 DA D "C3'" 1 
ATOM 843 O "O3'" . DA D 4 11 ? 23.46750  -8.23679  9.57490   1.000 413.44912 ? 123 DA D "O3'" 1 
ATOM 844 C "C2'" . DA D 4 11 ? 22.68623  -9.00564  7.39261   1.000 394.94629 ? 123 DA D "C2'" 1 
ATOM 845 C "C1'" . DA D 4 11 ? 21.19782  -9.10724  7.70339   1.000 379.63572 ? 123 DA D "C1'" 1 
ATOM 846 N N9    . DA D 4 11 ? 20.41019  -9.66966  6.60570   1.000 363.29896 ? 123 DA D N9    1 
ATOM 847 C C8    . DA D 4 11 ? 20.58805  -9.43877  5.27116   1.000 351.46056 ? 123 DA D C8    1 
ATOM 848 N N7    . DA D 4 11 ? 19.73938  -10.07829 4.50407   1.000 335.60080 ? 123 DA D N7    1 
ATOM 849 C C5    . DA D 4 11 ? 18.94673  -10.77997 5.39505   1.000 337.50090 ? 123 DA D C5    1 
ATOM 850 C C6    . DA D 4 11 ? 17.85897  -11.64787 5.20575   1.000 325.02258 ? 123 DA D C6    1 
ATOM 851 N N6    . DA D 4 11 ? 17.37798  -11.96159 4.00246   1.000 309.38615 ? 123 DA D N6    1 
ATOM 852 N N1    . DA D 4 11 ? 17.28713  -12.18753 6.30365   1.000 328.08551 ? 123 DA D N1    1 
ATOM 853 C C2    . DA D 4 11 ? 17.77636  -11.86794 7.50568   1.000 341.07778 ? 123 DA D C2    1 
ATOM 854 N N3    . DA D 4 11 ? 18.79519  -11.06087 7.80869   1.000 353.83747 ? 123 DA D N3    1 
ATOM 855 C C4    . DA D 4 11 ? 19.34307  -10.54312 6.69545   1.000 352.96558 ? 123 DA D C4    1 
# 
loop_
_atom_site_anisotrop.id 
_atom_site_anisotrop.type_symbol 
_atom_site_anisotrop.pdbx_label_atom_id 
_atom_site_anisotrop.pdbx_label_alt_id 
_atom_site_anisotrop.pdbx_label_comp_id 
_atom_site_anisotrop.pdbx_label_asym_id 
_atom_site_anisotrop.pdbx_label_seq_id 
_atom_site_anisotrop.pdbx_PDB_ins_code 
_atom_site_anisotrop.U[1][1] 
_atom_site_anisotrop.U[2][2] 
_atom_site_anisotrop.U[3][3] 
_atom_site_anisotrop.U[1][2] 
_atom_site_anisotrop.U[1][3] 
_atom_site_anisotrop.U[2][3] 
_atom_site_anisotrop.pdbx_auth_seq_id 
_atom_site_anisotrop.pdbx_auth_comp_id 
_atom_site_anisotrop.pdbx_auth_asym_id 
_atom_site_anisotrop.pdbx_auth_atom_id 
1   O "O5'" . DG A 1  ? 5.36563 3.77969 5.75207 -0.36765 2.76550  -1.63561 103 DG A "O5'" 
2   C "C5'" . DG A 1  ? 5.39408 3.77136 5.71370 -0.17103 2.67373  -1.60606 103 DG A "C5'" 
3   C "C4'" . DG A 1  ? 5.29238 3.77976 5.50219 -0.11840 2.53243  -1.58208 103 DG A "C4'" 
4   O "O4'" . DG A 1  ? 5.16149 3.92516 5.44884 -0.38825 2.55460  -1.71026 103 DG A "O4'" 
5   C "C3'" . DG A 1  ? 5.21670 3.54466 5.27322 0.03645  2.43905  -1.42146 103 DG A "C3'" 
6   O "O3'" . DG A 1  ? 5.31126 3.48498 5.25207 0.30946  2.31047  -1.30549 103 DG A "O3'" 
7   C "C2'" . DG A 1  ? 5.05743 3.58294 5.07555 -0.10155 2.38107  -1.46675 103 DG A "C2'" 
8   C "C1'" . DG A 1  ? 5.09239 3.91387 5.25397 -0.36153 2.44240  -1.65565 103 DG A "C1'" 
9   N N9    . DG A 1  ? 5.09545 4.14509 5.31371 -0.64465 2.47437  -1.74299 103 DG A N9    
10  C C8    . DG A 1  ? 5.00921 4.00505 5.25688 -0.74936 2.54627  -1.72204 103 DG A C8    
11  N N7    . DG A 1  ? 5.00254 4.27052 5.29035 -1.01576 2.53183  -1.81838 103 DG A N7    
12  C C5    . DG A 1  ? 5.05934 4.59250 5.34525 -1.10585 2.44614  -1.90575 103 DG A C5    
13  C C6    . DG A 1  ? 4.98794 4.90971 5.29341 -1.39265 2.36628  -2.01767 103 DG A C6    
14  O O6    . DG A 1  ? 4.83029 4.93072 5.14813 -1.61640 2.34185  -2.06012 103 DG A O6    
15  N N1    . DG A 1  ? 5.06122 5.17532 5.35340 -1.40491 2.28345  -2.07616 103 DG A N1    
16  C C2    . DG A 1  ? 5.18848 5.12230 5.45126 -1.15565 2.27940  -2.03795 103 DG A C2    
17  N N2    . DG A 1  ? 5.23264 5.40114 5.48598 -1.21112 2.18836  -2.11209 103 DG A N2    
18  N N3    . DG A 1  ? 5.22355 4.78906 5.45797 -0.87715 2.33853  -1.92841 103 DG A N3    
19  C C4    . DG A 1  ? 5.14566 4.53790 5.39370 -0.87571 2.41915  -1.86521 103 DG A C4    
20  P P     . DA A 2  ? 5.91471 4.17864 5.82627 0.42296  2.20090  -1.35164 104 DA A P     
21  O OP1   . DA A 2  ? 5.89571 4.41854 5.88357 0.22417  2.23584  -1.50742 104 DA A OP1   
22  O OP2   . DA A 2  ? 6.16587 4.30124 6.09570 0.56753  2.20367  -1.32887 104 DA A OP2   
23  O "O5'" . DA A 2  ? 5.74152 3.93439 5.50354 0.60934  2.02010  -1.22105 104 DA A "O5'" 
24  C "C5'" . DA A 2  ? 5.48677 3.74725 5.18434 0.53324  1.98128  -1.20310 104 DA A "C5'" 
25  C "C4'" . DA A 2  ? 5.48634 3.98698 5.19643 0.39718  1.96840  -1.33752 104 DA A "C4'" 
26  O "O4'" . DA A 2  ? 5.50534 4.19871 5.30739 0.10294  2.08732  -1.45553 104 DA A "O4'" 
27  C "C3'" . DA A 2  ? 5.44274 3.97050 5.01663 0.47942  1.82064  -1.28721 104 DA A "C3'" 
28  O "O3'" . DA A 2  ? 5.56010 4.27613 5.13572 0.43759  1.77740  -1.39837 104 DA A "O3'" 
29  C "C2'" . DA A 2  ? 5.51277 4.13205 5.06281 0.27573  1.87048  -1.31322 104 DA A "C2'" 
30  C "C1'" . DA A 2  ? 5.53403 4.37631 5.24991 -0.00273 2.01635  -1.47520 104 DA A "C1'" 
31  N N9    . DA A 2  ? 4.95222 3.89030 4.70967 -0.22666 2.09663  -1.50753 104 DA A N9    
32  C C8    . DA A 2  ? 4.85801 3.60781 4.63233 -0.19371 2.17015  -1.42387 104 DA A C8    
33  N N7    . DA A 2  ? 4.81507 3.72986 4.62861 -0.43470 2.22366  -1.48452 104 DA A N7    
34  C C5    . DA A 2  ? 4.82329 4.08889 4.64211 -0.65622 2.16638  -1.60981 104 DA A C5    
35  C C6    . DA A 2  ? 4.68446 4.31763 4.53072 -0.98559 2.14464  -1.70469 104 DA A C6    
36  N N6    . DA A 2  ? 4.51877 4.19405 4.40023 -1.13392 2.19240  -1.69386 104 DA A N6    
37  N N1    . DA A 2  ? 4.66176 4.64533 4.49448 -1.16497 2.04567  -1.79745 104 DA A N1    
38  C C2    . DA A 2  ? 4.79540 4.73748 4.59357 -1.01425 1.99211  -1.81432 104 DA A C2    
39  N N3    . DA A 2  ? 4.93113 4.52937 4.70665 -0.69569 2.01226  -1.73779 104 DA A N3    
40  C C4    . DA A 2  ? 4.92393 4.20276 4.70893 -0.53280 2.09333  -1.62895 104 DA A C4    
41  P P     . DC A 3  ? 5.52125 4.32537 4.95284 0.45837  1.63883  -1.39456 105 DC A P     
42  O OP1   . DC A 3  ? 5.59825 4.52132 5.03546 0.50993  1.57812  -1.47260 105 DC A OP1   
43  O OP2   . DC A 3  ? 5.31661 3.88311 4.62805 0.66059  1.53032  -1.21278 105 DC A OP2   
44  O "O5'" . DC A 3  ? 5.56232 4.66598 5.00963 0.10442  1.69381  -1.52990 105 DC A "O5'" 
45  C "C5'" . DC A 3  ? 5.43664 4.77858 4.77487 -0.01523 1.52163  -1.53890 105 DC A "C5'" 
46  C "C4'" . DC A 3  ? 5.28290 4.86947 4.62287 -0.28568 1.41525  -1.47404 105 DC A "C4'" 
47  O "O4'" . DC A 3  ? 5.36165 4.78303 4.77054 -0.30929 1.61579  -1.49407 105 DC A "O4'" 
48  C "C3'" . DC A 3  ? 5.02941 4.58181 4.21788 -0.20521 1.14310  -1.24790 105 DC A "C3'" 
49  O "O3'" . DC A 3  ? 4.82332 4.76812 3.98460 -0.44246 0.91816  -1.23865 105 DC A "O3'" 
50  C "C2'" . DC A 3  ? 4.94388 4.38446 4.14029 -0.25021 1.19632  -1.16534 105 DC A "C2'" 
51  C "C1'" . DC A 3  ? 5.14596 4.66402 4.50148 -0.43134 1.46814  -1.35908 105 DC A "C1'" 
52  N N1    . DC A 3  ? 4.64660 3.89000 4.02643 -0.35366 1.64224  -1.32468 105 DC A N1    
53  C C2    . DC A 3  ? 4.51464 3.94245 3.94341 -0.59831 1.64520  -1.32252 105 DC A C2    
54  O O2    . DC A 3  ? 4.38597 4.19903 3.83696 -0.87572 1.50299  -1.34572 105 DC A O2    
55  N N3    . DC A 3  ? 4.57155 3.75251 4.01821 -0.52535 1.80144  -1.29393 105 DC A N3    
56  C C4    . DC A 3  ? 4.72981 3.49520 4.14339 -0.22806 1.94904  -1.26431 105 DC A C4    
57  N N4    . DC A 3  ? 4.80161 3.37352 4.25199 -0.17859 2.04404  -1.19840 105 DC A N4    
58  C C5    . DC A 3  ? 4.78774 3.39245 4.16855 0.01881  1.89402  -1.22355 105 DC A C5    
59  C C6    . DC A 3  ? 4.73312 3.55278 4.08056 -0.04603 1.78827  -1.29093 105 DC A C6    
60  P P     . DA A 4  ? 5.04447 5.03323 4.05922 -0.41570 0.60298  -1.01952 106 DA A P     
61  O OP1   . DA A 4  ? 5.11084 5.37664 4.08028 -0.51200 0.41437  -1.03918 106 DA A OP1   
62  O OP2   . DA A 4  ? 4.99118 4.56286 3.91100 -0.07514 0.59222  -0.86107 106 DA A OP2   
63  O "O5'" . DA A 4  ? 4.91291 5.14229 3.96953 -0.71677 0.55243  -0.99293 106 DA A "O5'" 
64  C "C5'" . DA A 4  ? 4.93317 5.55452 4.09691 -1.06798 0.60036  -1.14664 106 DA A "C5'" 
65  C "C4'" . DA A 4  ? 4.72518 5.56835 3.89035 -1.32190 0.47962  -1.07158 106 DA A "C4'" 
66  O "O4'" . DA A 4  ? 4.68103 5.37518 3.92735 -1.33068 0.68731  -1.10802 106 DA A "O4'" 
67  C "C3'" . DA A 4  ? 4.57746 5.35689 3.60433 -1.23135 0.19873  -0.84630 106 DA A "C3'" 
68  O "O3'" . DA A 4  ? 4.48996 5.63658 3.50751 -1.53839 0.00514  -0.80995 106 DA A "O3'" 
69  C "C2'" . DA A 4  ? 4.47174 4.91988 3.49183 -1.05008 0.29396  -0.75469 106 DA A "C2'" 
70  C "C1'" . DA A 4  ? 4.51906 5.00727 3.68313 -1.19896 0.57857  -0.92582 106 DA A "C1'" 
71  N N9    . DA A 4  ? 4.16004 4.24259 3.33766 -0.93426 0.79148  -0.92473 106 DA A N9    
72  C C8    . DA A 4  ? 4.36964 4.15298 3.52198 -0.64917 0.90099  -0.94378 106 DA A C8    
73  N N7    . DA A 4  ? 4.49000 3.92632 3.65043 -0.44955 1.08084  -0.92586 106 DA A N7    
74  C C5    . DA A 4  ? 4.33323 3.84917 3.52883 -0.61409 1.09262  -0.89742 106 DA A C5    
75  C C6    . DA A 4  ? 4.28227 3.55678 3.49965 -0.53506 1.24857  -0.87308 106 DA A C6    
76  N N6    . DA A 4  ? 4.36804 3.25235 3.57041 -0.26337 1.42977  -0.86918 106 DA A N6    
77  N N1    . DA A 4  ? 4.10255 3.55408 3.35500 -0.74841 1.21030  -0.85332 106 DA A N1    
78  C C2    . DA A 4  ? 3.96336 3.80326 3.22613 -1.02207 1.02446  -0.85181 106 DA A C2    
79  N N3    . DA A 4  ? 3.96296 4.05635 3.20259 -1.12735 0.86483  -0.86824 106 DA A N3    
80  C C4    . DA A 4  ? 4.14493 4.05740 3.35211 -0.90982 0.91152  -0.89394 106 DA A C4    
81  P P     . DC A 5  ? 4.47507 5.62520 3.35848 -1.50141 -0.31867 -0.58503 107 DC A P     
82  O OP1   . DC A 5  ? 4.49264 5.92438 3.47324 -1.66116 -0.41365 -0.50637 107 DC A OP1   
83  O OP2   . DC A 5  ? 4.45737 5.31802 3.23681 -1.16751 -0.39946 -0.48456 107 DC A OP2   
84  O "O5'" . DC A 5  ? 4.35508 5.32618 3.25321 -1.45708 -0.27995 -0.49224 107 DC A "O5'" 
85  C "C5'" . DC A 5  ? 4.36392 5.51720 3.37036 -1.71134 -0.14701 -0.58801 107 DC A "C5'" 
86  C "C4'" . DC A 5  ? 4.25963 5.16376 3.27208 -1.59097 -0.08266 -0.50433 107 DC A "C4'" 
87  O "O4'" . DC A 5  ? 4.30236 4.83922 3.33974 -1.32031 0.16157  -0.55457 107 DC A "O4'" 
88  C "C3'" . DC A 5  ? 4.11711 4.88893 3.01456 -1.44574 -0.34367 -0.28684 107 DC A "C3'" 
89  O "O3'" . DC A 5  ? 4.02095 4.92622 2.94783 -1.62642 -0.41126 -0.23794 107 DC A "O3'" 
90  C "C2'" . DC A 5  ? 4.10256 4.42719 2.96096 -1.07420 -0.22497 -0.23052 107 DC A "C2'" 
91  C "C1'" . DC A 5  ? 4.19316 4.43777 3.16598 -1.10007 0.10799  -0.40449 107 DC A "C1'" 
92  N N1    . DC A 5  ? 4.26008 4.10198 3.21309 -0.76966 0.28843  -0.41111 107 DC A N1    
93  C C2    . DC A 5  ? 4.24197 3.80451 3.21219 -0.62978 0.44406  -0.38655 107 DC A C2    
94  O O2    . DC A 5  ? 4.16553 3.82814 3.17070 -0.78167 0.42714  -0.36487 107 DC A O2    
95  N N3    . DC A 5  ? 4.31986 3.51212 3.26357 -0.33195 0.60275  -0.38427 107 DC A N3    
96  C C4    . DC A 5  ? 4.41116 3.51273 3.31778 -0.17310 0.60852  -0.40826 107 DC A C4    
97  N N4    . DC A 5  ? 4.52271 3.25492 3.40197 0.11961  0.76527  -0.40190 107 DC A N4    
98  C C5    . DC A 5  ? 4.42591 3.81518 3.31937 -0.31011 0.45265  -0.44074 107 DC A C5    
99  C C6    . DC A 5  ? 4.34913 4.10065 3.26416 -0.60839 0.29695  -0.43964 107 DC A C6    
100 P P     . DC A 6  ? 4.23494 5.16206 3.11773 -1.57331 -0.69505 -0.02293 108 DC A P     
101 O OP1   . DC A 6  ? 4.30709 5.43733 3.31726 -1.64881 -0.66428 0.00997  108 DC A OP1   
102 O OP2   . DC A 6  ? 4.17964 4.87860 2.93536 -1.31195 -0.85784 0.09247  108 DC A OP2   
103 O "O5'" . DC A 6  ? 4.16210 4.99852 3.03174 -1.61112 -0.69384 0.01301  108 DC A "O5'" 
104 C "C5'" . DC A 6  ? 4.08355 4.55829 2.89452 -1.29780 -0.71145 0.13122  108 DC A "C5'" 
105 C "C4'" . DC A 6  ? 4.06701 4.37579 2.95105 -1.25839 -0.48434 0.07622  108 DC A "C4'" 
106 O "O4'" . DC A 6  ? 4.16170 4.22241 3.07673 -1.08302 -0.20187 -0.03177 108 DC A "O4'" 
107 C "C3'" . DC A 6  ? 3.95303 4.02149 2.78818 -1.05550 -0.58519 0.22234  108 DC A "C3'" 
108 O "O3'" . DC A 6  ? 3.97263 4.04596 2.88538 -1.15397 -0.44201 0.16865  108 DC A "O3'" 
109 C "C2'" . DC A 6  ? 3.96144 3.65297 2.74479 -0.71147 -0.46389 0.24361  108 DC A "C2'" 
110 C "C1'" . DC A 6  ? 4.11581 3.80140 2.97963 -0.77298 -0.15919 0.05980  108 DC A "C1'" 
111 N N1    . DC A 6  ? 4.17728 3.61774 2.99590 -0.52032 -0.06178 0.04269  108 DC A N1    
112 C C2    . DC A 6  ? 4.21289 3.28671 3.02491 -0.26117 0.14291  0.03670  108 DC A C2    
113 O O2    . DC A 6  ? 4.18836 3.15429 3.03302 -0.25460 0.24430  0.04080  108 DC A O2    
114 N N3    . DC A 6  ? 4.28733 3.13654 3.05510 -0.02622 0.22408  0.02551  108 DC A N3    
115 C C4    . DC A 6  ? 4.31949 3.30433 3.05386 -0.04307 0.10909  0.01520  108 DC A C4    
116 N N4    . DC A 6  ? 4.42777 3.18690 3.12125 0.19665  0.19345  0.00041  108 DC A N4    
117 C C5    . DC A 6  ? 4.28047 3.64144 3.01891 -0.30911 -0.09953 0.01944  108 DC A C5    
118 C C6    . DC A 6  ? 4.21302 3.78666 2.99234 -0.54066 -0.17795 0.03585  108 DC A C6    
119 P P     . DT A 7  ? 4.24329 4.24362 3.13433 -1.09452 -0.60057 0.30151  109 DT A P     
120 O OP1   . DT A 7  ? 4.26352 4.15930 3.23196 -1.10814 -0.35331 0.21275  109 DT A OP1   
121 O OP2   . DT A 7  ? 4.16353 4.48067 3.03964 -1.31940 -0.88707 0.37767  109 DT A OP2   
122 O "O5'" . DT A 7  ? 4.20703 3.86878 2.99627 -0.73223 -0.70541 0.44233  109 DT A "O5'" 
123 C "C5'" . DT A 7  ? 4.11784 3.58006 2.88446 -0.56080 -0.76910 0.54616  109 DT A "C5'" 
124 C "C4'" . DT A 7  ? 4.17074 3.30929 2.95368 -0.35458 -0.48487 0.48731  109 DT A "C4'" 
125 O "O4'" . DT A 7  ? 4.26415 3.28620 3.03638 -0.26049 -0.30782 0.40563  109 DT A "O4'" 
126 C "C3'" . DT A 7  ? 4.09870 2.93114 2.81481 -0.05027 -0.55761 0.61602  109 DT A "C3'" 
127 O "O3'" . DT A 7  ? 4.07064 2.89860 2.83042 -0.09599 -0.54249 0.62540  109 DT A "O3'" 
128 C "C2'" . DT A 7  ? 4.18463 2.69444 2.87601 0.19020  -0.30461 0.56493  109 DT A "C2'" 
129 C "C1'" . DT A 7  ? 4.29323 2.94410 3.02682 0.03702  -0.15492 0.42813  109 DT A "C1'" 
130 N N1    . DT A 7  ? 4.33191 2.85246 2.99884 0.22279  -0.16678 0.44663  109 DT A N1    
131 C C2    . DT A 7  ? 4.40673 2.57241 3.02701 0.51801  -0.01740 0.46345  109 DT A C2    
132 O O2    . DT A 7  ? 4.43385 2.37555 3.05931 0.63941  0.12516  0.46850  109 DT A O2    
133 N N3    . DT A 7  ? 4.47203 2.55779 3.03592 0.66515  -0.04252 0.47356  109 DT A N3    
134 C C4    . DT A 7  ? 4.46290 2.78217 3.01266 0.54896  -0.19311 0.46375  109 DT A C4    
135 O O4    . DT A 7  ? 4.53321 2.75966 3.03174 0.70159  -0.20151 0.46823  109 DT A O4    
136 C C5    . DT A 7  ? 4.37656 3.06095 2.97309 0.23357  -0.34192 0.44740  109 DT A C5    
137 C C7    . DT A 7  ? 4.38801 3.35244 2.96683 0.07520  -0.51316 0.43707  109 DT A C7    
138 C C6    . DT A 7  ? 4.33197 3.09747 2.98432 0.08842  -0.32284 0.44154  109 DT A C6    
139 P P     . DG A 8  ? 4.11898 2.95031 2.84302 -0.01765 -0.83511 0.78119  110 DG A P     
140 O OP1   . DG A 8  ? 4.12868 2.74907 2.87352 0.11247  -0.70012 0.77713  110 DG A OP1   
141 O OP2   . DG A 8  ? 4.09644 3.28039 2.85081 -0.29553 -1.05796 0.80219  110 DG A OP2   
142 O "O5'" . DG A 8  ? 3.93182 2.81537 2.76563 0.22350  -0.84432 0.78726  110 DG A "O5'" 
143 C "C5'" . DG A 8  ? 3.67009 2.63325 2.70803 0.40481  -0.72592 0.78061  110 DG A "C5'" 
144 C "C4'" . DG A 8  ? 3.71342 2.41371 2.77055 0.54862  -0.55622 0.77600  110 DG A "C4'" 
145 O "O4'" . DG A 8  ? 3.94980 2.42663 2.82666 0.57462  -0.50785 0.75082  110 DG A "O4'" 
146 C "C3'" . DG A 8  ? 3.47972 2.29308 2.74921 0.63422  -0.50227 0.75317  110 DG A "C3'" 
147 O "O3'" . DG A 8  ? 3.46610 2.21438 2.76372 0.67193  -0.47652 0.73831  110 DG A "O3'" 
148 C "C2'" . DG A 8  ? 3.56150 2.19122 2.80241 0.71780  -0.39261 0.69426  110 DG A "C2'" 
149 C "C1'" . DG A 8  ? 3.83756 2.28304 2.85158 0.70014  -0.37838 0.69741  110 DG A "C1'" 
150 N N9    . DG A 8  ? 3.85040 2.37065 2.84303 0.69857  -0.42455 0.69166  110 DG A N9    
151 C C8    . DG A 8  ? 3.93680 2.58009 2.81882 0.58969  -0.57119 0.72539  110 DG A C8    
152 N N7    . DG A 8  ? 3.94852 2.63146 2.83194 0.61881  -0.57510 0.70358  110 DG A N7    
153 C C5    . DG A 8  ? 3.87141 2.44590 2.86387 0.74843  -0.42694 0.65083  110 DG A C5    
154 C C6    . DG A 8  ? 3.88353 2.45092 2.91267 0.81695  -0.37236 0.60151  110 DG A C6    
155 O O6    . DG A 8  ? 3.94956 2.57564 2.92644 0.80374  -0.43253 0.60055  110 DG A O6    
156 N N1    . DG A 8  ? 3.90894 2.36381 2.94810 0.91995  -0.24437 0.53791  110 DG A N1    
157 C C2    . DG A 8  ? 3.90075 2.27816 2.93818 0.94945  -0.17400 0.52697  110 DG A C2    
158 N N2    . DG A 8  ? 4.02872 2.30070 2.96549 1.06029  -0.05085 0.47854  110 DG A N2    
159 N N3    . DG A 8  ? 3.79093 2.20933 2.90361 0.86878  -0.22042 0.57413  110 DG A N3    
160 C C4    . DG A 8  ? 3.80782 2.30576 2.86860 0.78175  -0.34194 0.63686  110 DG A C4    
161 P P     . DT A 9  ? 3.68504 2.49110 2.96798 0.70924  -0.56365 0.70849  111 DT A P     
162 O OP1   . DT A 9  ? 3.64989 2.55774 2.95399 0.64170  -0.63075 0.73566  111 DT A OP1   
163 O OP2   . DT A 9  ? 3.73577 2.59360 2.97979 0.71497  -0.63434 0.68224  111 DT A OP2   
164 O "O5'" . DT A 9  ? 3.73887 2.37575 2.98072 0.82432  -0.46209 0.65152  111 DT A "O5'" 
165 C "C5'" . DT A 9  ? 3.80302 2.41555 2.96940 0.90145  -0.47940 0.60486  111 DT A "C5'" 
166 C "C4'" . DT A 9  ? 3.85949 2.37722 2.92891 0.98062  -0.38910 0.56404  111 DT A "C4'" 
167 O "O4'" . DT A 9  ? 3.82721 2.38668 2.93128 0.92575  -0.40875 0.58411  111 DT A "O4'" 
168 C "C3'" . DT A 9  ? 3.92008 2.43100 2.89511 1.05053  -0.41573 0.52431  111 DT A "C3'" 
169 O "O3'" . DT A 9  ? 4.01902 2.41752 2.86630 1.15702  -0.28742 0.49271  111 DT A "O3'" 
170 C "C2'" . DT A 9  ? 3.92074 2.48242 2.89987 1.02031  -0.46625 0.52305  111 DT A "C2'" 
171 C "C1'" . DT A 9  ? 3.89199 2.42839 2.91248 0.98591  -0.39919 0.54658  111 DT A "C1'" 
172 N N1    . DT A 9  ? 3.86562 2.48927 2.92908 0.91538  -0.46755 0.56961  111 DT A N1    
173 C C2    . DT A 9  ? 3.93403 2.50854 2.92861 0.96906  -0.41946 0.53587  111 DT A C2    
174 O O2    . DT A 9  ? 4.04116 2.51185 2.93199 1.07030  -0.31776 0.49382  111 DT A O2    
175 N N3    . DT A 9  ? 3.91492 2.58266 2.95077 0.89703  -0.49035 0.56016  111 DT A N3    
176 C C4    . DT A 9  ? 3.84903 2.67149 2.96031 0.77489  -0.59557 0.61850  111 DT A C4    
177 O O4    . DT A 9  ? 3.85960 2.78232 2.97357 0.71201  -0.64849 0.63738  111 DT A O4    
178 C C5    . DT A 9  ? 3.79355 2.66820 2.95096 0.72750  -0.63302 0.64947  111 DT A C5    
179 C C7    . DT A 9  ? 3.77119 2.81859 2.95008 0.60250  -0.73538 0.68833  111 DT A C7    
180 C C6    . DT A 9  ? 3.79644 2.56376 2.94299 0.79996  -0.57223 0.62486  111 DT A C6    
181 P P     . DA A 10 ? 4.28293 2.65816 3.00908 1.24106  -0.29118 0.45969  112 DA A P     
182 O OP1   . DA A 10 ? 4.42934 2.70675 3.04170 1.32719  -0.15273 0.45646  112 DA A OP1   
183 O OP2   . DA A 10 ? 4.25015 2.70446 3.04831 1.19007  -0.42646 0.45958  112 DA A OP2   
184 O "O5'" . DA A 10 ? 4.27194 2.64145 2.92382 1.27457  -0.28434 0.43738  112 DA A "O5'" 
185 C "C5'" . DA A 10 ? 4.33482 2.62616 2.89897 1.33232  -0.15302 0.43547  112 DA A "C5'" 
186 C "C4'" . DA A 10 ? 4.40902 2.70017 2.88556 1.37622  -0.15908 0.41036  112 DA A "C4'" 
187 O "O4'" . DA A 10 ? 4.32368 2.69546 2.90121 1.29745  -0.26567 0.40865  112 DA A "O4'" 
188 C "C3'" . DA A 10 ? 4.50333 2.79437 2.87945 1.43509  -0.19544 0.38308  112 DA A "C3'" 
189 O "O3'" . DA A 10 ? 4.58256 2.82691 2.82408 1.51182  -0.12639 0.36823  112 DA A "O3'" 
190 C "C2'" . DA A 10 ? 4.42021 2.80151 2.90308 1.35601  -0.34990 0.37001  112 DA A "C2'" 
191 C "C1'" . DA A 10 ? 4.33800 2.76441 2.91706 1.28372  -0.37706 0.38679  112 DA A "C1'" 
192 N N9    . DA A 10 ? 4.24952 2.76753 2.97615 1.17340  -0.49711 0.41284  112 DA A N9    
193 C C8    . DA A 10 ? 4.22197 2.77161 3.01906 1.13071  -0.55006 0.43215  112 DA A C8    
194 N N7    . DA A 10 ? 4.16608 2.80838 3.07829 1.02662  -0.65133 0.46336  112 DA A N7    
195 C C5    . DA A 10 ? 4.15199 2.82826 3.07244 0.99677  -0.66736 0.46588  112 DA A C5    
196 C C6    . DA A 10 ? 4.12096 2.90030 3.12212 0.89287  -0.75355 0.49769  112 DA A C6    
197 N N6    . DA A 10 ? 4.10982 2.97455 3.18728 0.79774  -0.83917 0.53019  112 DA A N6    
198 N N1    . DA A 10 ? 4.12748 2.92089 3.10954 0.88998  -0.74566 0.49133  112 DA A N1    
199 C C2    . DA A 10 ? 4.18599 2.88756 3.07231 0.98984  -0.65572 0.45096  112 DA A C2    
200 N N3    . DA A 10 ? 4.22479 2.82646 3.01332 1.09318  -0.56330 0.41973  112 DA A N3    
201 C C4    . DA A 10 ? 4.19931 2.79616 3.01221 1.08864  -0.57545 0.43101  112 DA A C4    
202 P P     . DA B 1  ? 3.41456 4.56105 4.11979 -0.71741 0.63884  -0.14770 105 DA B P     
203 O OP1   . DA B 1  ? 3.48061 4.53942 4.17040 -0.60225 0.73667  -0.18867 105 DA B OP1   
204 O OP2   . DA B 1  ? 3.28809 4.60441 4.19259 -0.63886 0.52884  -0.10315 105 DA B OP2   
205 O "O5'" . DA B 1  ? 3.41721 4.28292 3.84403 -0.80456 0.65976  -0.17962 105 DA B "O5'" 
206 C "C5'" . DA B 1  ? 3.44541 4.33550 3.80916 -0.94803 0.58742  -0.15244 105 DA B "C5'" 
207 C "C4'" . DA B 1  ? 3.31520 4.10908 3.64207 -0.88578 0.53060  -0.15108 105 DA B "C4'" 
208 O "O4'" . DA B 1  ? 3.25029 3.77667 3.40297 -0.80389 0.61259  -0.20970 105 DA B "O4'" 
209 C "C3'" . DA B 1  ? 3.18517 4.14892 3.74893 -0.74358 0.44866  -0.11196 105 DA B "C3'" 
210 O "O3'" . DA B 1  ? 3.13478 4.09896 3.68303 -0.77696 0.35838  -0.08150 105 DA B "O3'" 
211 C "C2'" . DA B 1  ? 3.07218 3.88936 3.61990 -0.57238 0.51780  -0.15771 105 DA B "C2'" 
212 C "C1'" . DA B 1  ? 3.09252 3.62959 3.36564 -0.62727 0.59359  -0.21080 105 DA B "C1'" 
213 N N9    . DA B 1  ? 3.06255 3.44019 3.25930 -0.52186 0.69375  -0.26160 105 DA B N9    
214 C C8    . DA B 1  ? 3.13835 3.54271 3.36079 -0.50349 0.76405  -0.27490 105 DA B C8    
215 N N7    . DA B 1  ? 3.13210 3.36105 3.26033 -0.40044 0.84330  -0.31930 105 DA B N7    
216 C C5    . DA B 1  ? 3.04014 3.12718 3.08399 -0.34660 0.82401  -0.33790 105 DA B C5    
217 C C6    . DA B 1  ? 3.00291 2.88990 2.93553 -0.23473 0.87612  -0.38224 105 DA B C6    
218 N N6    . DA B 1  ? 3.06314 2.84372 2.94074 -0.15255 0.95836  -0.41487 105 DA B N6    
219 N N1    . DA B 1  ? 2.93936 2.74658 2.81852 -0.21340 0.83899  -0.38981 105 DA B N1    
220 C C2    . DA B 1  ? 2.92490 2.83484 2.84866 -0.30047 0.75544  -0.35372 105 DA B C2    
221 N N3    . DA B 1  ? 2.92867 3.01880 2.94972 -0.40698 0.69594  -0.30807 105 DA B N3    
222 C C4    . DA B 1  ? 2.99125 3.16655 3.07316 -0.42347 0.73483  -0.30341 105 DA B C4    
223 P P     . DC B 2  ? 2.86544 3.99182 3.63883 -0.65763 0.25277  -0.02996 106 DC B P     
224 O OP1   . DC B 2  ? 2.93648 4.16588 3.72010 -0.77682 0.14532  0.02641  106 DC B OP1   
225 O OP2   . DC B 2  ? 2.87969 4.18145 3.87437 -0.54453 0.26171  -0.01943 106 DC B OP2   
226 O "O5'" . DC B 2  ? 2.77951 3.69734 3.46004 -0.53753 0.27855  -0.06768 106 DC B "O5'" 
227 C "C5'" . DC B 2  ? 2.74436 3.47850 3.21356 -0.61388 0.28716  -0.08972 106 DC B "C5'" 
228 C "C4'" . DC B 2  ? 2.66624 3.22816 3.07495 -0.48188 0.32688  -0.13089 106 DC B "C4'" 
229 O "O4'" . DC B 2  ? 2.65137 3.10267 3.00780 -0.40425 0.43486  -0.18584 106 DC B "O4'" 
230 C "C3'" . DC B 2  ? 2.62655 3.28165 3.22475 -0.34049 0.25515  -0.09882 106 DC B "C3'" 
231 O "O3'" . DC B 2  ? 2.57584 3.08359 3.07342 -0.30057 0.25158  -0.11783 106 DC B "O3'" 
232 C "C2'" . DC B 2  ? 2.62044 3.28807 3.31550 -0.20578 0.32198  -0.13009 106 DC B "C2'" 
233 C "C1'" . DC B 2  ? 2.60982 3.06611 3.08497 -0.23553 0.43228  -0.19346 106 DC B "C1'" 
234 N N1    . DC B 2  ? 2.63306 3.05795 3.12125 -0.15569 0.52054  -0.23067 106 DC B N1    
235 C C2    . DC B 2  ? 2.59742 2.85244 2.99990 -0.04401 0.58698  -0.28046 106 DC B C2    
236 O O2    . DC B 2  ? 2.54356 2.69143 2.87271 -0.01540 0.57018  -0.29279 106 DC B O2    
237 N N3    . DC B 2  ? 2.63319 2.85241 3.03444 0.02666  0.66647  -0.31208 106 DC B N3    
238 C C4    . DC B 2  ? 2.70354 3.05200 3.18572 -0.01389 0.68519  -0.29708 106 DC B C4    
239 N N4    . DC B 2  ? 2.75512 3.06060 3.22325 0.05370  0.76640  -0.32797 106 DC B N4    
240 C C5    . DC B 2  ? 2.73725 3.27246 3.31788 -0.12857 0.62026  -0.24805 106 DC B C5    
241 C C6    . DC B 2  ? 2.69963 3.26475 3.27868 -0.19490 0.53698  -0.21549 106 DC B C6    
242 P P     . DA B 3  ? 2.61465 3.19328 3.21293 -0.27136 0.13721  -0.06330 107 DA B P     
243 O OP1   . DA B 3  ? 2.62161 3.19322 3.09883 -0.42863 0.08822  -0.03564 107 DA B OP1   
244 O OP2   . DA B 3  ? 2.63644 3.39391 3.47508 -0.17633 0.07751  -0.02139 107 DA B OP2   
245 O "O5'" . DA B 3  ? 2.58371 2.99895 3.11348 -0.16007 0.17463  -0.10595 107 DA B "O5'" 
246 C "C5'" . DA B 3  ? 2.53637 2.79598 2.94326 -0.10909 0.28655  -0.17571 107 DA B "C5'" 
247 C "C4'" . DA B 3  ? 2.49389 2.72537 2.99616 0.06093  0.30426  -0.19831 107 DA B "C4'" 
248 O "O4'" . DA B 3  ? 2.49139 2.70240 2.99999 0.11997  0.38909  -0.23698 107 DA B "O4'" 
249 C "C3'" . DA B 3  ? 2.48982 2.86662 3.20753 0.14357  0.21077  -0.14771 107 DA B "C3'" 
250 O "O3'" . DA B 3  ? 2.47079 2.79872 3.18894 0.18034  0.15080  -0.13186 107 DA B "O3'" 
251 C "C2'" . DA B 3  ? 2.47709 2.87997 3.30370 0.27832  0.26257  -0.17754 107 DA B "C2'" 
252 C "C1'" . DA B 3  ? 2.47559 2.73747 3.13473 0.26551  0.37844  -0.23895 107 DA B "C1'" 
253 N N9    . DA B 3  ? 2.50029 2.82119 3.21727 0.29607  0.43582  -0.25400 107 DA B N9    
254 C C8    . DA B 3  ? 2.53180 3.02570 3.37899 0.25525  0.40701  -0.21815 107 DA B C8    
255 N N7    . DA B 3  ? 2.56411 3.08244 3.43490 0.29048  0.47787  -0.24312 107 DA B N7    
256 C C5    . DA B 3  ? 2.55239 2.89149 3.29294 0.36062  0.55515  -0.29690 107 DA B C5    
257 C C6    . DA B 3  ? 2.58626 2.85150 3.27288 0.42193  0.64830  -0.33991 107 DA B C6    
258 N N6    . DA B 3  ? 2.64606 3.01532 3.40487 0.41693  0.68619  -0.33746 107 DA B N6    
259 N N1    . DA B 3  ? 2.56507 2.65109 3.12011 0.48762  0.70094  -0.38395 107 DA B N1    
260 C C2    . DA B 3  ? 2.50903 2.50826 2.99932 0.48944  0.66618  -0.38724 107 DA B C2    
261 N N3    . DA B 3  ? 2.48289 2.53750 3.00949 0.43013  0.58444  -0.35097 107 DA B N3    
262 C C4    . DA B 3  ? 2.50766 2.72937 3.15806 0.36717  0.52987  -0.30494 107 DA B C4    
263 P P     . DC B 4  ? 2.45887 2.61591 3.05148 0.24324  0.20696  -0.18578 111 DC B P     
264 O OP1   . DC B 4  ? 2.41949 2.51646 3.01782 0.35901  0.29274  -0.24070 111 DC B OP1   
265 O OP2   . DC B 4  ? 2.51704 2.58234 2.92473 0.12454  0.22546  -0.19738 111 DC B OP2   
266 O "O5'" . DC B 4  ? 2.42003 2.60500 3.11508 0.30242  0.11271  -0.14656 111 DC B "O5'" 
267 C "C5'" . DC B 4  ? 2.38832 2.64126 3.25863 0.42484  0.07441  -0.13252 111 DC B "C5'" 
268 C "C4'" . DC B 4  ? 2.36990 2.74586 3.38073 0.40369  -0.04446 -0.05696 111 DC B "C4'" 
269 O "O4'" . DC B 4  ? 2.42902 2.91443 3.45046 0.29126  -0.06933 -0.01914 111 DC B "O4'" 
270 C "C3'" . DC B 4  ? 2.33157 2.66337 3.30510 0.36431  -0.12487 -0.01757 111 DC B "C3'" 
271 O "O3'" . DC B 4  ? 2.22778 2.60701 3.36006 0.45555  -0.20818 0.02170  111 DC B "O3'" 
272 C "C2'" . DC B 4  ? 2.40965 2.80299 3.32251 0.21027  -0.17343 0.03167  111 DC B "C2'" 
273 C "C1'" . DC B 4  ? 2.43318 2.96289 3.46353 0.21098  -0.17245 0.04677  111 DC B "C1'" 
274 N N1    . DC B 4  ? 2.49135 3.08381 3.44738 0.06076  -0.17751 0.06932  111 DC B N1    
275 C C2    . DC B 4  ? 2.50405 3.14147 3.42880 -0.05331 -0.26986 0.13254  111 DC B C2    
276 O O2    . DC B 4  ? 2.47780 3.09307 3.42753 -0.03264 -0.34565 0.17167  111 DC B O2    
277 N N3    . DC B 4  ? 2.53950 3.23793 3.39540 -0.19175 -0.27376 0.14949  111 DC B N3    
278 C C4    . DC B 4  ? 2.55446 3.26545 3.37633 -0.21901 -0.19113 0.10741  111 DC B C4    
279 N N4    . DC B 4  ? 2.58015 3.34659 3.32819 -0.36437 -0.19954 0.12440  111 DC B N4    
280 C C5    . DC B 4  ? 2.54610 3.20946 3.40016 -0.10428 -0.09754 0.04726  111 DC B C5    
281 C C6    . DC B 4  ? 2.51801 3.12669 3.43847 0.03301  -0.09497 0.03050  111 DC B C6    
282 P P     . DC B 5  ? 2.49673 2.77122 3.61032 0.51231  -0.24451 0.02069  112 DC B P     
283 O OP1   . DC B 5  ? 2.45930 2.78234 3.65063 0.48148  -0.36822 0.10059  112 DC B OP1   
284 O OP2   . DC B 5  ? 2.38699 2.61001 3.55156 0.65230  -0.18878 -0.03600 112 DC B OP2   
285 O "O5'" . DC B 5  ? 2.56959 2.74077 3.48034 0.41625  -0.19027 -0.01078 112 DC B "O5'" 
286 C "C5'" . DC B 5  ? 2.51848 2.60745 3.36968 0.41393  -0.21727 -0.00793 112 DC B "C5'" 
287 C "C4'" . DC B 5  ? 2.61661 2.71216 3.37551 0.27323  -0.27778 0.04459  112 DC B "C4'" 
288 O "O4'" . DC B 5  ? 2.71454 2.88074 3.43623 0.17123  -0.27184 0.06221  112 DC B "O4'" 
289 C "C3'" . DC B 5  ? 2.67253 2.67419 3.26334 0.21312  -0.22711 0.00839  112 DC B "C3'" 
290 O "O3'" . DC B 5  ? 2.70741 2.71071 3.24918 0.11383  -0.30923 0.06821  112 DC B "O3'" 
291 C "C2'" . DC B 5  ? 2.76565 2.76066 3.23879 0.14188  -0.13974 -0.03400 112 DC B "C2'" 
292 C "C1'" . DC B 5  ? 2.78908 2.88972 3.32507 0.06792  -0.20872 0.02774  112 DC B "C1'" 
293 N N1    . DC B 5  ? 2.82577 2.95311 3.31349 0.01887  -0.14123 -0.00203 112 DC B N1    
294 C C2    . DC B 5  ? 2.85542 3.03373 3.27334 -0.12285 -0.17307 0.03347  112 DC B C2    
295 O O2    . DC B 5  ? 2.87516 3.07702 3.26896 -0.20329 -0.25580 0.08978  112 DC B O2    
296 N N3    . DC B 5  ? 2.86327 3.05960 3.23419 -0.17345 -0.11331 0.00593  112 DC B N3    
297 C C4    . DC B 5  ? 2.85829 3.02099 3.24814 -0.08769 -0.02559 -0.05059 112 DC B C4    
298 N N4    . DC B 5  ? 2.86937 3.04144 3.20276 -0.14920 0.03056  -0.07356 112 DC B N4    
299 C C5    . DC B 5  ? 2.83754 2.95042 3.29576 0.05917  0.00741  -0.08542 112 DC B C5    
300 C C6    . DC B 5  ? 2.81573 2.91463 3.32203 0.10694  -0.05248 -0.06118 112 DC B C6    
301 P P     . DG B 6  ? 2.72920 2.70659 3.34637 0.15712  -0.40287 0.11663  113 DG B P     
302 O OP1   . DG B 6  ? 2.64639 2.65374 3.43995 0.28551  -0.44316 0.12940  113 DG B OP1   
303 O OP2   . DG B 6  ? 2.73703 2.63172 3.25228 0.15458  -0.35625 0.07477  113 DG B OP2   
304 O "O5'" . DG B 6  ? 2.79415 2.81472 3.37818 0.02679  -0.50652 0.20426  113 DG B "O5'" 
305 C "C5'" . DG B 6  ? 2.91993 2.98414 3.40170 -0.09878 -0.48947 0.21222  113 DG B "C5'" 
306 C "C4'" . DG B 6  ? 3.00874 3.03822 3.33635 -0.23442 -0.51540 0.24002  113 DG B "C4'" 
307 O "O4'" . DG B 6  ? 3.08947 3.10450 3.26057 -0.32722 -0.42763 0.18903  113 DG B "O4'" 
308 C "C3'" . DG B 6  ? 2.99727 2.94648 3.27742 -0.21090 -0.50466 0.22238  113 DG B "C3'" 
309 O "O3'" . DG B 6  ? 3.06987 3.01158 3.28819 -0.31676 -0.59570 0.29599  113 DG B "O3'" 
310 C "C2'" . DG B 6  ? 3.05345 2.95399 3.20068 -0.22278 -0.37482 0.13154  113 DG B "C2'" 
311 C "C1'" . DG B 6  ? 3.10244 3.03803 3.18144 -0.29619 -0.33126 0.11461  113 DG B "C1'" 
312 N N9    . DG B 6  ? 3.05449 2.97268 3.15255 -0.21131 -0.23248 0.04181  113 DG B N9    
313 C C8    . DG B 6  ? 2.99652 2.86922 3.14367 -0.08265 -0.16853 -0.01629 113 DG B C8    
314 N N7    . DG B 6  ? 2.98289 2.84425 3.12674 -0.03476 -0.08782 -0.06935 113 DG B N7    
315 C C5    . DG B 6  ? 3.01223 2.91452 3.10434 -0.14130 -0.09851 -0.04640 113 DG B C5    
316 C C6    . DG B 6  ? 3.00244 2.90805 3.06238 -0.15737 -0.03522 -0.07977 113 DG B C6    
317 O O6    . DG B 6  ? 2.98497 2.85207 3.05263 -0.07610 0.04614  -0.13567 113 DG B O6    
318 N N1    . DG B 6  ? 3.03083 2.98803 3.03744 -0.28993 -0.07732 -0.03907 113 DG B N1    
319 C C2    . DG B 6  ? 3.08115 3.08217 3.06684 -0.38994 -0.17078 0.02778  113 DG B C2    
320 N N2    . DG B 6  ? 3.12186 3.17352 3.04925 -0.51583 -0.20237 0.05941  113 DG B N2    
321 N N3    . DG B 6  ? 3.10300 3.09527 3.11440 -0.37439 -0.23048 0.06266  113 DG B N3    
322 C C4    . DG B 6  ? 3.05679 2.99856 3.12259 -0.24892 -0.18860 0.02134  113 DG B C4    
323 P P     . DT B 7  ? 3.37574 3.31271 3.39676 -0.48685 -0.57830 0.30238  114 DT B P     
324 O OP1   . DT B 7  ? 3.48170 3.42833 3.49790 -0.56824 -0.70388 0.40170  114 DT B OP1   
325 O OP2   . DT B 7  ? 3.41575 3.29635 3.32255 -0.48870 -0.47120 0.22320  114 DT B OP2   
326 O "O5'" . DT B 7  ? 3.40723 3.40144 3.38839 -0.55010 -0.54779 0.29020  114 DT B "O5'" 
327 C "C5'" . DT B 7  ? 3.50437 3.53390 3.37273 -0.70514 -0.59640 0.33960  114 DT B "C5'" 
328 C "C4'" . DT B 7  ? 3.57261 3.56351 3.24853 -0.79963 -0.48951 0.26846  114 DT B "C4'" 
329 O "O4'" . DT B 7  ? 3.49224 3.46000 3.18412 -0.71649 -0.37944 0.18280  114 DT B "O4'" 
330 C "C3'" . DT B 7  ? 3.64022 3.56894 3.19364 -0.83529 -0.44299 0.23706  114 DT B "C3'" 
331 O "O3'" . DT B 7  ? 3.79242 3.72709 3.18168 -0.99840 -0.46635 0.26674  114 DT B "O3'" 
332 C "C2'" . DT B 7  ? 3.60012 3.47645 3.10538 -0.76349 -0.30066 0.12709  114 DT B "C2'" 
333 C "C1'" . DT B 7  ? 3.51146 3.40887 3.05623 -0.73862 -0.27000 0.10386  114 DT B "C1'" 
334 N N1    . DT B 7  ? 3.40766 3.26376 3.00813 -0.60333 -0.17149 0.02463  114 DT B N1    
335 C C2    . DT B 7  ? 3.34268 3.19999 2.94640 -0.58932 -0.12086 -0.00934 114 DT B C2    
336 O O2    . DT B 7  ? 3.36345 3.26032 2.93113 -0.68456 -0.15201 0.01967  114 DT B O2    
337 N N3    . DT B 7  ? 3.26282 3.07398 2.90934 -0.46454 -0.03413 -0.07683 114 DT B N3    
338 C C4    . DT B 7  ? 3.24307 3.01532 2.93175 -0.35380 0.00317  -0.11351 114 DT B C4    
339 O O4    . DT B 7  ? 3.18240 2.91560 2.90218 -0.24716 0.07729  -0.17070 114 DT B O4    
340 C C5    . DT B 7  ? 3.30777 3.08893 2.99617 -0.37815 -0.05368 -0.07734 114 DT B C5    
341 C C7    . DT B 7  ? 3.29329 3.04369 3.02604 -0.27438 -0.02293 -0.11226 114 DT B C7    
342 C C6    . DT B 7  ? 3.38586 3.20418 3.02898 -0.50073 -0.13608 -0.01024 114 DT B C6    
343 O "O5'" . DT C 1  ? 4.42444 4.35018 5.72447 0.69332  1.80742  -0.36130 99  DT C "O5'" 
344 C "C5'" . DT C 1  ? 4.35102 4.21487 5.59948 0.61841  1.80446  -0.37193 99  DT C "C5'" 
345 C "C4'" . DT C 1  ? 4.31593 4.17844 5.46629 0.66155  1.77508  -0.34855 99  DT C "C4'" 
346 O "O4'" . DT C 1  ? 4.32893 4.30995 5.50407 0.77630  1.72854  -0.35877 99  DT C "O4'" 
347 C "C3'" . DT C 1  ? 4.21657 4.05958 5.33979 0.61079  1.74904  -0.37929 99  DT C "C3'" 
348 O "O3'" . DT C 1  ? 4.20478 3.97803 5.20984 0.59891  1.75468  -0.33858 99  DT C "O3'" 
349 C "C2'" . DT C 1  ? 4.17358 4.14387 5.36276 0.69144  1.68674  -0.42903 99  DT C "C2'" 
350 C "C1'" . DT C 1  ? 4.24729 4.27576 5.40428 0.79705  1.67805  -0.39245 99  DT C "C1'" 
351 N N1    . DT C 1  ? 4.24677 4.42085 5.48012 0.90160  1.61878  -0.43798 99  DT C N1    
352 C C2    . DT C 1  ? 4.29060 4.53064 5.47886 1.00844  1.59985  -0.40790 99  DT C C2    
353 O O2    . DT C 1  ? 4.33124 4.51302 5.42713 1.01996  1.63290  -0.34200 99  DT C O2    
354 N N3    . DT C 1  ? 4.29183 4.67050 5.55397 1.10237  1.54021  -0.45847 99  DT C N3    
355 C C4    . DT C 1  ? 4.25089 4.70573 5.63753 1.09819  1.49717  -0.53752 99  DT C C4    
356 O O4    . DT C 1  ? 4.25804 4.84276 5.71307 1.19020  1.43897  -0.58479 99  DT C O4    
357 C C5    . DT C 1  ? 4.20562 4.57863 5.64353 0.97756  1.52441  -0.56160 99  DT C C5    
358 C C7    . DT C 1  ? 4.16451 4.60393 5.75541 0.95312  1.48510  -0.64388 99  DT C C7    
359 C C6    . DT C 1  ? 4.20724 4.44698 5.56049 0.88832  1.58389  -0.50983 99  DT C C6    
360 P P     . DC C 2  ? 4.28973 3.99345 5.24275 0.51731  1.74913  -0.35395 100 DC C P     
361 O OP1   . DC C 2  ? 4.41895 4.03659 5.38703 0.41735  1.79223  -0.35662 100 DC C OP1   
362 O OP2   . DC C 2  ? 4.15533 3.94152 5.14722 0.55333  1.69372  -0.40550 100 DC C OP2   
363 O "O5'" . DC C 2  ? 4.14018 3.78119 4.97620 0.52425  1.75944  -0.30092 100 DC C "O5'" 
364 C "C5'" . DC C 2  ? 3.98403 3.68376 4.77199 0.59668  1.72147  -0.29487 100 DC C "C5'" 
365 C "C4'" . DC C 2  ? 3.95337 3.72262 4.74654 0.69691  1.71993  -0.26385 100 DC C "C4'" 
366 O "O4'" . DC C 2  ? 3.95347 3.82534 4.84320 0.74867  1.69049  -0.30925 100 DC C "O4'" 
367 C "C3'" . DC C 2  ? 3.79017 3.61376 4.51428 0.77598  1.69112  -0.24240 100 DC C "C3'" 
368 O "O3'" . DC C 2  ? 3.83148 3.66243 4.53320 0.84046  1.71805  -0.18382 100 DC C "O3'" 
369 C "C2'" . DC C 2  ? 3.71505 3.66272 4.49811 0.83990  1.62998  -0.30623 100 DC C "C2'" 
370 C "C1'" . DC C 2  ? 3.80471 3.78549 4.68480 0.85050  1.64106  -0.32255 100 DC C "C1'" 
371 N N1    . DC C 2  ? 3.76701 3.84803 4.75136 0.87921  1.59094  -0.39816 100 DC C N1    
372 C C2    . DC C 2  ? 3.81832 4.02854 4.84032 0.99214  1.54517  -0.42082 100 DC C C2    
373 O O2    . DC C 2  ? 3.89889 4.13603 4.85790 1.06548  1.55016  -0.37214 100 DC C O2    
374 N N3    . DC C 2  ? 3.78837 4.09128 4.92188 1.01799  1.49620  -0.49597 100 DC C N3    
375 C C4    . DC C 2  ? 3.71467 3.97841 4.92389 0.93111  1.49745  -0.54178 100 DC C C4    
376 N N4    . DC C 2  ? 3.69494 4.05061 5.03310 0.95460  1.44789  -0.61726 100 DC C N4    
377 C C5    . DC C 2  ? 3.66756 3.79856 4.83137 0.81571  1.54838  -0.51348 100 DC C C5    
378 C C6    . DC C 2  ? 3.69359 3.74051 4.74294 0.79628  1.59041  -0.44479 100 DC C C6    
379 P P     . DT C 3  ? 4.18586 4.05261 4.80411 0.91908  1.70980  -0.13602 101 DT C P     
380 O OP1   . DT C 3  ? 4.37765 4.19680 4.97981 0.94793  1.76230  -0.06214 101 DT C OP1   
381 O OP2   . DT C 3  ? 3.97617 3.80204 4.53101 0.87011  1.69814  -0.14338 101 DT C OP2   
382 O "O5'" . DT C 3  ? 4.13268 4.15217 4.78076 1.02555  1.64750  -0.17906 101 DT C "O5'" 
383 C "C5'" . DT C 3  ? 4.12866 4.21099 4.74925 1.04690  1.59483  -0.22340 101 DT C "C5'" 
384 C "C4'" . DT C 3  ? 4.07962 4.31035 4.74246 1.15315  1.53367  -0.27073 101 DT C "C4'" 
385 O "O4'" . DT C 3  ? 4.03718 4.30592 4.81058 1.13001  1.50325  -0.34797 101 DT C "O4'" 
386 C "C3'" . DT C 3  ? 3.87104 4.17677 4.47976 1.20395  1.48136  -0.29893 101 DT C "C3'" 
387 O "O3'" . DT C 3  ? 3.92499 4.35888 4.53312 1.32172  1.43902  -0.30445 101 DT C "O3'" 
388 C "C2'" . DT C 3  ? 3.69194 4.00428 4.37062 1.15193  1.44227  -0.38577 101 DT C "C2'" 
389 C "C1'" . DT C 3  ? 3.82963 4.17462 4.62191 1.15647  1.43988  -0.41905 101 DT C "C1'" 
390 N N1    . DT C 3  ? 3.73468 4.03837 4.62028 1.07043  1.43458  -0.48037 101 DT C N1    
391 C C2    . DT C 3  ? 3.72731 4.12573 4.73198 1.10664  1.38357  -0.55874 101 DT C C2    
392 O O2    . DT C 3  ? 3.78772 4.31073 4.82174 1.21140  1.33516  -0.58831 101 DT C O2    
393 N N3    . DT C 3  ? 3.65491 3.99832 4.75004 1.01263  1.38931  -0.60291 101 DT C N3    
394 C C4    . DT C 3  ? 3.59679 3.80851 4.66319 0.89555  1.43926  -0.57584 101 DT C C4    
395 O O4    . DT C 3  ? 3.55164 3.72625 4.70397 0.81777  1.44281  -0.61588 101 DT C O4    
396 C C5    . DT C 3  ? 3.60545 3.72970 4.54146 0.87033  1.48601  -0.49864 101 DT C C5    
397 C C7    . DT C 3  ? 3.55608 3.54392 4.45254 0.75161  1.53578  -0.47017 101 DT C C7    
398 C C6    . DT C 3  ? 3.66979 3.84156 4.52957 0.95525  1.48206  -0.45567 101 DT C C6    
399 P P     . DG C 4  ? 5.02702 5.48383 5.52257 1.39785  1.45504  -0.22123 102 DG C P     
400 O OP1   . DG C 4  ? 5.17550 5.68342 5.69047 1.47835  1.46354  -0.18144 102 DG C OP1   
401 O OP2   . DG C 4  ? 4.84990 5.17945 5.27471 1.32009  1.51541  -0.15879 102 DG C OP2   
402 O "O5'" . DG C 4  ? 4.73577 5.31299 5.19462 1.46774  1.37861  -0.27452 102 DG C "O5'" 
403 C "C5'" . DG C 4  ? 4.44587 5.01163 4.91724 1.41247  1.34594  -0.34278 102 DG C "C5'" 
404 C "C4'" . DG C 4  ? 4.38626 5.07590 4.93377 1.46723  1.25907  -0.44375 102 DG C "C4'" 
405 O "O4'" . DG C 4  ? 4.32809 4.98087 4.99508 1.40237  1.25977  -0.50574 102 DG C "O4'" 
406 C "C3'" . DG C 4  ? 4.16099 4.90061 4.66922 1.48082  1.20022  -0.49672 102 DG C "C3'" 
407 O "O3'" . DG C 4  ? 4.22547 5.11090 4.76037 1.57381  1.11060  -0.55833 102 DG C "O3'" 
408 C "C2'" . DG C 4  ? 3.94852 4.60699 4.52824 1.38427  1.20605  -0.55567 102 DG C "C2'" 
409 C "C1'" . DG C 4  ? 4.09154 4.74301 4.78826 1.36660  1.21943  -0.57958 102 DG C "C1'" 
410 N N9    . DG C 4  ? 3.49118 4.01176 4.23227 1.24941  1.27107  -0.57878 102 DG C N9    
411 C C8    . DG C 4  ? 3.46232 3.85283 4.13112 1.16027  1.33275  -0.51566 102 DG C C8    
412 N N7    . DG C 4  ? 3.40500 3.69864 4.12807 1.05952  1.36151  -0.52806 102 DG C N7    
413 C C5    . DG C 4  ? 3.39030 3.74878 4.23841 1.07713  1.32112  -0.60310 102 DG C C5    
414 C C6    . DG C 4  ? 3.34417 3.64906 4.30275 0.98987  1.32863  -0.64518 102 DG C C6    
415 O O6    . DG C 4  ? 3.31218 3.50060 4.26308 0.88368  1.37451  -0.62091 102 DG C O6    
416 N N1    . DG C 4  ? 3.35064 3.75988 4.43126 1.02699  1.25729  -0.71946 102 DG C N1    
417 C C2    . DG C 4  ? 3.39622 3.94778 4.48585 1.14175  1.18627  -0.75447 102 DG C C2    
418 N N2    . DG C 4  ? 3.39968 4.04158 4.62080 1.15496  1.11014  -0.83211 102 DG C N2    
419 N N3    . DG C 4  ? 3.44506 4.05046 4.42466 1.23767  1.19030  -0.71633 102 DG C N3    
420 C C4    . DG C 4  ? 3.43860 3.93887 4.30468 1.19728  1.26395  -0.63894 102 DG C C4    
421 P P     . DC C 5  ? 4.53746 5.50494 5.02765 1.60866  1.02804  -0.61865 103 DC C P     
422 O OP1   . DC C 5  ? 4.67827 5.78201 5.10625 1.72234  0.97047  -0.60887 103 DC C OP1   
423 O OP2   . DC C 5  ? 4.33887 5.21023 4.75673 1.54187  1.07332  -0.58712 103 DC C OP2   
424 O "O5'" . DC C 5  ? 4.47205 5.47242 5.09821 1.58072  0.95596  -0.73563 103 DC C "O5'" 
425 C "C5'" . DC C 5  ? 4.50834 5.58548 5.24439 1.61624  0.91082  -0.78484 103 DC C "C5'" 
426 C "C4'" . DC C 5  ? 4.30978 5.40656 5.17656 1.57259  0.83909  -0.89607 103 DC C "C4'" 
427 O "O4'" . DC C 5  ? 4.22538 5.20237 5.16508 1.47789  0.90981  -0.89403 103 DC C "O4'" 
428 C "C3'" . DC C 5  ? 4.08665 5.20213 4.92029 1.56151  0.77226  -0.95191 103 DC C "C3'" 
429 O "O3'" . DC C 5  ? 4.01276 5.22071 4.96147 1.57279  0.66020  -1.06186 103 DC C "O3'" 
430 C "C2'" . DC C 5  ? 3.91084 4.88399 4.74836 1.46065  0.84097  -0.93794 103 DC C "C2'" 
431 C "C1'" . DC C 5  ? 3.97790 4.89111 4.92977 1.39928  0.88440  -0.93640 103 DC C "C1'" 
432 N N1    . DC C 5  ? 3.52919 4.27259 4.44665 1.28635  0.98134  -0.86507 103 DC C N1    
433 C C2    . DC C 5  ? 3.47232 4.12521 4.49555 1.17280  0.98997  -0.88759 103 DC C C2    
434 O O2    . DC C 5  ? 3.46266 4.17442 4.61688 1.16510  0.92004  -0.96332 103 DC C O2    
435 N N3    . DC C 5  ? 3.43911 3.94580 4.42072 1.07555  1.07602  -0.82595 103 DC C N3    
436 C C4    . DC C 5  ? 3.45646 3.90536 4.31004 1.08595  1.14868  -0.75040 103 DC C C4    
437 N N4    . DC C 5  ? 3.44587 3.75648 4.26798 0.98989  1.22803  -0.70016 103 DC C N4    
438 C C5    . DC C 5  ? 3.51033 4.04460 4.26526 1.19653  1.14434  -0.72320 103 DC C C5    
439 C C6    . DC C 5  ? 3.54848 4.22913 4.33320 1.29477  1.06078  -0.77977 103 DC C C6    
440 P P     . DA C 6  ? 4.25323 5.51618 5.18215 1.58260  0.56414  -1.13595 104 DA C P     
441 O OP1   . DA C 6  ? 4.42588 5.84619 5.36152 1.67437  0.46348  -1.19064 104 DA C OP1   
442 O OP2   . DA C 6  ? 4.18441 5.37517 4.97598 1.56574  0.62156  -1.07171 104 DA C OP2   
443 O "O5'" . DA C 6  ? 4.06032 5.26989 5.15155 1.49123  0.52314  -1.22637 104 DA C "O5'" 
444 C "C5'" . DA C 6  ? 4.11804 5.38598 5.37374 1.48485  0.46259  -1.30178 104 DA C "C5'" 
445 C "C4'" . DA C 6  ? 3.95839 5.13449 5.36407 1.37639  0.46172  -1.35628 104 DA C "C4'" 
446 O "O4'" . DA C 6  ? 3.93388 4.96206 5.29719 1.29228  0.57738  -1.26727 104 DA C "O4'" 
447 C "C3'" . DA C 6  ? 3.75037 4.90252 5.17142 1.33981  0.39850  -1.41741 104 DA C "C3'" 
448 O "O3'" . DA C 6  ? 3.68561 4.82581 5.30061 1.27563  0.34109  -1.50453 104 DA C "O3'" 
449 C "C2'" . DA C 6  ? 3.63697 4.64405 4.94863 1.27025  0.49321  -1.33475 104 DA C "C2'" 
450 C "C1'" . DA C 6  ? 3.73608 4.65014 5.06896 1.20485  0.58705  -1.25770 104 DA C "C1'" 
451 N N9    . DA C 6  ? 3.43982 4.24337 4.62819 1.17140  0.69406  -1.14980 104 DA C N9    
452 C C8    . DA C 6  ? 3.49866 4.33443 4.54307 1.24943  0.74211  -1.08672 104 DA C C8    
453 N N7    . DA C 6  ? 3.48854 4.20140 4.43916 1.19173  0.83879  -0.99790 104 DA C N7    
454 C C5    . DA C 6  ? 3.43535 4.03181 4.46351 1.07044  0.85292  -1.00431 104 DA C C5    
455 C C6    . DA C 6  ? 3.42198 3.86761 4.40854 0.96673  0.93576  -0.93994 104 DA C C6    
456 N N6    . DA C 6  ? 3.45220 3.83401 4.31598 0.96619  1.02194  -0.85886 104 DA C N6    
457 N N1    . DA C 6  ? 3.38683 3.75226 4.46696 0.86438  0.92652  -0.96300 104 DA C N1    
458 C C2    . DA C 6  ? 3.36450 3.79158 4.58157 0.86314  0.84273  -1.04291 104 DA C C2    
459 N N3    . DA C 6  ? 3.36599 3.93186 4.64667 0.95205  0.75835  -1.11509 104 DA C N3    
460 C C4    . DA C 6  ? 3.40321 4.05160 4.57705 1.05610  0.76711  -1.09231 104 DA C C4    
461 P P     . DC C 7  ? 3.75919 4.87583 5.43811 1.23413  0.26087  -1.58316 105 DC C P     
462 O OP1   . DC C 7  ? 3.87441 5.04486 5.76062 1.21378  0.17437  -1.68222 105 DC C OP1   
463 O OP2   . DC C 7  ? 3.69839 4.87311 5.22042 1.30318  0.22354  -1.57627 105 DC C OP2   
464 O "O5'" . DC C 7  ? 3.63864 4.56348 5.28598 1.10198  0.34125  -1.50444 105 DC C "O5'" 
465 C "C5'" . DC C 7  ? 3.65899 4.48725 5.41831 0.99847  0.38365  -1.47756 105 DC C "C5'" 
466 C "C4'" . DC C 7  ? 3.53863 4.19780 5.24161 0.88533  0.44707  -1.40768 105 DC C "C4'" 
467 O "O4'" . DC C 7  ? 3.54596 4.14452 5.07344 0.88850  0.54610  -1.30722 105 DC C "O4'" 
468 C "C3'" . DC C 7  ? 3.38723 4.01334 5.08085 0.86558  0.38643  -1.44904 105 DC C "C3'" 
469 O "O3'" . DC C 7  ? 3.32842 3.81941 5.08853 0.74662  0.40694  -1.42423 105 DC C "O3'" 
470 C "C2'" . DC C 7  ? 3.34393 3.95025 4.83790 0.90318  0.43894  -1.38523 105 DC C "C2'" 
471 C "C1'" . DC C 7  ? 3.41321 3.93575 4.84103 0.85685  0.55330  -1.28414 105 DC C "C1'" 
472 N N1    . DC C 7  ? 3.19774 3.71382 4.44758 0.90342  0.62695  -1.20808 105 DC C N1    
473 C C2    . DC C 7  ? 3.21715 3.59879 4.37545 0.82566  0.71942  -1.12202 105 DC C C2    
474 O O2    . DC C 7  ? 3.21708 3.49400 4.43205 0.72481  0.73600  -1.11020 105 DC C O2    
475 N N3    . DC C 7  ? 3.24402 3.61652 4.25813 0.86412  0.78840  -1.05441 105 DC C N3    
476 C C4    . DC C 7  ? 3.26339 3.75333 4.21740 0.97625  0.77093  -1.06214 105 DC C C4    
477 N N4    . DC C 7  ? 3.30630 3.77861 4.12598 1.00863  0.84582  -0.98736 105 DC C N4    
478 C C5    . DC C 7  ? 3.25090 3.88462 4.28310 1.06156  0.67590  -1.14760 105 DC C C5    
479 C C6    . DC C 7  ? 3.21404 3.85624 4.39660 1.02098  0.60500  -1.22243 105 DC C C6    
480 P P     . DT C 8  ? 3.41162 3.86948 5.26517 0.70788  0.32088  -1.49116 106 DT C P     
481 O OP1   . DT C 8  ? 3.55970 4.02410 5.62163 0.66239  0.27584  -1.54526 106 DT C OP1   
482 O OP2   . DT C 8  ? 3.30738 3.86232 5.09677 0.80231  0.25145  -1.55247 106 DT C OP2   
483 O "O5'" . DT C 8  ? 3.38789 3.68125 5.14794 0.60786  0.38924  -1.40513 106 DT C "O5'" 
484 C "C5'" . DT C 8  ? 3.44023 3.63508 5.15909 0.53287  0.49074  -1.31436 106 DT C "C5'" 
485 C "C4'" . DT C 8  ? 3.34985 3.42554 4.92365 0.47757  0.55072  -1.24018 106 DT C "C4'" 
486 O "O4'" . DT C 8  ? 3.31548 3.41710 4.72814 0.53442  0.61092  -1.19220 106 DT C "O4'" 
487 C "C3'" . DT C 8  ? 3.23243 3.28069 4.79691 0.47166  0.48327  -1.27762 106 DT C "C3'" 
488 O "O3'" . DT C 8  ? 3.19832 3.11082 4.69596 0.38291  0.53446  -1.21062 106 DT C "O3'" 
489 C "C2'" . DT C 8  ? 3.15501 3.28755 4.58958 0.56776  0.47650  -1.28858 106 DT C "C2'" 
490 C "C1'" . DT C 8  ? 3.19570 3.28608 4.51059 0.55509  0.58775  -1.19724 106 DT C "C1'" 
491 N N1    . DT C 8  ? 3.18291 3.35599 4.37395 0.64895  0.61252  -1.18207 106 DT C N1    
492 C C2    . DT C 8  ? 3.19863 3.30619 4.25053 0.63151  0.70332  -1.10065 106 DT C C2    
493 O O2    . DT C 8  ? 3.21887 3.20851 4.23997 0.54467  0.76163  -1.04626 106 DT C O2    
494 N N3    . DT C 8  ? 3.20309 3.39137 4.15526 0.72141  0.72425  -1.08527 106 DT C N3    
495 C C4    . DT C 8  ? 3.19584 3.52603 4.15993 0.82868  0.66406  -1.14048 106 DT C C4    
496 O O4    . DT C 8  ? 3.21753 3.61281 4.07964 0.90663  0.69361  -1.11250 106 DT C O4    
497 C C5    . DT C 8  ? 3.17326 3.57234 4.28140 0.84409  0.56470  -1.23326 106 DT C C5    
498 C C7    . DT C 8  ? 3.17037 3.73300 4.30305 0.96134  0.48802  -1.30824 106 DT C C7    
499 C C6    . DT C 8  ? 3.16668 3.48189 4.38649 0.75244  0.54437  -1.24985 106 DT C C6    
500 P P     . DG C 9  ? 3.19638 3.00663 4.81125 0.28324  0.51463  -1.20504 107 DG C P     
501 O OP1   . DG C 9  ? 3.32473 3.13910 5.05096 0.24764  0.54703  -1.19329 107 DG C OP1   
502 O OP2   . DG C 9  ? 3.11831 2.94941 4.81795 0.30223  0.41112  -1.28011 107 DG C OP2   
503 O "O5'" . DG C 9  ? 3.27014 2.95147 4.74575 0.20987  0.59236  -1.11627 107 DG C "O5'" 
504 C "C5'" . DG C 9  ? 3.25394 2.90572 4.62169 0.19380  0.69413  -1.04531 107 DG C "C5'" 
505 C "C4'" . DG C 9  ? 3.26233 2.84102 4.47019 0.17208  0.74237  -0.99272 107 DG C "C4'" 
506 O "O4'" . DG C 9  ? 3.15213 2.80260 4.25876 0.25314  0.75524  -0.99843 107 DG C "O4'" 
507 C "C3'" . DG C 9  ? 3.23520 2.75227 4.43395 0.13935  0.68888  -1.00464 107 DG C "C3'" 
508 O "O3'" . DG C 9  ? 3.29981 2.71675 4.38255 0.07779  0.75614  -0.93695 107 DG C "O3'" 
509 C "C2'" . DG C 9  ? 3.07255 2.67849 4.23283 0.22823  0.63102  -1.06018 107 DG C "C2'" 
510 C "C1'" . DG C 9  ? 3.04195 2.70113 4.10139 0.28075  0.70168  -1.02856 107 DG C "C1'" 
511 N N9    . DG C 9  ? 2.96225 2.74895 4.02236 0.38425  0.65674  -1.08217 107 DG C N9    
512 C C8    . DG C 9  ? 2.94321 2.82546 4.12001 0.43779  0.57481  -1.15876 107 DG C C8    
513 N N7    . DG C 9  ? 2.90437 2.90047 4.03973 0.53484  0.55195  -1.19273 107 DG C N7    
514 C C5    . DG C 9  ? 2.90214 2.87169 3.88954 0.54342  0.62880  -1.12823 107 DG C C5    
515 C C6    . DG C 9  ? 2.88328 2.93750 3.76863 0.63056  0.64976  -1.11988 107 DG C C6    
516 O O6    . DG C 9  ? 2.87002 3.04864 3.76475 0.72427  0.60154  -1.16956 107 DG C O6    
517 N N1    . DG C 9  ? 2.89649 2.88061 3.66017 0.60206  0.73773  -1.04439 107 DG C N1    
518 C C2    . DG C 9  ? 2.92529 2.78022 3.66495 0.50469  0.79300  -0.99180 107 DG C C2    
519 N N2    . DG C 9  ? 2.93989 2.74701 3.56764 0.49132  0.87236  -0.93079 107 DG C N2    
520 N N3    . DG C 9  ? 2.94674 2.72726 3.76836 0.42702  0.77290  -0.99826 107 DG C N3    
521 C C4    . DG C 9  ? 2.93550 2.77653 3.88027 0.45038  0.69238  -1.06405 107 DG C C4    
522 P P     . DT C 10 ? 3.37789 2.71976 4.41280 0.04124  0.71980  -0.93201 108 DT C P     
523 O OP1   . DT C 10 ? 3.49643 2.73182 4.46230 -0.04190 0.79000  -0.86107 108 DT C OP1   
524 O OP2   . DT C 10 ? 3.32209 2.68179 4.48432 0.05062  0.62003  -0.99195 108 DT C OP2   
525 O "O5'" . DT C 10 ? 3.25219 2.64233 4.16960 0.10541  0.72467  -0.94365 108 DT C "O5'" 
526 C "C5'" . DT C 10 ? 3.26680 2.66952 4.08033 0.12386  0.81000  -0.90180 108 DT C "C5'" 
527 C "C4'" . DT C 10 ? 3.16333 2.58742 3.87261 0.16491  0.81325  -0.90498 108 DT C "C4'" 
528 O "O4'" . DT C 10 ? 3.06173 2.60178 3.77375 0.25970  0.78969  -0.94309 108 DT C "O4'" 
529 C "C3'" . DT C 10 ? 3.10973 2.50169 3.81887 0.14956  0.74613  -0.93308 108 DT C "C3'" 
530 O "O3'" . DT C 10 ? 3.08696 2.43730 3.68218 0.13296  0.79091  -0.90057 108 DT C "O3'" 
531 C "C2'" . DT C 10 ? 2.98755 2.48861 3.74987 0.23524  0.66621  -1.00544 108 DT C "C2'" 
532 C "C1'" . DT C 10 ? 2.95216 2.53412 3.65786 0.30112  0.72088  -0.99160 108 DT C "C1'" 
533 N N1    . DT C 10 ? 2.85534 2.56242 3.62133 0.39092  0.66045  -1.05429 108 DT C N1    
534 C C2    . DT C 10 ? 2.83063 2.62827 3.52292 0.47257  0.68223  -1.05511 108 DT C C2    
535 O O2    . DT C 10 ? 2.83831 2.61484 3.42750 0.47255  0.75004  -1.00617 108 DT C O2    
536 N N3    . DT C 10 ? 2.81004 2.72746 3.55757 0.55607  0.62160  -1.11596 108 DT C N3    
537 C C4    . DT C 10 ? 2.80903 2.76406 3.68618 0.56409  0.54097  -1.18170 108 DT C C4    
538 O O4    . DT C 10 ? 2.81496 2.88746 3.73508 0.64540  0.48672  -1.24153 108 DT C O4    
539 C C5    . DT C 10 ? 2.82496 2.67457 3.78685 0.47146  0.52531  -1.17527 108 DT C C5    
540 C C7    . DT C 10 ? 2.82938 2.70462 3.95089 0.46755  0.44307  -1.24165 108 DT C C7    
541 C C6    . DT C 10 ? 2.85397 2.58652 3.75111 0.39153  0.58632  -1.10913 108 DT C C6    
542 P P     . DG C 11 ? 3.27426 2.51714 3.79839 0.04881  0.87008  -0.83490 109 DG C P     
543 O OP1   . DG C 11 ? 3.26625 2.52316 3.70009 0.06871  0.95360  -0.80199 109 DG C OP1   
544 O OP2   . DG C 11 ? 3.36980 2.56524 3.96149 -0.00575 0.87877  -0.81452 109 DG C OP2   
545 O "O5'" . DG C 11 ? 3.23075 2.41343 3.72227 0.01191  0.82783  -0.84044 109 DG C "O5'" 
546 C "C5'" . DG C 11 ? 3.23164 2.38109 3.80226 -0.01418 0.75120  -0.86269 109 DG C "C5'" 
547 C "C4'" . DG C 11 ? 3.16553 2.26328 3.69247 -0.03969 0.71598  -0.86467 109 DG C "C4'" 
548 O "O4'" . DG C 11 ? 3.14066 2.21618 3.76301 -0.05022 0.62920  -0.89334 109 DG C "O4'" 
549 C "C3'" . DG C 11 ? 3.17202 2.17836 3.61383 -0.11164 0.77467  -0.80842 109 DG C "C3'" 
550 O "O3'" . DG C 11 ? 3.12718 2.14623 3.47405 -0.09773 0.81878  -0.80331 109 DG C "O3'" 
551 C "C2'" . DG C 11 ? 3.13593 2.07859 3.60798 -0.14914 0.70642  -0.81016 109 DG C "C2'" 
552 C "C1'" . DG C 11 ? 3.14310 2.11971 3.74473 -0.12153 0.63301  -0.85022 109 DG C "C1'" 
553 N N9    . DG C 11 ? 3.22224 2.15992 3.89239 -0.16602 0.64944  -0.81923 109 DG C N9    
554 C C8    . DG C 11 ? 3.30075 2.28376 4.03098 -0.15140 0.67744  -0.82307 109 DG C C8    
555 N N7    . DG C 11 ? 3.36585 2.30001 4.15893 -0.20334 0.68915  -0.79066 109 DG C N7    
556 C C5    . DG C 11 ? 3.32407 2.17352 4.09036 -0.25364 0.66802  -0.75894 109 DG C C5    
557 C C6    . DG C 11 ? 3.38423 2.15411 4.18817 -0.31947 0.67216  -0.70936 109 DG C C6    
558 O O6    . DG C 11 ? 3.46696 2.22591 4.34406 -0.35075 0.69886  -0.68476 109 DG C O6    
559 N N1    . DG C 11 ? 3.39733 2.09880 4.14631 -0.34784 0.64276  -0.68563 109 DG C N1    
560 C C2    . DG C 11 ? 3.31904 2.03079 3.99446 -0.31773 0.61201  -0.71262 109 DG C C2    
561 N N2    . DG C 11 ? 3.35700 1.99992 3.98999 -0.34904 0.58287  -0.68550 109 DG C N2    
562 N N3    . DG C 11 ? 3.22401 2.01125 3.87047 -0.25953 0.61127  -0.76038 109 DG C N3    
563 C C4    . DG C 11 ? 3.23100 2.08257 3.92221 -0.22991 0.64064  -0.77844 109 DG C C4    
564 P P     . DG C 12 ? 3.27716 2.23030 3.52774 -0.15569 0.90466  -0.75330 110 DG C P     
565 O OP1   . DG C 12 ? 3.22399 2.19907 3.40744 -0.13410 0.92456  -0.76481 110 DG C OP1   
566 O OP2   . DG C 12 ? 3.36828 2.32168 3.62526 -0.16725 0.97477  -0.72318 110 DG C OP2   
567 O "O5'" . DG C 12 ? 3.27417 2.14063 3.51784 -0.22149 0.87144  -0.73113 110 DG C "O5'" 
568 C "C5'" . DG C 12 ? 3.24950 2.08480 3.44029 -0.23671 0.84174  -0.73771 110 DG C "C5'" 
569 C "C4'" . DG C 12 ? 3.32689 2.08720 3.52738 -0.28779 0.79770  -0.71368 110 DG C "C4'" 
570 O "O4'" . DG C 12 ? 3.35933 2.12156 3.66476 -0.28143 0.74794  -0.71919 110 DG C "O4'" 
571 C "C3'" . DG C 12 ? 3.42275 2.11756 3.55636 -0.35215 0.86103  -0.66095 110 DG C "C3'" 
572 O "O3'" . DG C 12 ? 3.46014 2.13042 3.50041 -0.37245 0.87860  -0.65817 110 DG C "O3'" 
573 C "C2'" . DG C 12 ? 3.50506 2.14598 3.69246 -0.38536 0.81051  -0.63477 110 DG C "C2'" 
574 C "C1'" . DG C 12 ? 3.46863 2.15780 3.77674 -0.34132 0.75734  -0.67032 110 DG C "C1'" 
575 N N9    . DG C 12 ? 3.50419 2.20635 3.87069 -0.35031 0.79768  -0.65333 110 DG C N9    
576 C C8    . DG C 12 ? 3.46768 2.23805 3.86619 -0.30960 0.82933  -0.67651 110 DG C C8    
577 N N7    . DG C 12 ? 3.52504 2.29444 3.98206 -0.32862 0.85905  -0.65611 110 DG C N7    
578 C C5    . DG C 12 ? 3.60626 2.30138 4.06987 -0.38746 0.85061  -0.61367 110 DG C C5    
579 C C6    . DG C 12 ? 3.70445 2.36786 4.22561 -0.43199 0.87696  -0.57407 110 DG C C6    
580 O O6    . DG C 12 ? 3.73520 2.43251 4.32009 -0.42870 0.91143  -0.57409 110 DG C O6    
581 N N1    . DG C 12 ? 3.78474 2.37217 4.28577 -0.48300 0.86081  -0.52905 110 DG C N1    
582 C C2    . DG C 12 ? 3.77595 2.32398 4.20950 -0.48757 0.81935  -0.52591 110 DG C C2    
583 N N2    . DG C 12 ? 3.91734 2.39410 4.33572 -0.53516 0.80842  -0.47397 110 DG C N2    
584 N N3    . DG C 12 ? 3.67628 2.25557 4.06187 -0.44690 0.79189  -0.56847 110 DG C N3    
585 C C4    . DG C 12 ? 3.59698 2.24925 4.00133 -0.39953 0.81184  -0.60958 110 DG C C4    
586 P P     . DT C 13 ? 3.93922 2.58713 3.88946 -0.41063 0.97351  -0.63184 111 DT C P     
587 O OP1   . DT C 13 ? 3.89979 2.55330 3.78604 -0.40768 0.97651  -0.65498 111 DT C OP1   
588 O OP2   . DT C 13 ? 3.98445 2.66654 3.96346 -0.39448 1.03736  -0.62665 111 DT C OP2   
589 O "O5'" . DT C 13 ? 4.05513 2.63434 3.97191 -0.47009 0.97841  -0.58448 111 DT C "O5'" 
590 C "C5'" . DT C 13 ? 4.12495 2.66186 4.02544 -0.48780 0.91217  -0.57392 111 DT C "C5'" 
591 C "C4'" . DT C 13 ? 4.28654 2.77125 4.20152 -0.52937 0.91006  -0.52141 111 DT C "C4'" 
592 O "O4'" . DT C 13 ? 4.25049 2.75421 4.27655 -0.51252 0.89446  -0.52212 111 DT C "O4'" 
593 C "C3'" . DT C 13 ? 4.39916 2.86183 4.24309 -0.57346 0.99519  -0.48362 111 DT C "C3'" 
594 O "O3'" . DT C 13 ? 4.53981 2.96979 4.27605 -0.60237 0.99974  -0.47067 111 DT C "O3'" 
595 C "C2'" . DT C 13 ? 4.49453 2.92979 4.40435 -0.59823 0.99328  -0.43854 111 DT C "C2'" 
596 C "C1'" . DT C 13 ? 4.39571 2.86458 4.43091 -0.55576 0.93489  -0.47108 111 DT C "C1'" 
597 N N1    . DT C 13 ? 3.92249 2.43440 4.02522 -0.54168 0.98158  -0.47977 111 DT C N1    
598 C C2    . DT C 13 ? 4.02176 2.51481 4.17745 -0.57399 1.00873  -0.44039 111 DT C C2    
599 O O2    . DT C 13 ? 4.13733 2.57816 4.28589 -0.61420 0.99941  -0.39378 111 DT C O2    
600 N N3    . DT C 13 ? 3.99299 2.53313 4.21335 -0.55605 1.04835  -0.45480 111 DT C N3    
601 C C4    . DT C 13 ? 3.88870 2.48995 4.11829 -0.50700 1.06345  -0.49881 111 DT C C4    
602 O O4    . DT C 13 ? 3.90527 2.54789 4.19335 -0.48998 1.09688  -0.50670 111 DT C O4    
603 C C5    . DT C 13 ? 3.79932 2.41503 3.96744 -0.47573 1.03818  -0.53225 111 DT C C5    
604 C C7    . DT C 13 ? 3.72709 2.40789 3.89781 -0.42089 1.05716  -0.57178 111 DT C C7    
605 C C6    . DT C 13 ? 3.80920 2.38114 3.92085 -0.49576 0.99911  -0.52377 111 DT C C6    
606 P P     . DG C 14 ? 4.86109 3.23156 4.55093 -0.64403 0.97854  -0.41224 112 DG C P     
607 O OP1   . DG C 14 ? 4.85577 3.20177 4.63341 -0.63243 0.89750  -0.39702 112 DG C OP1   
608 O OP2   . DG C 14 ? 4.97296 3.33347 4.54782 -0.65728 0.98106  -0.42030 112 DG C OP2   
609 O "O5'" . DG C 14 ? 4.97421 3.33595 4.65422 -0.68049 1.06062  -0.36857 112 DG C "O5'" 
610 C "C5'" . DG C 14 ? 5.18762 3.50706 4.80302 -0.72241 1.07779  -0.30923 112 DG C "C5'" 
611 C "C4'" . DG C 14 ? 5.31436 3.62017 5.00926 -0.74413 1.10274  -0.26079 112 DG C "C4'" 
612 O "O4'" . DG C 14 ? 5.17775 3.52278 4.98724 -0.71620 1.10703  -0.29575 112 DG C "O4'" 
613 C "C3'" . DG C 14 ? 5.46205 3.76496 5.09041 -0.78400 1.19154  -0.22025 112 DG C "C3'" 
614 O "O3'" . DG C 14 ? 5.64840 3.91256 5.29951 -0.81531 1.18700  -0.14983 112 DG C "O3'" 
615 C "C2'" . DG C 14 ? 5.44790 3.79489 5.14673 -0.77205 1.25005  -0.24996 112 DG C "C2'" 
616 C "C1'" . DG C 14 ? 5.26010 3.61944 5.09204 -0.73802 1.18355  -0.27362 112 DG C "C1'" 
617 N N9    . DG C 14 ? 4.59677 3.00877 4.48789 -0.70289 1.20772  -0.32305 112 DG C N9    
618 C C8    . DG C 14 ? 4.43360 2.87741 4.31150 -0.66259 1.19038  -0.37690 112 DG C C8    
619 N N7    . DG C 14 ? 4.34003 2.82977 4.27590 -0.63312 1.22050  -0.40527 112 DG C N7    
620 C C5    . DG C 14 ? 4.44212 2.93259 4.43822 -0.65547 1.25734  -0.37381 112 DG C C5    
621 C C6    . DG C 14 ? 4.41755 2.95178 4.49293 -0.63727 1.29702  -0.38573 112 DG C C6    
622 O O6    . DG C 14 ? 4.30052 2.88090 4.40220 -0.59408 1.30752  -0.42324 112 DG C O6    
623 N N1    . DG C 14 ? 4.56035 3.08383 4.68800 -0.67269 1.32710  -0.34592 112 DG C N1    
624 C C2    . DG C 14 ? 4.71383 3.18859 4.81599 -0.71987 1.32394  -0.29438 112 DG C C2    
625 N N2    . DG C 14 ? 4.84840 3.32389 5.01658 -0.74990 1.36214  -0.25806 112 DG C N2    
626 N N3    . DG C 14 ? 4.74522 3.17662 4.76547 -0.73453 1.28644  -0.27742 112 DG C N3    
627 C C4    . DG C 14 ? 4.60067 3.04361 4.57307 -0.70044 1.25261  -0.32228 112 DG C C4    
628 P P     . DC D 1  ? 3.59016 3.20255 2.17264 -0.21818 1.27275  -0.25020 113 DC D P     
629 O OP1   . DC D 1  ? 3.48525 3.03653 2.12483 -0.22828 1.25680  -0.16177 113 DC D OP1   
630 O OP2   . DC D 1  ? 3.56592 3.17240 2.25195 -0.22202 1.29406  -0.39335 113 DC D OP2   
631 O "O5'" . DC D 1  ? 3.67166 3.30416 2.22964 -0.21440 1.21654  -0.22305 113 DC D "O5'" 
632 C "C5'" . DC D 1  ? 3.76528 3.51517 2.26428 -0.17693 1.14782  -0.21047 113 DC D "C5'" 
633 C "C4'" . DC D 1  ? 3.80936 3.59970 2.35513 -0.16026 1.04037  -0.13402 113 DC D "C4'" 
634 O "O4'" . DC D 1  ? 3.77246 3.49488 2.32436 -0.17819 1.03181  -0.00696 113 DC D "O4'" 
635 C "C3'" . DC D 1  ? 3.80530 3.58487 2.48749 -0.16668 0.98878  -0.23103 113 DC D "C3'" 
636 O "O3'" . DC D 1  ? 3.91392 3.80690 2.59270 -0.12952 0.90096  -0.22930 113 DC D "O3'" 
637 C "C2'" . DC D 1  ? 3.79171 3.47429 2.54402 -0.18891 0.96904  -0.16175 113 DC D "C2'" 
638 C "C1'" . DC D 1  ? 3.81067 3.50337 2.47115 -0.18327 0.95897  -0.00443 113 DC D "C1'" 
639 N N1    . DC D 1  ? 3.77949 3.35411 2.47374 -0.21125 0.97195  0.06358  113 DC D N1    
640 C C2    . DC D 1  ? 3.81688 3.38651 2.51412 -0.20834 0.90380  0.20427  113 DC D C2    
641 O O2    . DC D 1  ? 3.87215 3.54271 2.54734 -0.18016 0.84033  0.27950  113 DC D O2    
642 N N3    . DC D 1  ? 3.80473 3.25867 2.53543 -0.23251 0.90761  0.25484  113 DC D N3    
643 C C4    . DC D 1  ? 3.75932 3.11319 2.51048 -0.25144 0.97957  0.17351  113 DC D C4    
644 N N4    . DC D 1  ? 3.76735 3.00959 2.54350 -0.26620 0.97536  0.22327  113 DC D N4    
645 C C5    . DC D 1  ? 3.71499 3.07996 2.46867 -0.25169 1.05755  0.03826  113 DC D C5    
646 C C6    . DC D 1  ? 3.72515 3.19782 2.45488 -0.23501 1.04820  -0.01280 113 DC D C6    
647 P P     . DG D 2  ? 3.69708 3.68728 2.33936 -0.09949 0.89382  -0.34344 114 DG D P     
648 O OP1   . DG D 2  ? 3.73250 3.74933 2.23152 -0.08052 0.94852  -0.30764 114 DG D OP1   
649 O OP2   . DG D 2  ? 3.66729 3.61206 2.43532 -0.12693 0.91396  -0.49113 114 DG D OP2   
650 O "O5'" . DG D 2  ? 3.79211 3.90504 2.42707 -0.05093 0.78743  -0.30013 114 DG D "O5'" 
651 C "C5'" . DG D 2  ? 3.81031 3.92022 2.55943 -0.05817 0.72266  -0.30361 114 DG D "C5'" 
652 C "C4'" . DG D 2  ? 3.85049 4.02161 2.57194 -0.02675 0.65504  -0.15618 114 DG D "C4'" 
653 O "O4'" . DG D 2  ? 3.75702 3.82498 2.49998 -0.06018 0.67467  -0.05145 114 DG D "O4'" 
654 C "C3'" . DG D 2  ? 3.92853 4.15432 2.73992 -0.01093 0.57172  -0.16975 114 DG D "C3'" 
655 O "O3'" . DG D 2  ? 3.99458 4.30967 2.76478 0.03241  0.51491  -0.03456 114 DG D "O3'" 
656 C "C2'" . DG D 2  ? 3.84683 3.93851 2.76536 -0.06045 0.58471  -0.17568 114 DG D "C2'" 
657 C "C1'" . DG D 2  ? 3.75146 3.75905 2.61243 -0.08166 0.63395  -0.06867 114 DG D "C1'" 
658 N N9    . DG D 2  ? 3.67002 3.53644 2.57827 -0.12648 0.69930  -0.11831 114 DG D N9    
659 C C8    . DG D 2  ? 3.63232 3.45182 2.58603 -0.14654 0.75926  -0.25207 114 DG D C8    
660 N N7    . DG D 2  ? 3.59596 3.29255 2.58391 -0.17520 0.81586  -0.25806 114 DG D N7    
661 C C5    . DG D 2  ? 3.60759 3.26149 2.56663 -0.17774 0.78512  -0.12604 114 DG D C5    
662 C C6    . DG D 2  ? 3.59517 3.12287 2.56652 -0.19898 0.81258  -0.07534 114 DG D C6    
663 O O6    . DG D 2  ? 3.56980 3.00032 2.57430 -0.21410 0.87729  -0.13676 114 DG D O6    
664 N N1    . DG D 2  ? 3.62524 3.14857 2.57216 -0.19614 0.75431  0.06343  114 DG D N1    
665 C C2    . DG D 2  ? 3.66072 3.29463 2.58068 -0.17212 0.68681  0.15013  114 DG D C2    
666 N N2    . DG D 2  ? 3.69250 3.30642 2.61325 -0.17291 0.63801  0.28849  114 DG D N2    
667 N N3    . DG D 2  ? 3.67846 3.43673 2.57815 -0.14443 0.66652  0.10617  114 DG D N3    
668 C C4    . DG D 2  ? 3.64799 3.40557 2.56558 -0.15061 0.71465  -0.03608 114 DG D C4    
669 P P     . DG D 3  ? 3.81543 4.23699 2.64579 0.07082  0.42567  -0.02881 115 DG D P     
670 O OP1   . DG D 3  ? 3.92815 4.49383 2.66745 0.14229  0.39128  0.06645  115 DG D OP1   
671 O OP2   . DG D 3  ? 3.85409 4.27654 2.75781 0.05663  0.41589  -0.18911 115 DG D OP2   
672 O "O5'" . DG D 3  ? 3.74130 4.07703 2.66188 0.04003  0.39676  0.06690  115 DG D "O5'" 
673 C "C5'" . DG D 3  ? 3.78885 4.11845 2.68433 0.04813  0.38577  0.23146  115 DG D "C5'" 
674 C "C4'" . DG D 3  ? 3.77911 4.01235 2.77646 0.01644  0.34830  0.28582  115 DG D "C4'" 
675 O "O4'" . DG D 3  ? 3.67824 3.75249 2.70037 -0.03805 0.40071  0.22756  115 DG D "O4'" 
676 C "C3'" . DG D 3  ? 3.87009 4.14263 2.95159 0.02784  0.29077  0.22498  115 DG D "C3'" 
677 O "O3'" . DG D 3  ? 3.96464 4.30681 3.08621 0.05983  0.22224  0.35073  115 DG D "O3'" 
678 C "C2'" . DG D 3  ? 3.80997 3.93065 2.96674 -0.02167 0.31161  0.13832  115 DG D "C2'" 
679 C "C1'" . DG D 3  ? 3.71116 3.71043 2.82773 -0.05774 0.37626  0.16025  115 DG D "C1'" 
680 N N9    . DG D 3  ? 3.64986 3.56728 2.77980 -0.08685 0.44186  0.02756  115 DG D N9    
681 C C8    . DG D 3  ? 3.64190 3.61389 2.78237 -0.08195 0.46445  -0.10364 115 DG D C8    
682 N N7    . DG D 3  ? 3.58788 3.46498 2.75855 -0.11088 0.52924  -0.19463 115 DG D N7    
683 C C5    . DG D 3  ? 3.56031 3.31379 2.72749 -0.13208 0.55131  -0.12238 115 DG D C5    
684 C C6    . DG D 3  ? 3.51964 3.14183 2.70815 -0.15730 0.61966  -0.16548 115 DG D C6    
685 O O6    . DG D 3  ? 3.48995 3.08065 2.71487 -0.16702 0.68122  -0.27316 115 DG D O6    
686 N N1    . DG D 3  ? 3.52365 3.04857 2.69558 -0.16732 0.61095  -0.06643 115 DG D N1    
687 C C2    . DG D 3  ? 3.62306 3.17232 2.77549 -0.15952 0.54345  0.06167  115 DG D C2    
688 N N2    . DG D 3  ? 3.69711 3.13512 2.84833 -0.17371 0.53731  0.14002  115 DG D N2    
689 N N3    . DG D 3  ? 3.64721 3.32295 2.79002 -0.13549 0.48477  0.11093  115 DG D N3    
690 C C4    . DG D 3  ? 3.59834 3.37188 2.74228 -0.12056 0.49369  0.01186  115 DG D C4    
691 P P     . DA D 4  ? 3.61224 3.88189 2.76817 0.04543  0.19873  0.51546  116 DA D P     
692 O OP1   . DA D 4  ? 3.61060 3.94020 2.68959 0.06824  0.22417  0.62493  116 DA D OP1   
693 O OP2   . DA D 4  ? 3.74246 4.05578 2.98171 0.06675  0.12722  0.57612  116 DA D OP2   
694 O "O5'" . DA D 4  ? 3.58324 3.65542 2.77305 -0.01623 0.23089  0.46243  116 DA D "O5'" 
695 C "C5'" . DA D 4  ? 3.55785 3.52503 2.75661 -0.04279 0.23138  0.56861  116 DA D "C5'" 
696 C "C4'" . DA D 4  ? 3.69557 3.50027 2.96639 -0.07611 0.21009  0.53637  116 DA D "C4'" 
697 O "O4'" . DA D 4  ? 3.69144 3.41231 2.94778 -0.09855 0.27063  0.39224  116 DA D "O4'" 
698 C "C3'" . DA D 4  ? 3.86335 3.68386 3.21438 -0.05892 0.13912  0.54202  116 DA D "C3'" 
699 O "O3'" . DA D 4  ? 3.92453 3.63931 3.33433 -0.07234 0.08615  0.64198  116 DA D "O3'" 
700 C "C2'" . DA D 4  ? 3.96550 3.72853 3.33514 -0.06850 0.16528  0.38692  116 DA D "C2'" 
701 C "C1'" . DA D 4  ? 3.86442 3.52326 3.18921 -0.09838 0.24144  0.32254  116 DA D "C1'" 
702 N N9    . DA D 4  ? 3.83064 3.50216 3.15047 -0.10133 0.29691  0.17735  116 DA D N9    
703 C C8    . DA D 4  ? 3.79786 3.59869 3.11726 -0.08198 0.29557  0.10546  116 DA D C8    
704 N N7    . DA D 4  ? 3.73850 3.51702 3.07053 -0.09321 0.34936  -0.02067 116 DA D N7    
705 C C5    . DA D 4  ? 3.73879 3.36793 3.07504 -0.11680 0.39581  -0.02904 116 DA D C5    
706 C C6    . DA D 4  ? 3.67309 3.21627 3.03109 -0.13132 0.46850  -0.12962 116 DA D C6    
707 N N6    . DA D 4  ? 3.57420 3.16860 2.96707 -0.13083 0.50487  -0.24421 116 DA D N6    
708 N N1    . DA D 4  ? 3.69292 3.09778 3.04376 -0.14275 0.50115  -0.10580 116 DA D N1    
709 C C2    . DA D 4  ? 3.78261 3.13300 3.10987 -0.14527 0.45603  0.00648  116 DA D C2    
710 N N3    . DA D 4  ? 3.83570 3.25298 3.15439 -0.13810 0.38484  0.11072  116 DA D N3    
711 C C4    . DA D 4  ? 3.80708 3.36757 3.12949 -0.12158 0.36167  0.08849  116 DA D C4    
712 P P     . DC D 5  ? 3.69162 3.37140 3.18704 -0.06050 0.01134  0.65788  117 DC D P     
713 O OP1   . DC D 5  ? 3.67233 3.30040 3.22304 -0.06610 -0.04853 0.80346  117 DC D OP1   
714 O OP2   . DC D 5  ? 3.74981 3.58371 3.25295 -0.02625 -0.00153 0.61894  117 DC D OP2   
715 O "O5'" . DC D 5  ? 3.81553 3.32499 3.31762 -0.08075 0.03217  0.54115  117 DC D "O5'" 
716 C "C5'" . DC D 5  ? 3.76767 3.14387 3.23607 -0.10726 0.07450  0.52157  117 DC D "C5'" 
717 C "C4'" . DC D 5  ? 3.89853 3.13503 3.37832 -0.10735 0.09350  0.41246  117 DC D "C4'" 
718 O "O4'" . DC D 5  ? 3.87852 3.16275 3.33110 -0.10666 0.16872  0.28796  117 DC D "O4'" 
719 C "C3'" . DC D 5  ? 4.08581 3.28430 3.62388 -0.08507 0.02967  0.40518  117 DC D "C3'" 
720 O "O3'" . DC D 5  ? 4.16762 3.18468 3.71259 -0.08129 0.01716  0.38199  117 DC D "O3'" 
721 C "C2'" . DC D 5  ? 4.16144 3.45090 3.70237 -0.07160 0.06915  0.29316  117 DC D "C2'" 
722 C "C1'" . DC D 5  ? 4.04561 3.29867 3.54252 -0.08803 0.15669  0.21066  117 DC D "C1'" 
723 N N1    . DC D 5  ? 4.00742 3.36511 3.50479 -0.08512 0.20965  0.10380  117 DC D N1    
724 C C2    . DC D 5  ? 3.96909 3.26194 3.46600 -0.09065 0.28544  0.00178  117 DC D C2    
725 O O2    . DC D 5  ? 3.97619 3.13142 3.46161 -0.09242 0.31058  0.00288  117 DC D O2    
726 N N3    . DC D 5  ? 3.89078 3.27535 3.40633 -0.09060 0.32763  -0.09442 117 DC D N3    
727 C C4    . DC D 5  ? 3.88123 3.41374 3.40396 -0.08297 0.29246  -0.09692 117 DC D C4    
728 N N4    . DC D 5  ? 3.79279 3.40665 3.33994 -0.08346 0.32686  -0.19863 117 DC D N4    
729 C C5    . DC D 5  ? 3.93439 3.54047 3.44685 -0.07059 0.21923  0.00582  117 DC D C5    
730 C C6    . DC D 5  ? 3.98257 3.49842 3.48840 -0.07332 0.18229  0.10636  117 DC D C6    
731 P P     . DA D 6  ? 3.87138 2.78803 3.46639 -0.06148 -0.07462 0.43567  118 DA D P     
732 O OP1   . DA D 6  ? 3.80419 2.69634 3.42438 -0.07808 -0.13612 0.56415  118 DA D OP1   
733 O OP2   . DA D 6  ? 3.96519 2.97770 3.59277 -0.03944 -0.09424 0.40793  118 DA D OP2   
734 O "O5'" . DA D 6  ? 3.96830 2.69597 3.54147 -0.04278 -0.05600 0.35806  118 DA D "O5'" 
735 C "C5'" . DA D 6  ? 3.88865 2.56053 3.41537 -0.05315 0.01830  0.30506  118 DA D "C5'" 
736 C "C4'" . DA D 6  ? 4.00490 2.64005 3.52372 -0.02513 0.08527  0.18473  118 DA D "C4'" 
737 O "O4'" . DA D 6  ? 3.98189 2.77381 3.51080 -0.03678 0.14019  0.12920  118 DA D "O4'" 
738 C "C3'" . DA D 6  ? 4.21232 2.76065 3.75703 0.01893  0.03854  0.16114  118 DA D "C3'" 
739 O "O3'" . DA D 6  ? 4.25509 2.66018 3.77618 0.05620  0.07450  0.09930  118 DA D "O3'" 
740 C "C2'" . DA D 6  ? 4.31793 3.00500 3.89746 0.02349  0.06156  0.11093  118 DA D "C2'" 
741 C "C1'" . DA D 6  ? 4.17028 2.96553 3.73549 -0.00640 0.14494  0.06127  118 DA D "C1'" 
742 N N9    . DA D 6  ? 4.16482 3.13390 3.75590 -0.01862 0.14756  0.04370  118 DA D N9    
743 C C8    . DA D 6  ? 4.17804 3.25650 3.78291 -0.02441 0.08516  0.11355  118 DA D C8    
744 N N7    . DA D 6  ? 4.16085 3.39134 3.78222 -0.02689 0.10132  0.07150  118 DA D N7    
745 C C5    . DA D 6  ? 4.12749 3.34212 3.75554 -0.02838 0.17654  -0.03301 118 DA D C5    
746 C C6    . DA D 6  ? 4.06179 3.38787 3.71760 -0.03270 0.22027  -0.12248 118 DA D C6    
747 N N6    . DA D 6  ? 4.05347 3.53589 3.72222 -0.03261 0.19010  -0.12587 118 DA D N6    
748 N N1    . DA D 6  ? 3.95283 3.22419 3.62943 -0.03302 0.29452  -0.20885 118 DA D N1    
749 C C2    . DA D 6  ? 3.92354 3.04564 3.58290 -0.02337 0.32678  -0.20485 118 DA D C2    
750 N N3    . DA D 6  ? 4.01874 3.02502 3.64056 -0.01510 0.28809  -0.13158 118 DA D N3    
751 C C4    . DA D 6  ? 4.11421 3.17200 3.72572 -0.02165 0.21040  -0.04748 118 DA D C4    
752 P P     . DG D 7  ? 4.28378 2.55272 3.80902 0.11648  0.02119  0.08679  119 DG D P     
753 O OP1   . DG D 7  ? 4.20234 2.29634 3.68333 0.15130  0.02044  0.07407  119 DG D OP1   
754 O OP2   . DG D 7  ? 4.37722 2.68089 3.93247 0.10872  -0.07170 0.16128  119 DG D OP2   
755 O "O5'" . DG D 7  ? 4.34484 2.67099 3.89766 0.14711  0.09141  -0.00145 119 DG D "O5'" 
756 C "C5'" . DG D 7  ? 4.19764 2.49724 3.74413 0.16574  0.18640  -0.07602 119 DG D "C5'" 
757 C "C4'" . DG D 7  ? 4.22121 2.64917 3.82384 0.16149  0.25217  -0.14199 119 DG D "C4'" 
758 O "O4'" . DG D 7  ? 4.33865 2.92889 3.95836 0.10359  0.24407  -0.12508 119 DG D "O4'" 
759 C "C3'" . DG D 7  ? 4.33424 2.76597 3.97760 0.20367  0.22598  -0.15573 119 DG D "C3'" 
760 O "O3'" . DG D 7  ? 4.21053 2.50827 3.84665 0.27592  0.25822  -0.18905 119 DG D "O3'" 
761 C "C2'" . DG D 7  ? 4.40351 3.00392 4.11060 0.17110  0.27679  -0.20784 119 DG D "C2'" 
762 C "C1'" . DG D 7  ? 4.40578 3.10272 4.08586 0.10745  0.27718  -0.18418 119 DG D "C1'" 
763 N N9    . DG D 7  ? 4.22505 3.06409 3.92160 0.07675  0.22363  -0.15125 119 DG D N9    
764 C C8    . DG D 7  ? 4.24847 3.10485 3.92278 0.06501  0.14173  -0.06507 119 DG D C8    
765 N N7    . DG D 7  ? 4.25237 3.26230 3.95076 0.04711  0.11625  -0.05400 119 DG D N7    
766 C C5    . DG D 7  ? 4.22938 3.32136 3.96682 0.04344  0.17835  -0.14420 119 DG D C5    
767 C C6    . DG D 7  ? 4.20039 3.45883 3.97547 0.02991  0.17841  -0.18307 119 DG D C6    
768 O O6    . DG D 7  ? 4.19932 3.57710 3.97251 0.02369  0.12713  -0.14292 119 DG D O6    
769 N N1    . DG D 7  ? 4.10490 3.38838 3.92939 0.02831  0.24615  -0.27883 119 DG D N1    
770 C C2    . DG D 7  ? 3.98709 3.15680 3.82629 0.04227  0.31317  -0.32326 119 DG D C2    
771 N N2    . DG D 7  ? 3.76663 2.98452 3.67496 0.03938  0.37460  -0.40830 119 DG D N2    
772 N N3    . DG D 7  ? 4.01458 3.03575 3.81002 0.06192  0.31845  -0.28674 119 DG D N3    
773 C C4    . DG D 7  ? 4.19073 3.17804 3.93477 0.05967  0.24559  -0.20092 119 DG D C4    
774 P P     . DT D 8  ? 4.09614 2.42585 3.80147 0.32369  0.32316  -0.24901 120 DT D P     
775 O OP1   . DT D 8  ? 3.86147 2.27797 3.61747 0.29520  0.42100  -0.31071 120 DT D OP1   
776 O OP2   . DT D 8  ? 4.01800 2.18584 3.68766 0.41240  0.31302  -0.24223 120 DT D OP2   
777 O "O5'" . DT D 8  ? 4.36565 2.80803 4.11538 0.30579  0.26732  -0.22890 120 DT D "O5'" 
778 C "C5'" . DT D 8  ? 4.35882 2.84650 4.17961 0.34158  0.29922  -0.26264 120 DT D "C5'" 
779 C "C4'" . DT D 8  ? 4.17970 2.78257 4.08377 0.31161  0.38540  -0.33126 120 DT D "C4'" 
780 O "O4'" . DT D 8  ? 4.23278 2.94010 4.12212 0.23611  0.38120  -0.33721 120 DT D "O4'" 
781 C "C3'" . DT D 8  ? 4.25323 2.96410 4.25650 0.31798  0.39688  -0.35969 120 DT D "C3'" 
782 O "O3'" . DT D 8  ? 3.98426 2.63689 4.04985 0.38176  0.46817  -0.38833 120 DT D "O3'" 
783 C "C2'" . DT D 8  ? 4.28777 3.15913 4.34302 0.24547  0.41823  -0.40708 120 DT D "C2'" 
784 C "C1'" . DT D 8  ? 4.31522 3.18196 4.27795 0.19930  0.38670  -0.37496 120 DT D "C1'" 
785 N N1    . DT D 8  ? 4.27973 3.23437 4.20734 0.16508  0.30120  -0.32460 120 DT D N1    
786 C C2    . DT D 8  ? 4.37167 3.49034 4.34898 0.13177  0.28698  -0.35286 120 DT D C2    
787 O O2    . DT D 8  ? 4.19988 3.39334 4.25573 0.12349  0.33335  -0.42105 120 DT D O2    
788 N N3    . DT D 8  ? 4.60918 3.80286 4.54716 0.11275  0.21296  -0.29624 120 DT D N3    
789 C C4    . DT D 8  ? 4.66758 3.79006 4.53791 0.11813  0.15399  -0.21278 120 DT D C4    
790 O O4    . DT D 8  ? 4.71409 3.92041 4.56776 0.10400  0.09456  -0.15901 120 DT D O4    
791 C C5    . DT D 8  ? 4.59644 3.54090 4.42386 0.14619  0.16544  -0.19197 120 DT D C5    
792 C C7    . DT D 8  ? 4.64199 3.48981 4.40883 0.15212  0.09555  -0.10661 120 DT D C7    
793 C C6    . DT D 8  ? 4.42565 3.29713 4.27635 0.17049  0.23760  -0.24989 120 DT D C6    
794 P P     . DG D 9  ? 3.75309 2.37570 3.85977 0.45272  0.45295  -0.36276 121 DG D P     
795 O OP1   . DG D 9  ? 3.67668 2.18152 3.79545 0.53946  0.52162  -0.36762 121 DG D OP1   
796 O OP2   . DG D 9  ? 4.07331 2.66752 4.10113 0.45364  0.35583  -0.30307 121 DG D OP2   
797 O "O5'" . DG D 9  ? 3.79331 2.58365 4.03483 0.41508  0.47668  -0.40516 121 DG D "O5'" 
798 C "C5'" . DG D 9  ? 3.67332 2.56134 3.98836 0.35920  0.53159  -0.46880 121 DG D "C5'" 
799 C "C4'" . DG D 9  ? 3.87583 2.93199 4.26508 0.30141  0.49559  -0.49833 121 DG D "C4'" 
800 O "O4'" . DG D 9  ? 4.13736 3.24943 4.43455 0.24758  0.42569  -0.47874 121 DG D "O4'" 
801 C "C3'" . DG D 9  ? 4.08687 3.18312 4.53709 0.33440  0.46113  -0.47239 121 DG D "C3'" 
802 O "O3'" . DG D 9  ? 4.08456 3.32314 4.66562 0.29840  0.47302  -0.52582 121 DG D "O3'" 
803 C "C2'" . DG D 9  ? 4.45269 3.56176 4.79715 0.31748  0.36916  -0.41916 121 DG D "C2'" 
804 C "C1'" . DG D 9  ? 4.48583 3.66933 4.78590 0.24775  0.35526  -0.44635 121 DG D "C1'" 
805 N N9    . DG D 9  ? 4.30619 3.46260 4.49028 0.23405  0.28696  -0.38624 121 DG D N9    
806 C C8    . DG D 9  ? 4.27370 3.28238 4.36405 0.26251  0.27033  -0.33414 121 DG D C8    
807 N N7    . DG D 9  ? 4.42953 3.45119 4.44808 0.23862  0.20349  -0.28117 121 DG D N7    
808 C C5    . DG D 9  ? 4.57342 3.76685 4.63150 0.19821  0.17841  -0.29774 121 DG D C5    
809 C C6    . DG D 9  ? 4.69456 3.98466 4.71319 0.16919  0.11459  -0.25272 121 DG D C6    
810 O O6    . DG D 9  ? 4.67485 3.91451 4.62663 0.16792  0.06673  -0.18295 121 DG D O6    
811 N N1    . DG D 9  ? 4.75990 4.22359 4.83305 0.14424  0.10751  -0.29387 121 DG D N1    
812 C C2    . DG D 9  ? 4.75808 4.28740 4.92255 0.14044  0.15013  -0.37167 121 DG D C2    
813 N N2    . DG D 9  ? 4.80111 4.49758 5.00717 0.11724  0.12551  -0.40809 121 DG D N2    
814 N N3    . DG D 9  ? 4.63423 4.07386 4.85255 0.16251  0.21131  -0.40900 121 DG D N3    
815 C C4    . DG D 9  ? 4.52468 3.80022 4.68068 0.19393  0.22503  -0.36719 121 DG D C4    
816 P P     . DC D 10 ? 3.49104 2.77556 4.19385 0.33783  0.47381  -0.51255 122 DC D P     
817 O OP1   . DC D 10 ? 3.28364 2.58553 4.13911 0.34814  0.55600  -0.55926 122 DC D OP1   
818 O OP2   . DC D 10 ? 3.64500 2.81574 4.26396 0.40708  0.44755  -0.43514 122 DC D OP2   
819 O "O5'" . DC D 10 ? 3.79981 3.25307 4.53316 0.27939  0.40222  -0.53601 122 DC D "O5'" 
820 C "C5'" . DC D 10 ? 4.03100 3.53687 4.65351 0.23164  0.34261  -0.53431 122 DC D "C5'" 
821 C "C4'" . DC D 10 ? 4.44007 4.04839 5.04826 0.22557  0.26605  -0.50351 122 DC D "C4'" 
822 O "O4'" . DC D 10 ? 4.60265 4.18894 5.07166 0.21592  0.21227  -0.45157 122 DC D "O4'" 
823 C "C3'" . DC D 10 ? 4.58047 4.15137 5.22590 0.28179  0.25950  -0.45023 122 DC D "C3'" 
824 O "O3'" . DC D 10 ? 4.84607 4.56731 5.56720 0.26441  0.21700  -0.46270 122 DC D "O3'" 
825 C "C2'" . DC D 10 ? 4.69549 4.15447 5.19625 0.31327  0.21967  -0.37174 122 DC D "C2'" 
826 C "C1'" . DC D 10 ? 4.78577 4.32022 5.20873 0.25820  0.17292  -0.37813 122 DC D "C1'" 
827 N N1    . DC D 10 ? 4.74519 4.15735 5.04041 0.26941  0.14840  -0.31916 122 DC D N1    
828 C C2    . DC D 10 ? 4.80668 4.28386 5.03042 0.23821  0.08996  -0.28458 122 DC D C2    
829 O O2    . DC D 10 ? 4.87068 4.50857 5.12612 0.20847  0.06204  -0.30603 122 DC D O2    
830 N N3    . DC D 10 ? 4.73469 4.09946 4.86244 0.24612  0.06355  -0.22593 122 DC D N3    
831 C C4    . DC D 10 ? 4.65829 3.84928 4.74953 0.28463  0.08893  -0.21077 122 DC D C4    
832 N N4    . DC D 10 ? 4.59855 3.68052 4.60254 0.28961  0.05267  -0.15639 122 DC D N4    
833 C C5    . DC D 10 ? 4.59328 3.71779 4.74241 0.32506  0.15116  -0.24790 122 DC D C5    
834 C C6    . DC D 10 ? 4.60938 3.84973 4.86499 0.31518  0.18122  -0.29679 122 DC D C6    
835 P P     . DA D 11 ? 3.96616 3.71197 4.82791 0.30181  0.24149  -0.45408 123 DA D P     
836 O OP1   . DA D 11 ? 3.69306 3.49031 4.70694 0.27670  0.29116  -0.52872 123 DA D OP1   
837 O OP2   . DA D 11 ? 3.96291 3.55808 4.76500 0.37545  0.26183  -0.37580 123 DA D OP2   
838 O "O5'" . DA D 11 ? 4.31538 4.21375 5.19523 0.28410  0.17173  -0.44387 123 DA D "O5'" 
839 C "C5'" . DA D 11 ? 4.40091 4.45585 5.30110 0.22740  0.12838  -0.50719 123 DA D "C5'" 
840 C "C4'" . DA D 11 ? 4.56591 4.70088 5.36889 0.22679  0.05911  -0.46160 123 DA D "C4'" 
841 O "O4'" . DA D 11 ? 4.49860 4.52084 5.15425 0.24022  0.05124  -0.40224 123 DA D "O4'" 
842 C "C3'" . DA D 11 ? 4.77271 4.93766 5.60707 0.26388  0.03823  -0.40283 123 DA D "C3'" 
843 O "O3'" . DA D 11 ? 4.84985 5.18150 5.67783 0.24448  -0.02268 -0.41023 123 DA D "O3'" 
844 C "C2'" . DA D 11 ? 4.76339 4.77006 5.47272 0.31087  0.04196  -0.31290 123 DA D "C2'" 
845 C "C1'" . DA D 11 ? 4.61753 4.59209 5.21480 0.28222  0.02524  -0.31805 123 DA D "C1'" 
846 N N9    . DA D 11 ? 4.50554 4.29240 5.00576 0.31519  0.04365  -0.26554 123 DA D N9    
847 C C8    . DA D 11 ? 4.39966 4.03871 4.91554 0.35928  0.09573  -0.25507 123 DA D C8    
848 N N7    . DA D 11 ? 4.28616 3.77108 4.69406 0.38720  0.09322  -0.21093 123 DA D N7    
849 C C5    . DA D 11 ? 4.32034 3.85514 4.64802 0.35398  0.03637  -0.18541 123 DA D C5    
850 C C6    . DA D 11 ? 4.23334 3.66629 4.44974 0.35812  0.00197  -0.13336 123 DA D C6    
851 N N6    . DA D 11 ? 4.11783 3.36556 4.27187 0.39909  0.01539  -0.10664 123 DA D N6    
852 N N1    . DA D 11 ? 4.25219 3.78349 4.43008 0.32350  -0.04916 -0.10743 123 DA D N1    
853 C C2    . DA D 11 ? 4.33581 4.05514 4.56847 0.29325  -0.06421 -0.13764 123 DA D C2    
854 N N3    . DA D 11 ? 4.42941 4.25563 4.75917 0.28549  -0.04167 -0.19602 123 DA D N3    
855 C C4    . DA D 11 ? 4.43590 4.15938 4.81581 0.31371  0.00887  -0.21555 123 DA D C4    
# 
